data_4M2S
#
_entry.id   4M2S
#
_cell.length_a   96.629
_cell.length_b   115.090
_cell.length_c   374.204
_cell.angle_alpha   90.00
_cell.angle_beta   90.00
_cell.angle_gamma   90.00
#
_symmetry.space_group_name_H-M   'P 21 21 21'
#
loop_
_entity.id
_entity.type
_entity.pdbx_description
1 polymer 'Multidrug resistance protein 1A'
2 non-polymer (4R,11R,18R)-4,11,18-tri(propan-2-yl)-6,13,20-triselena-3,10,17,22,23,24-hexaazatetracyclo[17.2.1.1~5,8~.1~12,15~]tetracosa-1(21),5(24),7,12(23),14,19(22)-hexaene-2,9,16-trione
#
_entity_poly.entity_id   1
_entity_poly.type   'polypeptide(L)'
_entity_poly.pdbx_seq_one_letter_code
;MELEEDLKGRADKNFSKMGKKSKKEKKEKKPAVSVLTMFRYAGWLDRLYMLVGTLAAIIHGVALPLMMLIFGDMTDSFAS
VGQVSKQSTQMSEADKRAMFAKLEEEMTTYAYYYTGIGAGVLIVAYIQVSFWCLAAGRQIHKIRQKFFHAIMNQEIGWFD
VHDVGELNTRLTDDVSKINEGIGDKIGMFFQAMATFFGGFIIGFTRGWKLTLVILAISPVLGLSAGIWAKILSSFTDKEL
HAYAKAGAVAEEVLAAIRTVIAFGGQKKELERYNNNLEEAKRLGIKKAITANISMGAAFLLIYASYALAFWYGTSLVISK
EYSIGQVLTVFFSVLIGAFSVGQASPNIEAFANARGAAYEVFKIIDNKPSIDSFSKSGHKPDNIQGNLEFKNIHFSYPSR
KEVQILKGLNLKVKSGQTVALVGNSGCGKSTTVQLMQRLYDPLDGMVSIDGQDIRTINVRYLREIIGVVSQEPVLFATTI
AENIRYGREDVTMDEIEKAVKEANAYDFIMKLPHQFDTLVGERGAQLSGGQKQRIAIARALVRNPKILLLDEATSALDTE
SEAVVQAALDKAREGRTTIVIAHRLSTVRNADVIAGFDGGVIVEQGNHDELMREKGIYFKLVMTQTAGNEIELGNEACKS
KDEIDNLDMSSKDSGSSLIRRRSTRKSICGPHDQDRKLSTKEALDEDVPPASFWRILKLNSTEWPYFVVGIFCAIINGGL
QPAFSVIFSKVVGVFTNGGPPETQRQNSNLFSLLFLILGIISFITFFLQGFTFGKAGEILTKRLRYMVFKSMLRQDVSWF
DDPKNTTGALTTRLANDAAQVKGATGSRLAVIFQNIANLGTGIIISLIYGWQLTLLLLAIVPIIAIAGVVEMKMLSGQAL
KDKKELEGSGKIATEAIENFRTVVSLTREQKFETMYAQSLQIPYRNAMKKAHVFGITFSFTQAMMYFSYAACFRFGAYLV
TQQLMTFENVLLVFSAIVFGAMAVGQVSSFAPDYAKATVSASHIIRIIEKTPEIDSYSTQGLKPNMLEGNVQFSGVVFNY
PTRPSIPVLQGLSLEVKKGQTLALVGSSGCGKSTVVQLLERFYDPMAGSVFLDGKEIKQLNVQWLRAQLGIVSQEPILFD
CSIAENIAYGDNSRVVSYEEIVRAAKEANIHQFIDSLPDKYNTRVGDKGTQLSGGQKQRIAIARALVRQPHILLLDEATS
ALDTESEKVVQEALDKAREGRTCIVIAHRLSTIQNADLIVVIQNGKVKEHGTHQQLLAQKGIYFSMVSVQAGAKRSHHHH
HH
;
_entity_poly.pdbx_strand_id   A,B
#
loop_
_chem_comp.id
_chem_comp.type
_chem_comp.name
_chem_comp.formula
0JZ non-polymer (4R,11R,18R)-4,11,18-tri(propan-2-yl)-6,13,20-triselena-3,10,17,22,23,24-hexaazatetracyclo[17.2.1.1~5,8~.1~12,15~]tetracosa-1(21),5(24),7,12(23),14,19(22)-hexaene-2,9,16-trione 'C24 H30 N6 O3 Se3'
#
# COMPACT_ATOMS: atom_id res chain seq x y z
N LYS A 30 18.92 -0.44 40.49
CA LYS A 30 17.93 -0.20 39.44
C LYS A 30 16.98 0.93 39.82
N PRO A 31 16.94 1.99 39.00
CA PRO A 31 16.15 3.20 39.24
C PRO A 31 14.67 3.04 38.86
N ALA A 32 13.84 4.00 39.26
CA ALA A 32 12.41 3.97 38.93
C ALA A 32 11.76 5.35 39.16
N VAL A 33 10.74 5.67 38.36
CA VAL A 33 10.01 6.92 38.53
C VAL A 33 8.94 6.72 39.59
N SER A 34 8.56 7.81 40.25
CA SER A 34 7.40 7.81 41.13
C SER A 34 6.16 7.46 40.32
N VAL A 35 5.24 6.72 40.94
CA VAL A 35 4.06 6.22 40.26
C VAL A 35 3.17 7.33 39.72
N LEU A 36 3.08 8.43 40.46
CA LEU A 36 2.25 9.54 40.04
C LEU A 36 2.77 10.18 38.76
N THR A 37 4.09 10.34 38.68
CA THR A 37 4.75 10.96 37.54
C THR A 37 4.56 10.14 36.26
N MET A 38 4.38 8.83 36.43
CA MET A 38 4.31 7.92 35.29
C MET A 38 3.05 8.05 34.46
N PHE A 39 1.96 8.46 35.08
CA PHE A 39 0.71 8.64 34.36
C PHE A 39 0.47 10.11 34.02
N ARG A 40 1.56 10.85 33.88
CA ARG A 40 1.51 12.28 33.60
C ARG A 40 0.80 12.57 32.28
N TYR A 41 0.90 11.65 31.33
CA TYR A 41 0.35 11.86 30.01
C TYR A 41 -1.06 11.29 29.87
N ALA A 42 -1.66 10.93 30.99
CA ALA A 42 -3.06 10.58 31.02
C ALA A 42 -3.84 11.88 31.14
N GLY A 43 -5.08 11.89 30.67
CA GLY A 43 -5.93 13.07 30.74
C GLY A 43 -7.32 12.76 31.27
N TRP A 44 -8.29 13.59 30.86
CA TRP A 44 -9.68 13.44 31.25
C TRP A 44 -10.15 12.01 31.01
N LEU A 45 -10.42 11.71 29.74
CA LEU A 45 -10.85 10.40 29.29
C LEU A 45 -9.95 9.26 29.76
N ASP A 46 -8.67 9.56 29.96
CA ASP A 46 -7.72 8.56 30.41
C ASP A 46 -8.00 8.17 31.85
N ARG A 47 -8.01 9.17 32.73
CA ARG A 47 -8.32 8.94 34.13
C ARG A 47 -9.68 8.26 34.25
N LEU A 48 -10.62 8.67 33.40
CA LEU A 48 -11.95 8.06 33.36
C LEU A 48 -11.86 6.57 33.07
N TYR A 49 -11.20 6.25 31.96
CA TYR A 49 -11.04 4.87 31.53
C TYR A 49 -10.37 4.01 32.60
N MET A 50 -9.35 4.58 33.22
CA MET A 50 -8.63 3.89 34.29
C MET A 50 -9.53 3.60 35.48
N LEU A 51 -10.26 4.62 35.92
CA LEU A 51 -11.13 4.47 37.10
C LEU A 51 -12.25 3.46 36.86
N VAL A 52 -13.02 3.65 35.78
CA VAL A 52 -14.09 2.72 35.43
C VAL A 52 -13.54 1.30 35.27
N GLY A 53 -12.42 1.20 34.57
CA GLY A 53 -11.75 -0.08 34.38
C GLY A 53 -11.45 -0.77 35.69
N THR A 54 -10.78 -0.05 36.58
CA THR A 54 -10.42 -0.59 37.89
C THR A 54 -11.65 -1.03 38.65
N LEU A 55 -12.72 -0.24 38.55
CA LEU A 55 -13.95 -0.53 39.28
C LEU A 55 -14.59 -1.80 38.76
N ALA A 56 -14.38 -2.06 37.47
CA ALA A 56 -14.86 -3.30 36.87
C ALA A 56 -13.98 -4.47 37.30
N ALA A 57 -12.69 -4.17 37.46
CA ALA A 57 -11.70 -5.18 37.84
C ALA A 57 -11.96 -5.68 39.25
N ILE A 58 -12.28 -4.75 40.14
CA ILE A 58 -12.57 -5.09 41.52
C ILE A 58 -13.73 -6.07 41.59
N ILE A 59 -14.84 -5.72 40.95
CA ILE A 59 -16.04 -6.56 41.01
C ILE A 59 -15.86 -7.88 40.28
N HIS A 60 -15.05 -7.88 39.22
CA HIS A 60 -14.70 -9.13 38.54
C HIS A 60 -13.91 -10.01 39.50
N GLY A 61 -13.12 -9.38 40.36
CA GLY A 61 -12.25 -10.10 41.29
C GLY A 61 -12.99 -10.88 42.34
N VAL A 62 -13.94 -10.23 43.00
CA VAL A 62 -14.70 -10.86 44.07
C VAL A 62 -15.73 -11.83 43.53
N ALA A 63 -15.86 -11.93 42.22
CA ALA A 63 -16.83 -12.82 41.61
C ALA A 63 -16.57 -14.30 41.94
N LEU A 64 -15.30 -14.69 41.89
CA LEU A 64 -14.93 -16.06 42.19
C LEU A 64 -15.21 -16.46 43.64
N PRO A 65 -14.78 -15.64 44.63
CA PRO A 65 -15.14 -16.02 46.00
C PRO A 65 -16.65 -16.14 46.22
N LEU A 66 -17.44 -15.25 45.61
CA LEU A 66 -18.89 -15.32 45.69
C LEU A 66 -19.35 -16.66 45.14
N MET A 67 -18.74 -17.07 44.04
CA MET A 67 -19.02 -18.37 43.46
C MET A 67 -18.72 -19.50 44.44
N MET A 68 -17.68 -19.34 45.24
CA MET A 68 -17.36 -20.33 46.26
C MET A 68 -18.43 -20.40 47.36
N LEU A 69 -18.83 -19.24 47.86
CA LEU A 69 -19.87 -19.17 48.89
C LEU A 69 -21.13 -19.88 48.39
N ILE A 70 -21.57 -19.51 47.18
CA ILE A 70 -22.75 -20.12 46.59
C ILE A 70 -22.57 -21.61 46.37
N PHE A 71 -21.34 -22.04 46.13
CA PHE A 71 -21.04 -23.46 46.04
C PHE A 71 -21.30 -24.18 47.36
N GLY A 72 -20.87 -23.55 48.45
CA GLY A 72 -21.09 -24.11 49.78
C GLY A 72 -22.57 -24.19 50.09
N ASP A 73 -23.27 -23.10 49.84
CA ASP A 73 -24.73 -23.05 50.00
C ASP A 73 -25.42 -24.06 49.09
N MET A 74 -24.70 -24.52 48.08
CA MET A 74 -25.21 -25.55 47.17
C MET A 74 -25.06 -26.94 47.77
N THR A 75 -23.88 -27.26 48.31
CA THR A 75 -23.66 -28.58 48.92
C THR A 75 -24.51 -28.79 50.18
N ASP A 76 -24.67 -27.72 50.94
CA ASP A 76 -25.44 -27.80 52.19
C ASP A 76 -26.88 -28.29 51.96
N SER A 77 -27.33 -28.23 50.73
CA SER A 77 -28.68 -28.68 50.38
C SER A 77 -28.73 -30.19 50.11
N PHE A 78 -27.69 -30.72 49.49
CA PHE A 78 -27.62 -32.16 49.23
C PHE A 78 -27.32 -32.92 50.51
N ALA A 79 -26.55 -32.27 51.39
CA ALA A 79 -26.23 -32.85 52.69
C ALA A 79 -27.48 -33.28 53.47
N SER A 80 -28.59 -32.61 53.24
CA SER A 80 -29.84 -32.90 53.94
C SER A 80 -30.62 -34.02 53.28
N VAL A 81 -30.44 -34.20 51.98
CA VAL A 81 -31.19 -35.22 51.26
C VAL A 81 -30.45 -36.55 51.22
N GLY A 82 -29.19 -36.58 51.64
CA GLY A 82 -28.48 -37.84 51.74
C GLY A 82 -28.86 -38.66 52.98
N GLN A 83 -28.62 -38.06 54.14
CA GLN A 83 -28.78 -38.72 55.44
C GLN A 83 -30.17 -39.32 55.65
N VAL A 84 -31.19 -38.59 55.23
CA VAL A 84 -32.57 -39.03 55.44
C VAL A 84 -32.87 -40.26 54.61
N SER A 85 -32.44 -40.25 53.35
CA SER A 85 -32.73 -41.35 52.44
C SER A 85 -31.78 -42.53 52.63
N LYS A 86 -30.76 -42.36 53.46
CA LYS A 86 -29.84 -43.47 53.73
C LYS A 86 -30.40 -44.44 54.76
N GLN A 87 -30.41 -44.01 56.02
CA GLN A 87 -30.74 -44.89 57.12
C GLN A 87 -32.17 -45.42 57.07
N SER A 88 -32.29 -46.75 56.98
CA SER A 88 -33.58 -47.44 56.94
C SER A 88 -34.53 -46.89 55.88
N THR A 89 -35.82 -46.90 56.20
CA THR A 89 -36.85 -46.36 55.32
C THR A 89 -37.89 -45.60 56.16
N GLN A 90 -38.35 -44.46 55.65
CA GLN A 90 -39.31 -43.65 56.39
C GLN A 90 -40.60 -43.35 55.60
N MET A 91 -40.47 -42.64 54.48
CA MET A 91 -41.64 -42.26 53.69
C MET A 91 -41.34 -42.35 52.20
N SER A 92 -42.04 -43.25 51.52
CA SER A 92 -41.80 -43.45 50.09
C SER A 92 -42.51 -42.39 49.25
N GLU A 93 -43.79 -42.16 49.53
CA GLU A 93 -44.57 -41.20 48.75
C GLU A 93 -44.40 -39.78 49.26
N ALA A 94 -43.85 -39.63 50.46
CA ALA A 94 -43.70 -38.31 51.07
C ALA A 94 -42.28 -37.77 51.01
N ASP A 95 -41.41 -38.46 50.27
CA ASP A 95 -40.04 -37.98 50.10
C ASP A 95 -39.86 -37.21 48.79
N LYS A 96 -40.58 -37.64 47.76
CA LYS A 96 -40.47 -37.00 46.45
C LYS A 96 -41.00 -35.57 46.51
N ARG A 97 -41.85 -35.30 47.50
CA ARG A 97 -42.38 -33.96 47.71
C ARG A 97 -41.45 -33.13 48.60
N ALA A 98 -40.81 -33.80 49.55
CA ALA A 98 -39.98 -33.11 50.53
C ALA A 98 -38.52 -33.00 50.08
N MET A 99 -38.11 -33.90 49.19
CA MET A 99 -36.74 -33.90 48.71
C MET A 99 -36.64 -33.51 47.23
N PHE A 100 -37.21 -34.33 46.36
CA PHE A 100 -37.12 -34.11 44.92
C PHE A 100 -37.64 -32.74 44.48
N ALA A 101 -38.80 -32.35 45.01
CA ALA A 101 -39.42 -31.08 44.64
C ALA A 101 -38.72 -29.91 45.31
N LYS A 102 -38.04 -30.20 46.42
CA LYS A 102 -37.33 -29.17 47.17
C LYS A 102 -36.07 -28.74 46.44
N LEU A 103 -35.25 -29.72 46.05
CA LEU A 103 -33.98 -29.44 45.39
C LEU A 103 -34.14 -28.79 44.01
N GLU A 104 -35.24 -29.09 43.33
CA GLU A 104 -35.53 -28.41 42.07
C GLU A 104 -35.80 -26.94 42.34
N GLU A 105 -36.53 -26.69 43.42
CA GLU A 105 -36.90 -25.34 43.82
C GLU A 105 -35.69 -24.55 44.35
N GLU A 106 -34.67 -25.25 44.79
CA GLU A 106 -33.44 -24.60 45.27
C GLU A 106 -32.43 -24.37 44.14
N MET A 107 -32.39 -25.31 43.20
CA MET A 107 -31.48 -25.22 42.05
C MET A 107 -32.02 -24.28 40.98
N THR A 108 -33.32 -24.03 41.01
CA THR A 108 -33.90 -23.08 40.07
C THR A 108 -33.49 -21.65 40.44
N THR A 109 -33.13 -21.44 41.70
CA THR A 109 -32.62 -20.15 42.14
C THR A 109 -31.10 -20.15 42.07
N TYR A 110 -30.48 -21.27 42.43
CA TYR A 110 -29.03 -21.40 42.34
C TYR A 110 -28.53 -21.20 40.91
N ALA A 111 -29.31 -21.67 39.94
CA ALA A 111 -29.01 -21.48 38.53
C ALA A 111 -28.99 -20.00 38.19
N TYR A 112 -30.00 -19.28 38.67
CA TYR A 112 -30.08 -17.84 38.47
C TYR A 112 -28.87 -17.14 39.07
N TYR A 113 -28.43 -17.59 40.25
CA TYR A 113 -27.25 -17.03 40.87
C TYR A 113 -25.99 -17.25 40.01
N TYR A 114 -25.71 -18.50 39.68
CA TYR A 114 -24.53 -18.84 38.87
C TYR A 114 -24.53 -18.10 37.53
N THR A 115 -25.52 -18.40 36.70
CA THR A 115 -25.65 -17.80 35.37
C THR A 115 -25.64 -16.27 35.46
N GLY A 116 -26.27 -15.74 36.50
CA GLY A 116 -26.26 -14.30 36.72
C GLY A 116 -24.85 -13.77 36.86
N ILE A 117 -24.10 -14.34 37.81
CA ILE A 117 -22.73 -13.92 38.07
C ILE A 117 -21.85 -14.04 36.84
N GLY A 118 -22.04 -15.10 36.06
CA GLY A 118 -21.28 -15.26 34.84
C GLY A 118 -21.59 -14.16 33.83
N ALA A 119 -22.88 -13.98 33.58
CA ALA A 119 -23.37 -12.99 32.63
C ALA A 119 -22.87 -11.59 32.99
N GLY A 120 -22.73 -11.32 34.28
CA GLY A 120 -22.14 -10.06 34.70
C GLY A 120 -20.65 -10.05 34.45
N VAL A 121 -20.02 -11.18 34.75
CA VAL A 121 -18.57 -11.32 34.67
C VAL A 121 -18.06 -10.99 33.28
N LEU A 122 -18.77 -11.44 32.24
CA LEU A 122 -18.34 -11.12 30.88
C LEU A 122 -18.28 -9.59 30.68
N ILE A 123 -19.29 -8.89 31.16
CA ILE A 123 -19.36 -7.44 31.07
C ILE A 123 -18.20 -6.77 31.80
N VAL A 124 -18.05 -7.10 33.08
CA VAL A 124 -17.04 -6.44 33.91
C VAL A 124 -15.61 -6.71 33.43
N ALA A 125 -15.37 -7.93 32.94
CA ALA A 125 -14.07 -8.29 32.40
C ALA A 125 -13.83 -7.47 31.14
N TYR A 126 -14.86 -7.39 30.29
CA TYR A 126 -14.75 -6.60 29.08
C TYR A 126 -14.32 -5.18 29.39
N ILE A 127 -15.05 -4.50 30.26
CA ILE A 127 -14.71 -3.13 30.64
C ILE A 127 -13.29 -3.06 31.19
N GLN A 128 -12.94 -4.00 32.07
CA GLN A 128 -11.60 -4.09 32.64
C GLN A 128 -10.49 -4.05 31.57
N VAL A 129 -10.34 -5.16 30.85
CA VAL A 129 -9.28 -5.29 29.86
C VAL A 129 -9.36 -4.20 28.78
N SER A 130 -10.55 -4.03 28.20
CA SER A 130 -10.76 -3.06 27.13
C SER A 130 -10.31 -1.64 27.52
N PHE A 131 -10.84 -1.14 28.62
CA PHE A 131 -10.52 0.21 29.05
C PHE A 131 -9.06 0.38 29.45
N TRP A 132 -8.53 -0.55 30.24
CA TRP A 132 -7.13 -0.42 30.65
C TRP A 132 -6.18 -0.40 29.45
N CYS A 133 -6.33 -1.40 28.58
CA CYS A 133 -5.57 -1.46 27.33
C CYS A 133 -5.71 -0.15 26.56
N LEU A 134 -6.93 0.35 26.46
CA LEU A 134 -7.23 1.56 25.72
C LEU A 134 -6.45 2.77 26.24
N ALA A 135 -6.72 3.15 27.49
CA ALA A 135 -6.07 4.30 28.09
C ALA A 135 -4.56 4.17 28.03
N ALA A 136 -4.07 2.96 28.32
CA ALA A 136 -2.65 2.66 28.22
C ALA A 136 -2.11 3.06 26.86
N GLY A 137 -2.72 2.52 25.81
CA GLY A 137 -2.34 2.83 24.45
C GLY A 137 -2.32 4.33 24.15
N ARG A 138 -3.40 5.02 24.50
CA ARG A 138 -3.47 6.45 24.27
C ARG A 138 -2.37 7.24 24.98
N GLN A 139 -1.95 6.76 26.16
CA GLN A 139 -0.81 7.37 26.86
C GLN A 139 0.48 7.10 26.12
N ILE A 140 0.73 5.82 25.85
CA ILE A 140 1.93 5.39 25.15
C ILE A 140 2.16 6.17 23.85
N HIS A 141 1.09 6.38 23.09
CA HIS A 141 1.17 7.12 21.82
C HIS A 141 1.80 8.49 22.00
N LYS A 142 1.43 9.19 23.05
CA LYS A 142 2.01 10.49 23.34
C LYS A 142 3.43 10.30 23.83
N ILE A 143 3.64 9.26 24.62
CA ILE A 143 4.95 8.98 25.19
C ILE A 143 6.05 8.75 24.15
N ARG A 144 5.80 7.87 23.18
CA ARG A 144 6.78 7.60 22.13
C ARG A 144 7.06 8.86 21.31
N GLN A 145 6.02 9.55 20.85
CA GLN A 145 6.19 10.76 20.06
C GLN A 145 7.03 11.80 20.79
N LYS A 146 6.68 12.08 22.03
CA LYS A 146 7.41 13.09 22.78
C LYS A 146 8.81 12.61 23.16
N PHE A 147 9.00 11.30 23.19
CA PHE A 147 10.34 10.74 23.36
C PHE A 147 11.20 11.04 22.14
N PHE A 148 10.64 10.79 20.96
CA PHE A 148 11.31 11.08 19.68
C PHE A 148 11.67 12.55 19.60
N HIS A 149 10.66 13.40 19.82
CA HIS A 149 10.84 14.85 19.83
C HIS A 149 11.93 15.26 20.81
N ALA A 150 11.98 14.58 21.95
CA ALA A 150 12.95 14.92 22.98
C ALA A 150 14.37 14.54 22.57
N ILE A 151 14.51 13.38 21.95
CA ILE A 151 15.80 12.95 21.44
C ILE A 151 16.26 13.97 20.41
N MET A 152 15.37 14.33 19.48
CA MET A 152 15.69 15.29 18.44
C MET A 152 16.10 16.64 19.01
N ASN A 153 15.42 17.04 20.08
CA ASN A 153 15.67 18.32 20.70
C ASN A 153 17.09 18.42 21.26
N GLN A 154 17.61 17.27 21.70
CA GLN A 154 18.97 17.21 22.25
C GLN A 154 20.01 17.72 21.25
N GLU A 155 21.03 18.40 21.76
CA GLU A 155 22.15 18.87 20.94
C GLU A 155 23.10 17.71 20.70
N ILE A 156 24.13 17.96 19.89
CA ILE A 156 25.09 16.90 19.57
C ILE A 156 25.95 16.50 20.77
N GLY A 157 26.12 17.44 21.69
CA GLY A 157 26.88 17.18 22.90
C GLY A 157 26.26 16.07 23.73
N TRP A 158 24.96 15.86 23.52
CA TRP A 158 24.21 14.81 24.18
C TRP A 158 24.53 13.50 23.48
N PHE A 159 24.58 13.56 22.15
CA PHE A 159 24.82 12.38 21.34
C PHE A 159 26.26 11.89 21.46
N ASP A 160 27.15 12.79 21.87
CA ASP A 160 28.54 12.42 22.04
C ASP A 160 28.67 11.47 23.22
N VAL A 161 28.03 11.83 24.33
CA VAL A 161 28.13 11.07 25.57
C VAL A 161 27.18 9.89 25.60
N HIS A 162 26.27 9.82 24.63
CA HIS A 162 25.31 8.73 24.59
C HIS A 162 25.46 7.86 23.35
N ASP A 163 25.09 6.60 23.48
CA ASP A 163 25.18 5.66 22.37
C ASP A 163 23.88 5.65 21.58
N VAL A 164 23.99 6.02 20.31
CA VAL A 164 22.84 6.14 19.43
C VAL A 164 22.21 4.78 19.14
N GLY A 165 23.02 3.73 19.25
CA GLY A 165 22.56 2.38 18.99
C GLY A 165 21.52 1.95 20.01
N GLU A 166 21.84 2.14 21.28
CA GLU A 166 20.95 1.75 22.37
C GLU A 166 19.79 2.74 22.49
N LEU A 167 20.03 3.99 22.09
CA LEU A 167 18.99 4.99 22.16
C LEU A 167 17.91 4.67 21.14
N ASN A 168 18.34 4.28 19.94
CA ASN A 168 17.42 3.86 18.89
C ASN A 168 16.57 2.66 19.33
N THR A 169 17.19 1.72 20.04
CA THR A 169 16.48 0.53 20.51
C THR A 169 15.57 0.84 21.68
N ARG A 170 15.90 1.89 22.42
CA ARG A 170 15.09 2.31 23.54
C ARG A 170 13.73 2.78 23.03
N LEU A 171 13.75 3.41 21.86
CA LEU A 171 12.53 3.99 21.30
C LEU A 171 11.53 2.92 20.87
N THR A 172 12.01 1.70 20.70
CA THR A 172 11.11 0.61 20.35
C THR A 172 10.87 -0.32 21.53
N ASP A 173 11.93 -0.68 22.25
CA ASP A 173 11.85 -1.67 23.32
C ASP A 173 11.34 -1.13 24.65
N ASP A 174 11.87 0.01 25.08
CA ASP A 174 11.50 0.57 26.38
C ASP A 174 10.11 1.23 26.39
N VAL A 175 9.70 1.77 25.24
CA VAL A 175 8.34 2.31 25.14
C VAL A 175 7.34 1.17 25.07
N SER A 176 7.73 0.08 24.43
CA SER A 176 6.89 -1.12 24.41
C SER A 176 6.82 -1.70 25.82
N LYS A 177 7.90 -1.50 26.57
CA LYS A 177 8.01 -2.02 27.92
C LYS A 177 7.20 -1.19 28.92
N ILE A 178 7.01 0.10 28.60
CA ILE A 178 6.18 0.96 29.43
C ILE A 178 4.71 0.84 29.00
N ASN A 179 4.49 0.32 27.80
CA ASN A 179 3.14 0.00 27.35
C ASN A 179 2.58 -1.19 28.14
N GLU A 180 3.44 -2.16 28.42
CA GLU A 180 3.05 -3.29 29.25
C GLU A 180 3.36 -2.95 30.70
N GLY A 181 2.32 -2.76 31.50
CA GLY A 181 2.53 -2.36 32.87
C GLY A 181 1.75 -1.10 33.19
N ILE A 182 1.08 -0.55 32.19
CA ILE A 182 0.11 0.50 32.44
C ILE A 182 -1.20 0.16 31.75
N GLY A 183 -1.33 -1.10 31.38
CA GLY A 183 -2.53 -1.60 30.73
C GLY A 183 -3.19 -2.77 31.43
N ASP A 184 -3.41 -3.85 30.67
CA ASP A 184 -4.11 -5.04 31.17
C ASP A 184 -3.55 -5.59 32.47
N LYS A 185 -2.23 -5.48 32.63
CA LYS A 185 -1.54 -6.07 33.77
C LYS A 185 -2.07 -5.58 35.13
N ILE A 186 -2.24 -4.27 35.27
CA ILE A 186 -2.73 -3.73 36.54
C ILE A 186 -4.25 -3.88 36.67
N GLY A 187 -4.91 -4.11 35.55
CA GLY A 187 -6.33 -4.45 35.58
C GLY A 187 -6.46 -5.80 36.26
N MET A 188 -5.63 -6.74 35.81
CA MET A 188 -5.60 -8.06 36.42
C MET A 188 -4.96 -8.03 37.81
N PHE A 189 -4.22 -6.96 38.12
CA PHE A 189 -3.70 -6.79 39.47
C PHE A 189 -4.81 -6.44 40.44
N PHE A 190 -5.63 -5.47 40.05
CA PHE A 190 -6.76 -5.10 40.87
C PHE A 190 -7.76 -6.24 40.98
N GLN A 191 -7.96 -6.96 39.88
CA GLN A 191 -8.83 -8.13 39.92
C GLN A 191 -8.26 -9.14 40.90
N ALA A 192 -6.95 -9.36 40.86
CA ALA A 192 -6.33 -10.35 41.73
C ALA A 192 -6.42 -9.96 43.21
N MET A 193 -6.23 -8.68 43.52
CA MET A 193 -6.33 -8.21 44.90
C MET A 193 -7.77 -8.24 45.38
N ALA A 194 -8.70 -8.01 44.46
CA ALA A 194 -10.12 -8.07 44.78
C ALA A 194 -10.54 -9.51 45.02
N THR A 195 -9.85 -10.44 44.36
CA THR A 195 -10.09 -11.86 44.60
C THR A 195 -9.50 -12.26 45.95
N PHE A 196 -8.37 -11.64 46.30
CA PHE A 196 -7.75 -11.87 47.61
C PHE A 196 -8.68 -11.43 48.73
N PHE A 197 -9.04 -10.15 48.74
CA PHE A 197 -9.91 -9.61 49.78
C PHE A 197 -11.32 -10.19 49.72
N GLY A 198 -11.79 -10.54 48.54
CA GLY A 198 -13.08 -11.18 48.40
C GLY A 198 -13.06 -12.56 49.05
N GLY A 199 -11.97 -13.28 48.79
CA GLY A 199 -11.80 -14.61 49.35
C GLY A 199 -11.69 -14.60 50.85
N PHE A 200 -10.90 -13.69 51.40
CA PHE A 200 -10.74 -13.63 52.84
C PHE A 200 -11.97 -13.08 53.55
N ILE A 201 -12.66 -12.12 52.91
CA ILE A 201 -13.89 -11.59 53.47
C ILE A 201 -14.98 -12.65 53.52
N ILE A 202 -15.17 -13.37 52.42
CA ILE A 202 -16.15 -14.45 52.39
C ILE A 202 -15.76 -15.56 53.36
N GLY A 203 -14.47 -15.84 53.42
CA GLY A 203 -13.94 -16.80 54.37
C GLY A 203 -14.34 -16.48 55.80
N PHE A 204 -13.94 -15.30 56.28
CA PHE A 204 -14.24 -14.92 57.65
C PHE A 204 -15.74 -14.76 57.92
N THR A 205 -16.49 -14.30 56.92
CA THR A 205 -17.93 -14.12 57.06
C THR A 205 -18.66 -15.46 57.20
N ARG A 206 -18.17 -16.48 56.50
CA ARG A 206 -18.81 -17.79 56.58
C ARG A 206 -18.19 -18.67 57.67
N GLY A 207 -16.92 -18.41 57.98
CA GLY A 207 -16.21 -19.25 58.93
C GLY A 207 -15.07 -18.54 59.65
N TRP A 208 -15.08 -18.61 60.97
CA TRP A 208 -14.08 -17.91 61.78
C TRP A 208 -12.85 -18.78 62.02
N LYS A 209 -13.08 -19.99 62.54
CA LYS A 209 -12.00 -20.90 62.90
C LYS A 209 -11.19 -21.35 61.68
N LEU A 210 -11.86 -21.95 60.72
CA LEU A 210 -11.22 -22.61 59.59
C LEU A 210 -10.32 -21.69 58.79
N THR A 211 -10.72 -20.42 58.66
CA THR A 211 -9.92 -19.43 57.96
C THR A 211 -8.59 -19.20 58.67
N LEU A 212 -8.66 -19.03 59.99
CA LEU A 212 -7.47 -18.86 60.79
C LEU A 212 -6.58 -20.10 60.73
N VAL A 213 -7.21 -21.27 60.56
CA VAL A 213 -6.45 -22.50 60.38
C VAL A 213 -5.62 -22.45 59.09
N ILE A 214 -6.30 -22.27 57.97
CA ILE A 214 -5.62 -22.25 56.68
C ILE A 214 -4.57 -21.13 56.58
N LEU A 215 -4.90 -19.96 57.10
CA LEU A 215 -3.95 -18.85 57.11
C LEU A 215 -2.78 -19.18 58.04
N ALA A 216 -3.03 -19.98 59.07
CA ALA A 216 -1.95 -20.45 59.93
C ALA A 216 -1.04 -21.41 59.16
N ILE A 217 -1.60 -22.06 58.14
CA ILE A 217 -0.80 -22.96 57.29
C ILE A 217 -0.05 -22.19 56.21
N SER A 218 -0.57 -21.01 55.86
CA SER A 218 0.03 -20.20 54.79
C SER A 218 1.51 -19.78 54.91
N PRO A 219 1.97 -19.36 56.10
CA PRO A 219 3.33 -18.81 56.15
C PRO A 219 4.43 -19.87 56.01
N VAL A 220 4.06 -21.14 55.91
CA VAL A 220 5.03 -22.19 55.71
C VAL A 220 5.17 -22.49 54.22
N LEU A 221 4.31 -21.86 53.42
CA LEU A 221 4.36 -22.02 51.96
C LEU A 221 5.22 -20.93 51.29
N GLY A 222 5.08 -19.69 51.74
CA GLY A 222 5.86 -18.59 51.20
C GLY A 222 7.27 -18.58 51.76
N LEU A 223 7.45 -19.25 52.89
CA LEU A 223 8.76 -19.44 53.47
C LEU A 223 9.46 -20.56 52.71
N SER A 224 8.67 -21.50 52.21
CA SER A 224 9.20 -22.63 51.45
C SER A 224 9.49 -22.25 50.01
N ALA A 225 8.56 -21.55 49.37
CA ALA A 225 8.74 -21.12 47.99
C ALA A 225 9.85 -20.09 47.85
N GLY A 226 10.21 -19.48 48.98
CA GLY A 226 11.22 -18.45 49.02
C GLY A 226 12.63 -18.98 49.19
N ILE A 227 12.77 -20.08 49.92
CA ILE A 227 14.07 -20.69 50.12
C ILE A 227 14.43 -21.60 48.95
N TRP A 228 13.43 -22.25 48.39
CA TRP A 228 13.67 -23.15 47.25
C TRP A 228 13.90 -22.38 45.96
N ALA A 229 13.48 -21.12 45.93
CA ALA A 229 13.73 -20.27 44.77
C ALA A 229 15.17 -19.75 44.81
N LYS A 230 15.71 -19.65 46.02
CA LYS A 230 17.08 -19.18 46.21
C LYS A 230 18.08 -20.27 45.84
N ILE A 231 17.73 -21.52 46.12
CA ILE A 231 18.59 -22.65 45.81
C ILE A 231 18.71 -22.87 44.31
N LEU A 232 17.57 -22.79 43.61
CA LEU A 232 17.59 -22.96 42.15
C LEU A 232 18.25 -21.79 41.43
N SER A 233 18.17 -20.60 42.02
CA SER A 233 18.76 -19.40 41.42
C SER A 233 20.25 -19.30 41.73
N SER A 234 20.70 -20.08 42.70
CA SER A 234 22.11 -20.07 43.10
C SER A 234 22.95 -20.90 42.15
N PHE A 235 22.39 -22.03 41.70
CA PHE A 235 23.07 -22.88 40.74
C PHE A 235 22.88 -22.36 39.32
N THR A 236 21.82 -21.57 39.12
CA THR A 236 21.52 -21.01 37.80
C THR A 236 22.57 -19.99 37.37
N ASP A 237 23.01 -19.14 38.29
CA ASP A 237 24.06 -18.18 37.99
C ASP A 237 25.43 -18.83 38.08
N LYS A 238 25.45 -20.07 38.57
CA LYS A 238 26.70 -20.82 38.69
C LYS A 238 26.97 -21.59 37.40
N GLU A 239 25.90 -21.81 36.63
CA GLU A 239 26.02 -22.48 35.33
C GLU A 239 26.54 -21.51 34.27
N LEU A 240 26.14 -20.24 34.39
CA LEU A 240 26.54 -19.22 33.44
C LEU A 240 28.06 -19.12 33.32
N HIS A 241 28.73 -19.09 34.47
CA HIS A 241 30.19 -18.99 34.49
C HIS A 241 30.85 -20.37 34.66
N ALA A 242 30.06 -21.43 34.43
CA ALA A 242 30.60 -22.77 34.42
C ALA A 242 30.94 -23.20 33.00
N TYR A 243 29.95 -23.06 32.11
CA TYR A 243 30.12 -23.45 30.71
C TYR A 243 30.94 -22.43 29.92
N ALA A 244 31.04 -21.22 30.46
CA ALA A 244 31.76 -20.13 29.79
C ALA A 244 33.24 -20.47 29.57
N LYS A 245 33.74 -21.46 30.29
CA LYS A 245 35.10 -21.94 30.10
C LYS A 245 35.19 -22.87 28.90
N ALA A 246 34.03 -23.31 28.42
CA ALA A 246 33.95 -24.13 27.22
C ALA A 246 33.55 -23.26 26.04
N GLY A 247 32.77 -22.22 26.32
CA GLY A 247 32.39 -21.26 25.30
C GLY A 247 33.59 -20.44 24.85
N ALA A 248 34.55 -20.25 25.75
CA ALA A 248 35.77 -19.51 25.43
C ALA A 248 36.58 -20.28 24.40
N VAL A 249 36.82 -21.56 24.65
CA VAL A 249 37.53 -22.40 23.69
C VAL A 249 36.60 -22.77 22.54
N ALA A 250 35.33 -22.37 22.62
CA ALA A 250 34.41 -22.53 21.52
C ALA A 250 34.60 -21.38 20.54
N GLU A 251 34.44 -20.15 21.03
CA GLU A 251 34.56 -18.97 20.19
C GLU A 251 35.98 -18.78 19.68
N GLU A 252 36.97 -19.21 20.47
CA GLU A 252 38.36 -19.11 20.08
C GLU A 252 38.67 -20.00 18.87
N VAL A 253 38.09 -21.19 18.86
CA VAL A 253 38.26 -22.12 17.76
C VAL A 253 37.56 -21.63 16.50
N LEU A 254 36.29 -21.29 16.65
CA LEU A 254 35.46 -20.91 15.51
C LEU A 254 35.93 -19.62 14.86
N ALA A 255 36.52 -18.74 15.66
CA ALA A 255 37.07 -17.49 15.13
C ALA A 255 38.35 -17.75 14.35
N ALA A 256 39.16 -18.67 14.86
CA ALA A 256 40.44 -18.98 14.22
C ALA A 256 40.34 -20.21 13.32
N ILE A 257 39.12 -20.52 12.89
CA ILE A 257 38.84 -21.78 12.21
C ILE A 257 39.66 -22.04 10.96
N ARG A 258 39.92 -20.99 10.18
CA ARG A 258 40.68 -21.12 8.96
C ARG A 258 42.04 -21.73 9.26
N THR A 259 42.75 -21.10 10.20
CA THR A 259 44.05 -21.59 10.65
C THR A 259 43.92 -22.95 11.33
N VAL A 260 42.75 -23.25 11.88
CA VAL A 260 42.50 -24.54 12.50
C VAL A 260 42.49 -25.67 11.47
N ILE A 261 41.57 -25.61 10.51
CA ILE A 261 41.49 -26.60 9.45
C ILE A 261 42.82 -26.69 8.72
N ALA A 262 43.39 -25.52 8.43
CA ALA A 262 44.68 -25.43 7.76
C ALA A 262 45.77 -26.18 8.51
N PHE A 263 45.81 -26.01 9.83
CA PHE A 263 46.81 -26.68 10.65
C PHE A 263 46.26 -27.96 11.28
N GLY A 264 45.05 -28.34 10.86
CA GLY A 264 44.45 -29.59 11.27
C GLY A 264 44.38 -29.87 12.76
N GLY A 265 44.33 -28.81 13.56
CA GLY A 265 44.27 -28.94 15.00
C GLY A 265 42.89 -29.33 15.50
N GLN A 266 42.04 -29.75 14.57
CA GLN A 266 40.64 -30.09 14.87
C GLN A 266 40.50 -31.12 15.99
N LYS A 267 41.45 -32.05 16.06
CA LYS A 267 41.46 -33.07 17.10
C LYS A 267 41.74 -32.45 18.46
N LYS A 268 42.89 -31.79 18.57
CA LYS A 268 43.31 -31.14 19.80
C LYS A 268 42.29 -30.11 20.27
N GLU A 269 41.59 -29.49 19.34
CA GLU A 269 40.56 -28.49 19.68
C GLU A 269 39.24 -29.13 20.11
N LEU A 270 38.89 -30.26 19.51
CA LEU A 270 37.71 -31.01 19.94
C LEU A 270 37.92 -31.44 21.38
N GLU A 271 39.07 -32.04 21.64
CA GLU A 271 39.43 -32.48 23.00
C GLU A 271 39.45 -31.31 23.97
N ARG A 272 40.16 -30.23 23.59
CA ARG A 272 40.25 -29.03 24.41
C ARG A 272 38.87 -28.47 24.75
N TYR A 273 37.93 -28.59 23.82
CA TYR A 273 36.57 -28.15 24.08
C TYR A 273 35.88 -29.09 25.06
N ASN A 274 36.01 -30.39 24.81
CA ASN A 274 35.34 -31.39 25.63
C ASN A 274 35.77 -31.36 27.09
N ASN A 275 37.05 -31.07 27.34
CA ASN A 275 37.57 -31.05 28.70
C ASN A 275 36.96 -29.99 29.61
N ASN A 276 36.15 -29.11 29.04
CA ASN A 276 35.43 -28.11 29.83
C ASN A 276 33.93 -28.35 29.82
N LEU A 277 33.51 -29.54 29.40
CA LEU A 277 32.09 -29.89 29.40
C LEU A 277 31.76 -30.75 30.59
N GLU A 278 32.68 -31.63 30.96
CA GLU A 278 32.44 -32.57 32.04
C GLU A 278 32.77 -31.96 33.41
N GLU A 279 32.66 -30.63 33.50
CA GLU A 279 32.85 -29.93 34.76
C GLU A 279 31.80 -28.85 34.94
N ALA A 280 31.00 -28.63 33.90
CA ALA A 280 30.08 -27.49 33.89
C ALA A 280 28.62 -27.91 33.88
N LYS A 281 28.34 -29.08 33.32
CA LYS A 281 26.99 -29.59 33.27
C LYS A 281 26.75 -30.55 34.41
N ARG A 282 27.85 -31.07 34.96
CA ARG A 282 27.80 -31.95 36.12
C ARG A 282 27.37 -31.11 37.32
N LEU A 283 27.72 -29.83 37.25
CA LEU A 283 27.26 -28.83 38.20
C LEU A 283 25.76 -28.62 38.00
N GLY A 284 25.28 -28.85 36.79
CA GLY A 284 23.89 -28.67 36.46
C GLY A 284 22.98 -29.83 36.83
N ILE A 285 23.57 -31.02 36.90
CA ILE A 285 22.85 -32.21 37.34
C ILE A 285 22.17 -31.90 38.67
N LYS A 286 22.99 -31.51 39.63
CA LYS A 286 22.55 -31.15 40.97
C LYS A 286 21.44 -30.12 40.97
N LYS A 287 21.53 -29.15 40.06
CA LYS A 287 20.52 -28.10 39.98
C LYS A 287 19.17 -28.64 39.48
N ALA A 288 19.21 -29.47 38.45
CA ALA A 288 18.01 -30.13 37.97
C ALA A 288 17.33 -30.90 39.11
N ILE A 289 18.16 -31.68 39.81
CA ILE A 289 17.70 -32.41 40.98
C ILE A 289 16.98 -31.50 41.96
N THR A 290 17.71 -30.53 42.53
CA THR A 290 17.17 -29.63 43.53
C THR A 290 15.90 -28.90 43.06
N ALA A 291 15.82 -28.63 41.77
CA ALA A 291 14.61 -28.01 41.21
C ALA A 291 13.42 -28.95 41.35
N ASN A 292 13.61 -30.18 40.89
CA ASN A 292 12.58 -31.19 41.04
C ASN A 292 12.18 -31.41 42.50
N ILE A 293 13.17 -31.34 43.39
CA ILE A 293 12.94 -31.52 44.82
C ILE A 293 12.14 -30.35 45.37
N SER A 294 12.37 -29.18 44.80
CA SER A 294 11.62 -27.98 45.16
C SER A 294 10.15 -28.16 44.82
N MET A 295 9.89 -28.59 43.58
CA MET A 295 8.51 -28.83 43.15
C MET A 295 7.83 -29.91 44.01
N GLY A 296 8.55 -31.00 44.26
CA GLY A 296 8.06 -32.08 45.09
C GLY A 296 7.70 -31.62 46.50
N ALA A 297 8.59 -30.81 47.09
CA ALA A 297 8.37 -30.26 48.42
C ALA A 297 7.13 -29.39 48.42
N ALA A 298 6.96 -28.62 47.35
CA ALA A 298 5.77 -27.79 47.19
C ALA A 298 4.50 -28.63 47.21
N PHE A 299 4.45 -29.67 46.38
CA PHE A 299 3.27 -30.54 46.34
C PHE A 299 3.04 -31.24 47.69
N LEU A 300 4.12 -31.62 48.35
CA LEU A 300 4.06 -32.23 49.67
C LEU A 300 3.36 -31.30 50.66
N LEU A 301 3.78 -30.04 50.66
CA LEU A 301 3.25 -29.07 51.62
C LEU A 301 1.82 -28.63 51.34
N ILE A 302 1.47 -28.42 50.08
CA ILE A 302 0.09 -28.06 49.78
C ILE A 302 -0.86 -29.24 50.04
N TYR A 303 -0.42 -30.45 49.70
CA TYR A 303 -1.19 -31.64 50.02
C TYR A 303 -1.33 -31.80 51.52
N ALA A 304 -0.27 -31.42 52.23
CA ALA A 304 -0.30 -31.43 53.68
C ALA A 304 -1.36 -30.46 54.18
N SER A 305 -1.45 -29.30 53.53
CA SER A 305 -2.44 -28.30 53.89
C SER A 305 -3.84 -28.85 53.66
N TYR A 306 -4.02 -29.62 52.59
CA TYR A 306 -5.30 -30.27 52.31
C TYR A 306 -5.65 -31.25 53.44
N ALA A 307 -4.69 -32.12 53.76
CA ALA A 307 -4.86 -33.11 54.81
C ALA A 307 -5.26 -32.48 56.13
N LEU A 308 -4.48 -31.50 56.59
CA LEU A 308 -4.74 -30.82 57.84
C LEU A 308 -6.06 -30.06 57.82
N ALA A 309 -6.27 -29.25 56.79
CA ALA A 309 -7.49 -28.45 56.68
C ALA A 309 -8.73 -29.33 56.76
N PHE A 310 -8.76 -30.41 55.99
CA PHE A 310 -9.92 -31.30 56.02
C PHE A 310 -10.02 -32.09 57.31
N TRP A 311 -8.87 -32.43 57.90
CA TRP A 311 -8.86 -33.15 59.16
C TRP A 311 -9.48 -32.29 60.26
N TYR A 312 -9.35 -30.98 60.13
CA TYR A 312 -9.94 -30.06 61.10
C TYR A 312 -11.40 -29.76 60.78
N GLY A 313 -11.67 -29.45 59.52
CA GLY A 313 -13.00 -29.06 59.09
C GLY A 313 -14.03 -30.18 59.20
N THR A 314 -13.65 -31.37 58.78
CA THR A 314 -14.57 -32.50 58.81
C THR A 314 -14.83 -32.96 60.25
N SER A 315 -13.88 -32.74 61.13
CA SER A 315 -14.11 -33.03 62.54
C SER A 315 -14.92 -31.88 63.14
N LEU A 316 -14.93 -30.76 62.44
CA LEU A 316 -15.68 -29.59 62.88
C LEU A 316 -17.14 -29.67 62.44
N VAL A 317 -17.41 -30.48 61.42
CA VAL A 317 -18.79 -30.65 60.94
C VAL A 317 -19.53 -31.77 61.70
N ILE A 318 -18.77 -32.67 62.31
CA ILE A 318 -19.35 -33.75 63.10
C ILE A 318 -19.88 -33.23 64.43
N SER A 319 -19.21 -32.21 64.98
CA SER A 319 -19.70 -31.56 66.19
C SER A 319 -20.81 -30.57 65.84
N LYS A 320 -21.28 -30.67 64.59
CA LYS A 320 -22.37 -29.82 64.09
C LYS A 320 -22.20 -28.32 64.36
N GLU A 321 -20.96 -27.83 64.27
CA GLU A 321 -20.71 -26.40 64.34
C GLU A 321 -20.76 -25.80 62.94
N TYR A 322 -19.74 -26.11 62.14
CA TYR A 322 -19.74 -25.75 60.73
C TYR A 322 -20.45 -26.83 59.93
N SER A 323 -21.21 -26.42 58.93
CA SER A 323 -21.80 -27.39 58.03
C SER A 323 -20.73 -27.93 57.10
N ILE A 324 -21.08 -28.93 56.30
CA ILE A 324 -20.17 -29.48 55.32
C ILE A 324 -19.90 -28.45 54.21
N GLY A 325 -20.95 -27.73 53.81
CA GLY A 325 -20.83 -26.74 52.76
C GLY A 325 -20.05 -25.52 53.19
N GLN A 326 -20.10 -25.22 54.48
CA GLN A 326 -19.35 -24.10 55.03
C GLN A 326 -17.84 -24.37 54.98
N VAL A 327 -17.44 -25.59 55.36
CA VAL A 327 -16.04 -26.01 55.27
C VAL A 327 -15.51 -25.77 53.86
N LEU A 328 -16.29 -26.20 52.87
CA LEU A 328 -15.91 -26.00 51.47
C LEU A 328 -15.85 -24.52 51.14
N THR A 329 -16.87 -23.75 51.52
CA THR A 329 -16.89 -22.32 51.24
C THR A 329 -15.63 -21.62 51.71
N VAL A 330 -15.29 -21.79 52.99
CA VAL A 330 -14.11 -21.12 53.52
C VAL A 330 -12.81 -21.70 52.98
N PHE A 331 -12.73 -23.00 52.80
CA PHE A 331 -11.50 -23.62 52.32
C PHE A 331 -11.17 -23.15 50.90
N PHE A 332 -12.18 -23.20 50.05
CA PHE A 332 -12.06 -22.77 48.66
C PHE A 332 -11.78 -21.28 48.59
N SER A 333 -12.62 -20.48 49.24
CA SER A 333 -12.46 -19.02 49.16
C SER A 333 -11.08 -18.60 49.67
N VAL A 334 -10.65 -19.15 50.79
CA VAL A 334 -9.35 -18.82 51.33
C VAL A 334 -8.21 -19.27 50.41
N LEU A 335 -8.27 -20.50 49.92
CA LEU A 335 -7.22 -21.00 49.05
C LEU A 335 -7.11 -20.15 47.77
N ILE A 336 -8.27 -19.82 47.22
CA ILE A 336 -8.38 -19.01 46.02
C ILE A 336 -7.79 -17.62 46.24
N GLY A 337 -8.14 -17.01 47.38
CA GLY A 337 -7.64 -15.71 47.73
C GLY A 337 -6.14 -15.75 47.95
N ALA A 338 -5.63 -16.91 48.35
CA ALA A 338 -4.20 -17.07 48.53
C ALA A 338 -3.49 -17.11 47.18
N PHE A 339 -3.94 -17.99 46.29
CA PHE A 339 -3.32 -18.14 44.97
C PHE A 339 -3.46 -16.88 44.12
N SER A 340 -4.47 -16.07 44.42
CA SER A 340 -4.70 -14.81 43.72
C SER A 340 -3.48 -13.89 43.78
N VAL A 341 -2.78 -13.90 44.92
CA VAL A 341 -1.58 -13.08 45.06
C VAL A 341 -0.47 -13.63 44.17
N GLY A 342 -0.35 -14.94 44.12
CA GLY A 342 0.61 -15.60 43.25
C GLY A 342 0.39 -15.22 41.81
N GLN A 343 -0.87 -15.07 41.42
CA GLN A 343 -1.20 -14.63 40.07
C GLN A 343 -1.28 -13.10 39.98
N ALA A 344 -0.94 -12.43 41.08
CA ALA A 344 -0.87 -10.98 41.07
C ALA A 344 0.58 -10.52 40.99
N SER A 345 1.49 -11.42 41.33
CA SER A 345 2.92 -11.12 41.38
C SER A 345 3.55 -10.65 40.06
N PRO A 346 3.29 -11.35 38.94
CA PRO A 346 3.90 -10.86 37.72
C PRO A 346 3.24 -9.59 37.21
N ASN A 347 1.96 -9.42 37.52
CA ASN A 347 1.22 -8.23 37.09
C ASN A 347 1.69 -6.95 37.78
N ILE A 348 2.24 -7.08 38.98
CA ILE A 348 2.77 -5.93 39.70
C ILE A 348 4.26 -5.75 39.39
N GLU A 349 4.90 -6.84 38.95
CA GLU A 349 6.29 -6.77 38.54
C GLU A 349 6.38 -6.04 37.22
N ALA A 350 5.38 -6.23 36.36
CA ALA A 350 5.32 -5.58 35.07
C ALA A 350 5.08 -4.08 35.23
N PHE A 351 4.31 -3.71 36.25
CA PHE A 351 4.11 -2.30 36.55
C PHE A 351 5.43 -1.71 37.03
N ALA A 352 6.15 -2.50 37.82
CA ALA A 352 7.38 -2.04 38.46
C ALA A 352 8.45 -1.65 37.45
N ASN A 353 8.90 -2.62 36.64
CA ASN A 353 9.98 -2.36 35.70
C ASN A 353 9.56 -1.44 34.56
N ALA A 354 8.26 -1.19 34.44
CA ALA A 354 7.76 -0.23 33.48
C ALA A 354 8.11 1.17 33.94
N ARG A 355 8.11 1.37 35.27
CA ARG A 355 8.53 2.65 35.84
C ARG A 355 10.01 2.84 35.61
N GLY A 356 10.77 1.76 35.69
CA GLY A 356 12.21 1.81 35.47
C GLY A 356 12.55 2.26 34.06
N ALA A 357 11.73 1.84 33.10
CA ALA A 357 11.90 2.24 31.72
C ALA A 357 11.46 3.69 31.53
N ALA A 358 10.37 4.06 32.21
CA ALA A 358 9.82 5.40 32.14
C ALA A 358 10.81 6.46 32.63
N TYR A 359 11.79 6.03 33.41
CA TYR A 359 12.78 6.94 33.96
C TYR A 359 13.64 7.49 32.84
N GLU A 360 14.11 6.60 31.99
CA GLU A 360 14.93 6.98 30.85
C GLU A 360 14.15 7.91 29.91
N VAL A 361 12.93 7.54 29.59
CA VAL A 361 12.14 8.28 28.61
C VAL A 361 11.69 9.65 29.09
N PHE A 362 11.21 9.72 30.33
CA PHE A 362 10.77 11.01 30.88
C PHE A 362 11.95 11.95 31.12
N LYS A 363 13.10 11.39 31.46
CA LYS A 363 14.33 12.15 31.61
C LYS A 363 14.59 12.99 30.37
N ILE A 364 14.47 12.36 29.21
CA ILE A 364 14.78 13.02 27.95
C ILE A 364 13.71 14.04 27.60
N ILE A 365 12.45 13.74 27.90
CA ILE A 365 11.36 14.64 27.53
C ILE A 365 11.32 15.92 28.37
N ASP A 366 11.62 15.81 29.67
CA ASP A 366 11.63 16.97 30.54
C ASP A 366 12.97 17.71 30.47
N ASN A 367 13.88 17.19 29.67
CA ASN A 367 15.18 17.84 29.47
C ASN A 367 15.16 18.86 28.34
N LYS A 368 15.41 20.11 28.68
CA LYS A 368 15.57 21.16 27.69
C LYS A 368 17.06 21.48 27.59
N PRO A 369 17.68 21.23 26.43
CA PRO A 369 19.12 21.36 26.18
C PRO A 369 19.63 22.80 26.22
N SER A 370 20.95 22.96 26.09
CA SER A 370 21.59 24.27 26.16
C SER A 370 21.29 25.11 24.92
N ILE A 371 21.06 24.45 23.80
CA ILE A 371 20.76 25.13 22.56
C ILE A 371 19.40 24.66 22.01
N ASP A 372 18.43 25.56 22.03
CA ASP A 372 17.11 25.35 21.43
C ASP A 372 16.89 26.48 20.43
N SER A 373 17.05 26.27 19.11
CA SER A 373 17.14 25.00 18.35
C SER A 373 15.82 24.22 18.22
N PHE A 374 14.73 24.83 18.70
CA PHE A 374 13.39 24.37 18.34
C PHE A 374 12.40 25.53 18.29
N SER A 375 12.71 26.61 19.01
CA SER A 375 11.89 27.81 18.98
C SER A 375 12.80 29.02 18.85
N LYS A 376 12.39 30.01 18.07
CA LYS A 376 13.26 31.17 17.90
C LYS A 376 13.28 32.05 19.14
N SER A 377 14.47 32.51 19.48
CA SER A 377 14.68 33.34 20.65
C SER A 377 15.73 34.38 20.29
N GLY A 378 16.22 34.30 19.06
CA GLY A 378 17.25 35.20 18.59
C GLY A 378 16.84 35.93 17.32
N HIS A 379 17.70 36.82 16.86
CA HIS A 379 17.41 37.64 15.69
C HIS A 379 17.56 36.86 14.40
N LYS A 380 17.14 37.48 13.30
CA LYS A 380 17.27 36.91 11.97
C LYS A 380 17.72 38.00 11.01
N PRO A 381 19.04 38.24 10.94
CA PRO A 381 19.63 39.32 10.13
C PRO A 381 19.25 39.23 8.66
N ASP A 382 18.86 40.35 8.07
CA ASP A 382 18.39 40.38 6.68
C ASP A 382 19.45 40.89 5.69
N ASN A 383 20.64 41.21 6.19
CA ASN A 383 21.67 41.80 5.35
C ASN A 383 22.16 40.94 4.16
N ILE A 384 22.66 39.72 4.39
CA ILE A 384 22.94 39.14 5.70
C ILE A 384 24.45 39.09 5.90
N GLN A 385 25.15 39.77 4.99
CA GLN A 385 26.61 39.90 5.02
C GLN A 385 27.33 38.59 4.75
N GLY A 386 27.99 38.05 5.77
CA GLY A 386 28.77 36.83 5.63
C GLY A 386 30.14 36.98 6.24
N ASN A 387 30.25 37.87 7.23
CA ASN A 387 31.53 38.12 7.90
C ASN A 387 31.71 37.25 9.14
N LEU A 388 32.79 36.47 9.14
CA LEU A 388 33.06 35.56 10.25
C LEU A 388 34.09 36.14 11.20
N GLU A 389 33.94 35.82 12.49
CA GLU A 389 34.89 36.26 13.51
C GLU A 389 34.92 35.32 14.70
N PHE A 390 36.12 34.99 15.15
CA PHE A 390 36.34 34.14 16.31
C PHE A 390 37.28 34.89 17.24
N LYS A 391 36.74 35.36 18.36
CA LYS A 391 37.53 36.15 19.32
C LYS A 391 37.78 35.39 20.63
N ASN A 392 39.04 35.00 20.84
CA ASN A 392 39.47 34.34 22.06
C ASN A 392 38.68 33.09 22.40
N ILE A 393 38.75 32.09 21.52
CA ILE A 393 37.94 30.88 21.70
C ILE A 393 38.63 29.79 22.51
N HIS A 394 38.14 29.60 23.73
CA HIS A 394 38.58 28.50 24.57
C HIS A 394 37.50 27.42 24.60
N PHE A 395 37.84 26.22 24.16
CA PHE A 395 36.86 25.14 24.11
C PHE A 395 37.49 23.76 24.24
N SER A 396 36.80 22.88 24.96
CA SER A 396 37.19 21.48 25.07
C SER A 396 35.95 20.60 24.90
N TYR A 397 36.16 19.40 24.37
CA TYR A 397 35.05 18.50 24.08
C TYR A 397 34.34 18.02 25.35
N PRO A 398 33.01 17.85 25.28
CA PRO A 398 32.23 17.43 26.44
C PRO A 398 32.65 16.05 26.96
N SER A 399 32.98 15.14 26.05
CA SER A 399 33.40 13.79 26.44
C SER A 399 34.66 13.79 27.30
N ARG A 400 35.60 14.66 26.96
CA ARG A 400 36.85 14.78 27.72
C ARG A 400 37.13 16.22 28.13
N LYS A 401 36.65 16.60 29.30
CA LYS A 401 36.89 17.94 29.82
C LYS A 401 38.34 18.06 30.29
N GLU A 402 39.01 16.92 30.44
CA GLU A 402 40.38 16.90 30.93
C GLU A 402 41.37 17.40 29.88
N VAL A 403 41.01 17.29 28.61
CA VAL A 403 41.89 17.77 27.54
C VAL A 403 41.29 18.97 26.80
N GLN A 404 41.93 20.12 26.98
CA GLN A 404 41.51 21.37 26.36
C GLN A 404 41.95 21.38 24.90
N ILE A 405 41.05 21.83 24.02
CA ILE A 405 41.32 21.79 22.58
C ILE A 405 41.76 23.15 22.02
N LEU A 406 40.83 24.09 21.96
CA LEU A 406 41.15 25.43 21.48
C LEU A 406 41.49 26.36 22.65
N LYS A 407 42.69 26.94 22.60
CA LYS A 407 43.13 27.86 23.64
C LYS A 407 43.41 29.23 23.04
N GLY A 408 42.49 30.16 23.22
CA GLY A 408 42.64 31.49 22.68
C GLY A 408 42.67 31.48 21.15
N LEU A 409 41.67 30.85 20.55
CA LEU A 409 41.57 30.79 19.10
C LEU A 409 41.07 32.13 18.55
N ASN A 410 41.85 32.74 17.67
CA ASN A 410 41.43 33.99 17.03
C ASN A 410 41.53 33.92 15.52
N LEU A 411 40.41 34.16 14.85
CA LEU A 411 40.37 34.03 13.40
C LEU A 411 39.20 34.76 12.77
N LYS A 412 39.49 35.73 11.91
CA LYS A 412 38.46 36.46 11.19
C LYS A 412 38.39 35.99 9.74
N VAL A 413 37.20 36.06 9.14
CA VAL A 413 37.04 35.73 7.73
C VAL A 413 36.23 36.80 7.02
N LYS A 414 36.82 37.41 5.99
CA LYS A 414 36.15 38.46 5.22
C LYS A 414 35.04 37.90 4.34
N SER A 415 34.14 38.78 3.89
CA SER A 415 33.02 38.39 3.04
C SER A 415 33.47 37.78 1.72
N GLY A 416 32.87 36.65 1.37
CA GLY A 416 33.15 35.98 0.11
C GLY A 416 34.55 35.39 0.05
N GLN A 417 35.38 35.76 1.01
CA GLN A 417 36.75 35.30 1.08
C GLN A 417 36.80 33.84 1.49
N THR A 418 37.63 33.06 0.79
CA THR A 418 37.77 31.64 1.11
C THR A 418 39.02 31.40 1.96
N VAL A 419 38.82 30.84 3.15
CA VAL A 419 39.90 30.62 4.10
C VAL A 419 40.11 29.13 4.34
N ALA A 420 41.36 28.70 4.26
CA ALA A 420 41.70 27.29 4.45
C ALA A 420 42.34 27.04 5.80
N LEU A 421 42.06 25.87 6.38
CA LEU A 421 42.65 25.50 7.65
C LEU A 421 43.59 24.31 7.48
N VAL A 422 44.78 24.43 8.07
CA VAL A 422 45.81 23.41 7.95
C VAL A 422 46.71 23.42 9.19
N GLY A 423 47.75 22.61 9.17
CA GLY A 423 48.72 22.58 10.26
C GLY A 423 48.91 21.21 10.88
N ASN A 424 47.89 20.36 10.73
CA ASN A 424 47.87 19.02 11.32
C ASN A 424 48.08 19.05 12.83
N SER A 425 47.34 19.94 13.50
CA SER A 425 47.41 20.03 14.95
C SER A 425 46.65 18.87 15.58
N GLY A 426 45.33 19.00 15.64
CA GLY A 426 44.48 17.98 16.20
C GLY A 426 43.06 18.14 15.70
N CYS A 427 42.09 17.72 16.51
CA CYS A 427 40.67 17.84 16.16
C CYS A 427 40.26 19.30 15.98
N GLY A 428 41.04 20.19 16.60
CA GLY A 428 40.81 21.62 16.60
C GLY A 428 40.24 22.17 15.30
N LYS A 429 40.87 21.81 14.19
CA LYS A 429 40.40 22.16 12.85
C LYS A 429 38.89 22.04 12.77
N SER A 430 38.40 20.81 12.75
CA SER A 430 36.98 20.54 12.60
C SER A 430 36.18 21.15 13.72
N THR A 431 36.79 21.26 14.91
CA THR A 431 36.11 21.84 16.05
C THR A 431 35.65 23.24 15.71
N THR A 432 36.53 23.99 15.04
CA THR A 432 36.17 25.34 14.61
C THR A 432 34.92 25.27 13.74
N VAL A 433 34.95 24.39 12.75
CA VAL A 433 33.80 24.14 11.90
C VAL A 433 32.60 23.75 12.76
N GLN A 434 32.84 22.88 13.72
CA GLN A 434 31.79 22.40 14.60
C GLN A 434 31.27 23.52 15.49
N LEU A 435 32.14 24.49 15.77
CA LEU A 435 31.73 25.64 16.56
C LEU A 435 30.95 26.62 15.69
N MET A 436 31.17 26.56 14.39
CA MET A 436 30.62 27.55 13.48
C MET A 436 29.13 27.39 13.23
N GLN A 437 28.69 26.16 13.07
CA GLN A 437 27.26 25.88 12.94
C GLN A 437 26.61 25.85 14.31
N ARG A 438 27.42 26.19 15.32
CA ARG A 438 27.00 26.18 16.72
C ARG A 438 26.46 24.81 17.13
N LEU A 439 27.30 23.79 16.95
CA LEU A 439 26.99 22.47 17.47
C LEU A 439 27.24 22.51 18.97
N TYR A 440 28.45 22.93 19.33
CA TYR A 440 28.79 23.15 20.72
C TYR A 440 28.81 24.65 20.98
N ASP A 441 29.01 25.01 22.24
CA ASP A 441 29.23 26.40 22.59
C ASP A 441 30.57 26.51 23.31
N PRO A 442 31.34 27.56 22.98
CA PRO A 442 32.69 27.75 23.51
C PRO A 442 32.70 27.87 25.03
N LEU A 443 33.74 27.33 25.66
CA LEU A 443 33.87 27.41 27.11
C LEU A 443 34.16 28.85 27.53
N ASP A 444 35.13 29.47 26.88
CA ASP A 444 35.44 30.87 27.10
C ASP A 444 35.61 31.56 25.77
N GLY A 445 35.00 32.73 25.60
CA GLY A 445 35.05 33.45 24.34
C GLY A 445 33.79 33.28 23.52
N MET A 446 33.72 34.00 22.40
CA MET A 446 32.51 34.02 21.59
C MET A 446 32.82 33.91 20.11
N VAL A 447 31.89 33.34 19.36
CA VAL A 447 31.98 33.27 17.90
C VAL A 447 30.98 34.24 17.28
N SER A 448 31.48 35.33 16.71
CA SER A 448 30.62 36.38 16.20
C SER A 448 30.52 36.42 14.68
N ILE A 449 29.28 36.44 14.18
CA ILE A 449 29.01 36.80 12.79
C ILE A 449 28.55 38.25 12.79
N ASP A 450 29.30 39.11 12.10
CA ASP A 450 29.04 40.55 12.10
C ASP A 450 29.16 41.17 13.48
N GLY A 451 28.24 42.07 13.82
CA GLY A 451 28.27 42.78 15.10
C GLY A 451 27.46 42.09 16.17
N GLN A 452 26.94 40.90 15.85
CA GLN A 452 26.16 40.12 16.80
C GLN A 452 26.80 38.77 17.05
N ASP A 453 26.59 38.25 18.25
CA ASP A 453 27.09 36.92 18.57
C ASP A 453 26.20 35.87 17.90
N ILE A 454 26.74 34.67 17.76
CA ILE A 454 26.03 33.58 17.11
C ILE A 454 24.92 33.03 18.02
N ARG A 455 24.96 33.39 19.29
CA ARG A 455 23.96 32.92 20.23
C ARG A 455 22.80 33.90 20.30
N THR A 456 23.04 35.14 19.89
CA THR A 456 22.01 36.17 19.88
C THR A 456 21.07 36.01 18.67
N ILE A 457 21.31 34.97 17.89
CA ILE A 457 20.46 34.69 16.74
C ILE A 457 19.82 33.31 16.85
N ASN A 458 18.60 33.19 16.33
CA ASN A 458 17.89 31.92 16.24
C ASN A 458 18.80 30.87 15.64
N VAL A 459 18.65 29.62 16.07
CA VAL A 459 19.55 28.55 15.65
C VAL A 459 19.08 27.85 14.36
N ARG A 460 17.77 27.70 14.22
CA ARG A 460 17.19 27.20 12.99
C ARG A 460 17.66 28.05 11.82
N TYR A 461 17.37 29.34 11.91
CA TYR A 461 17.76 30.32 10.90
C TYR A 461 19.28 30.34 10.71
N LEU A 462 20.02 30.10 11.78
CA LEU A 462 21.48 30.06 11.71
C LEU A 462 21.93 28.94 10.80
N ARG A 463 21.35 27.76 10.98
CA ARG A 463 21.78 26.60 10.22
C ARG A 463 21.16 26.55 8.82
N GLU A 464 20.12 27.35 8.61
CA GLU A 464 19.53 27.50 7.28
C GLU A 464 20.40 28.42 6.44
N ILE A 465 21.12 29.31 7.11
CA ILE A 465 22.06 30.20 6.42
C ILE A 465 23.49 29.71 6.54
N ILE A 466 23.66 28.47 7.00
CA ILE A 466 24.99 27.87 7.03
C ILE A 466 24.98 26.47 6.43
N GLY A 467 25.57 26.35 5.24
CA GLY A 467 25.72 25.07 4.57
C GLY A 467 26.96 24.35 5.06
N VAL A 468 27.04 23.06 4.77
CA VAL A 468 28.14 22.24 5.25
C VAL A 468 28.22 20.93 4.49
N VAL A 469 29.44 20.55 4.11
CA VAL A 469 29.70 19.27 3.46
C VAL A 469 30.69 18.46 4.30
N SER A 470 30.27 17.28 4.77
CA SER A 470 31.07 16.52 5.71
C SER A 470 32.11 15.64 5.00
N GLN A 471 33.00 15.03 5.78
CA GLN A 471 34.04 14.17 5.23
C GLN A 471 33.42 12.90 4.64
N GLU A 472 32.37 12.42 5.28
CA GLU A 472 31.63 11.25 4.80
C GLU A 472 30.24 11.66 4.38
N PRO A 473 29.94 11.51 3.08
CA PRO A 473 28.63 11.88 2.54
C PRO A 473 27.58 10.97 3.14
N VAL A 474 26.32 11.37 3.04
CA VAL A 474 25.24 10.56 3.59
C VAL A 474 23.91 10.87 2.91
N LEU A 475 23.24 9.82 2.45
CA LEU A 475 21.97 9.97 1.76
C LEU A 475 20.89 9.09 2.38
N PHE A 476 19.68 9.62 2.49
CA PHE A 476 18.59 8.91 3.12
C PHE A 476 17.91 7.96 2.13
N ALA A 477 17.44 6.83 2.65
CA ALA A 477 16.77 5.84 1.83
C ALA A 477 15.50 6.41 1.22
N THR A 478 15.66 7.11 0.11
CA THR A 478 14.54 7.64 -0.66
C THR A 478 15.01 7.96 -2.07
N THR A 479 14.31 8.87 -2.73
CA THR A 479 14.70 9.28 -4.07
C THR A 479 15.73 10.40 -4.00
N ILE A 480 16.44 10.62 -5.11
CA ILE A 480 17.37 11.73 -5.20
C ILE A 480 16.61 13.02 -4.95
N ALA A 481 15.48 13.16 -5.63
CA ALA A 481 14.59 14.30 -5.44
C ALA A 481 14.29 14.50 -3.97
N GLU A 482 13.89 13.42 -3.29
CA GLU A 482 13.58 13.48 -1.86
C GLU A 482 14.81 13.83 -1.01
N ASN A 483 15.97 13.33 -1.41
CA ASN A 483 17.22 13.64 -0.71
C ASN A 483 17.53 15.13 -0.82
N ILE A 484 17.11 15.72 -1.93
CA ILE A 484 17.26 17.16 -2.15
C ILE A 484 16.26 17.92 -1.29
N ARG A 485 15.00 17.45 -1.27
CA ARG A 485 13.93 18.10 -0.51
C ARG A 485 14.31 18.35 0.95
N TYR A 486 15.15 17.46 1.49
CA TYR A 486 15.57 17.56 2.88
C TYR A 486 16.44 18.78 3.14
N GLY A 487 16.83 19.48 2.07
CA GLY A 487 17.58 20.71 2.21
C GLY A 487 16.62 21.88 2.28
N ARG A 488 15.49 21.74 1.58
CA ARG A 488 14.46 22.76 1.57
C ARG A 488 13.17 22.13 1.04
N GLU A 489 12.09 22.24 1.80
CA GLU A 489 10.86 21.55 1.44
C GLU A 489 10.14 22.16 0.24
N ASP A 490 9.99 23.48 0.24
CA ASP A 490 9.20 24.16 -0.79
C ASP A 490 9.97 24.45 -2.08
N VAL A 491 10.63 23.43 -2.61
CA VAL A 491 11.37 23.59 -3.86
C VAL A 491 10.72 22.89 -5.04
N THR A 492 10.49 23.64 -6.12
CA THR A 492 9.92 23.07 -7.33
C THR A 492 10.92 22.12 -7.97
N MET A 493 10.42 21.26 -8.85
CA MET A 493 11.27 20.29 -9.55
C MET A 493 12.36 21.00 -10.35
N ASP A 494 11.99 22.12 -10.96
CA ASP A 494 12.93 22.91 -11.76
C ASP A 494 14.09 23.41 -10.90
N GLU A 495 13.78 23.95 -9.72
CA GLU A 495 14.81 24.42 -8.79
C GLU A 495 15.74 23.28 -8.41
N ILE A 496 15.15 22.09 -8.21
CA ILE A 496 15.94 20.91 -7.92
C ILE A 496 16.89 20.61 -9.06
N GLU A 497 16.37 20.68 -10.29
CA GLU A 497 17.19 20.46 -11.49
C GLU A 497 18.37 21.41 -11.54
N LYS A 498 18.05 22.70 -11.59
CA LYS A 498 19.05 23.77 -11.60
C LYS A 498 20.12 23.55 -10.54
N ALA A 499 19.68 23.19 -9.34
CA ALA A 499 20.60 22.95 -8.23
C ALA A 499 21.50 21.74 -8.48
N VAL A 500 20.93 20.68 -9.04
CA VAL A 500 21.69 19.49 -9.37
C VAL A 500 22.77 19.84 -10.38
N LYS A 501 22.39 20.62 -11.38
CA LYS A 501 23.32 21.06 -12.41
C LYS A 501 24.45 21.87 -11.78
N GLU A 502 24.11 22.71 -10.81
CA GLU A 502 25.10 23.53 -10.11
C GLU A 502 26.14 22.69 -9.35
N ALA A 503 25.88 21.39 -9.25
CA ALA A 503 26.76 20.51 -8.49
C ALA A 503 27.39 19.45 -9.39
N ASN A 504 27.34 19.69 -10.69
CA ASN A 504 27.86 18.75 -11.68
C ASN A 504 27.42 17.32 -11.46
N ALA A 505 26.12 17.15 -11.20
CA ALA A 505 25.57 15.84 -10.90
C ALA A 505 24.46 15.47 -11.88
N TYR A 506 24.05 16.43 -12.70
CA TYR A 506 22.94 16.25 -13.62
C TYR A 506 23.21 15.19 -14.69
N ASP A 507 24.49 14.92 -14.94
CA ASP A 507 24.87 13.94 -15.95
C ASP A 507 24.50 12.51 -15.55
N PHE A 508 25.19 11.97 -14.54
CA PHE A 508 24.98 10.57 -14.14
C PHE A 508 23.57 10.28 -13.62
N ILE A 509 22.96 11.28 -12.98
CA ILE A 509 21.60 11.13 -12.47
C ILE A 509 20.63 10.94 -13.63
N MET A 510 20.82 11.73 -14.69
CA MET A 510 20.02 11.58 -15.89
C MET A 510 20.27 10.24 -16.56
N LYS A 511 21.41 9.62 -16.26
CA LYS A 511 21.74 8.32 -16.80
C LYS A 511 21.10 7.21 -15.97
N LEU A 512 20.70 7.54 -14.75
CA LEU A 512 20.04 6.56 -13.88
C LEU A 512 18.70 6.12 -14.47
N PRO A 513 18.35 4.85 -14.27
CA PRO A 513 17.15 4.26 -14.88
C PRO A 513 15.86 5.01 -14.57
N HIS A 514 15.65 5.33 -13.30
CA HIS A 514 14.41 5.94 -12.85
C HIS A 514 14.56 7.46 -12.67
N GLN A 515 15.61 8.01 -13.27
CA GLN A 515 15.89 9.44 -13.20
C GLN A 515 15.98 9.96 -11.77
N PHE A 516 15.14 10.92 -11.42
CA PHE A 516 15.18 11.54 -10.10
C PHE A 516 14.39 10.73 -9.07
N ASP A 517 13.74 9.69 -9.53
CA ASP A 517 12.99 8.83 -8.63
C ASP A 517 13.79 7.58 -8.33
N THR A 518 15.06 7.60 -8.75
CA THR A 518 15.99 6.51 -8.50
C THR A 518 16.28 6.41 -7.00
N LEU A 519 16.17 5.21 -6.46
CA LEU A 519 16.40 5.00 -5.03
C LEU A 519 17.87 5.12 -4.68
N VAL A 520 18.14 5.53 -3.44
CA VAL A 520 19.52 5.63 -2.95
C VAL A 520 19.58 5.39 -1.45
N GLY A 521 20.74 5.67 -0.86
CA GLY A 521 20.90 5.55 0.58
C GLY A 521 21.43 4.20 1.01
N GLU A 522 20.83 3.65 2.08
CA GLU A 522 21.26 2.36 2.59
C GLU A 522 20.87 1.23 1.65
N ARG A 523 19.57 0.98 1.53
CA ARG A 523 19.11 -0.14 0.72
C ARG A 523 18.61 0.31 -0.65
N GLY A 524 19.28 -0.15 -1.70
CA GLY A 524 18.87 0.14 -3.06
C GLY A 524 19.80 1.06 -3.83
N ALA A 525 20.29 0.57 -4.97
CA ALA A 525 21.12 1.36 -5.91
C ALA A 525 22.29 2.09 -5.26
N GLN A 526 23.39 1.37 -5.07
CA GLN A 526 24.58 1.93 -4.45
C GLN A 526 25.36 2.80 -5.42
N LEU A 527 25.87 3.93 -4.93
CA LEU A 527 26.61 4.85 -5.77
C LEU A 527 28.06 4.98 -5.32
N SER A 528 28.87 5.66 -6.11
CA SER A 528 30.25 5.91 -5.74
C SER A 528 30.30 7.07 -4.76
N GLY A 529 31.40 7.20 -4.03
CA GLY A 529 31.59 8.28 -3.08
C GLY A 529 31.48 9.64 -3.72
N GLY A 530 32.00 9.75 -4.95
CA GLY A 530 31.96 11.00 -5.67
C GLY A 530 30.55 11.45 -5.98
N GLN A 531 29.76 10.55 -6.57
CA GLN A 531 28.38 10.86 -6.94
C GLN A 531 27.53 11.18 -5.71
N LYS A 532 27.60 10.29 -4.73
CA LYS A 532 26.92 10.46 -3.46
C LYS A 532 27.23 11.83 -2.84
N GLN A 533 28.52 12.17 -2.80
CA GLN A 533 28.94 13.46 -2.25
C GLN A 533 28.40 14.63 -3.04
N ARG A 534 28.48 14.54 -4.37
CA ARG A 534 27.99 15.62 -5.23
C ARG A 534 26.50 15.89 -5.02
N ILE A 535 25.70 14.82 -4.91
CA ILE A 535 24.28 14.98 -4.65
C ILE A 535 24.12 15.81 -3.40
N ALA A 536 24.97 15.55 -2.41
CA ALA A 536 24.92 16.28 -1.16
C ALA A 536 25.29 17.74 -1.35
N ILE A 537 26.30 17.98 -2.17
CA ILE A 537 26.71 19.34 -2.50
C ILE A 537 25.49 20.08 -3.05
N ALA A 538 24.71 19.38 -3.87
CA ALA A 538 23.48 19.95 -4.42
C ALA A 538 22.47 20.23 -3.33
N ARG A 539 22.23 19.23 -2.49
CA ARG A 539 21.29 19.35 -1.37
C ARG A 539 21.59 20.62 -0.55
N ALA A 540 22.85 20.80 -0.19
CA ALA A 540 23.27 21.99 0.52
C ALA A 540 23.03 23.23 -0.33
N LEU A 541 23.35 23.16 -1.61
CA LEU A 541 23.20 24.31 -2.50
C LEU A 541 21.76 24.80 -2.64
N VAL A 542 20.80 23.90 -2.44
CA VAL A 542 19.38 24.24 -2.56
C VAL A 542 18.96 25.24 -1.48
N ARG A 543 19.59 25.16 -0.31
CA ARG A 543 19.31 26.05 0.81
C ARG A 543 19.69 27.49 0.50
N ASN A 544 20.66 27.65 -0.40
CA ASN A 544 21.26 28.95 -0.70
C ASN A 544 21.86 29.60 0.55
N PRO A 545 22.93 29.00 1.10
CA PRO A 545 23.54 29.54 2.32
C PRO A 545 24.50 30.68 1.97
N LYS A 546 24.69 31.61 2.91
CA LYS A 546 25.65 32.68 2.68
C LYS A 546 26.99 32.31 3.30
N ILE A 547 27.05 31.15 3.93
CA ILE A 547 28.29 30.64 4.49
C ILE A 547 28.42 29.17 4.14
N LEU A 548 29.61 28.73 3.74
CA LEU A 548 29.80 27.37 3.29
C LEU A 548 30.99 26.70 3.96
N LEU A 549 30.70 25.67 4.76
CA LEU A 549 31.72 24.94 5.49
C LEU A 549 32.07 23.63 4.79
N LEU A 550 33.36 23.36 4.62
CA LEU A 550 33.81 22.12 3.96
C LEU A 550 34.83 21.36 4.80
N ASP A 551 34.37 20.35 5.51
CA ASP A 551 35.24 19.54 6.35
C ASP A 551 35.66 18.27 5.61
N GLU A 552 36.86 18.31 5.03
CA GLU A 552 37.43 17.17 4.32
C GLU A 552 36.50 16.65 3.22
N ALA A 553 35.94 17.57 2.44
CA ALA A 553 34.96 17.21 1.41
C ALA A 553 35.55 16.31 0.31
N THR A 554 36.83 16.53 -0.02
CA THR A 554 37.50 15.75 -1.04
C THR A 554 38.10 14.48 -0.46
N SER A 555 38.24 14.43 0.86
CA SER A 555 38.90 13.31 1.52
C SER A 555 38.18 11.98 1.27
N ALA A 556 38.93 10.90 1.36
CA ALA A 556 38.42 9.55 1.11
C ALA A 556 37.78 9.40 -0.28
N LEU A 557 38.43 9.98 -1.28
CA LEU A 557 37.96 9.87 -2.66
C LEU A 557 39.14 9.69 -3.62
N ASP A 558 38.90 8.96 -4.70
CA ASP A 558 39.92 8.71 -5.70
C ASP A 558 40.30 10.00 -6.40
N THR A 559 41.41 9.97 -7.12
CA THR A 559 41.95 11.19 -7.75
C THR A 559 41.16 11.64 -8.97
N GLU A 560 40.30 10.76 -9.49
CA GLU A 560 39.50 11.08 -10.66
C GLU A 560 38.21 11.81 -10.28
N SER A 561 37.50 11.27 -9.31
CA SER A 561 36.25 11.86 -8.83
C SER A 561 36.54 13.20 -8.14
N GLU A 562 37.66 13.23 -7.44
CA GLU A 562 38.14 14.42 -6.73
C GLU A 562 38.14 15.66 -7.64
N ALA A 563 38.44 15.44 -8.92
CA ALA A 563 38.45 16.53 -9.90
C ALA A 563 37.07 17.16 -10.06
N VAL A 564 36.06 16.34 -10.35
CA VAL A 564 34.71 16.83 -10.58
C VAL A 564 34.08 17.38 -9.29
N VAL A 565 34.35 16.69 -8.19
CA VAL A 565 33.84 17.11 -6.89
C VAL A 565 34.37 18.51 -6.56
N GLN A 566 35.69 18.66 -6.57
CA GLN A 566 36.33 19.95 -6.33
C GLN A 566 35.88 21.00 -7.36
N ALA A 567 35.53 20.53 -8.55
CA ALA A 567 35.04 21.42 -9.59
C ALA A 567 33.72 22.05 -9.17
N ALA A 568 32.78 21.22 -8.74
CA ALA A 568 31.49 21.73 -8.25
C ALA A 568 31.70 22.62 -7.04
N LEU A 569 32.56 22.18 -6.13
CA LEU A 569 32.86 22.93 -4.91
C LEU A 569 33.38 24.33 -5.19
N ASP A 570 34.30 24.45 -6.13
CA ASP A 570 34.87 25.74 -6.47
C ASP A 570 33.81 26.69 -7.00
N LYS A 571 32.82 26.12 -7.69
CA LYS A 571 31.73 26.91 -8.22
C LYS A 571 30.68 27.18 -7.14
N ALA A 572 30.78 26.44 -6.05
CA ALA A 572 29.88 26.64 -4.92
C ALA A 572 30.47 27.64 -3.91
N ARG A 573 31.75 27.93 -4.04
CA ARG A 573 32.42 28.90 -3.19
C ARG A 573 32.20 30.33 -3.72
N GLU A 574 31.38 30.43 -4.77
CA GLU A 574 31.12 31.72 -5.40
C GLU A 574 29.98 32.47 -4.72
N GLY A 575 30.21 33.74 -4.43
CA GLY A 575 29.22 34.57 -3.76
C GLY A 575 29.04 34.19 -2.30
N ARG A 576 29.84 33.23 -1.85
CA ARG A 576 29.71 32.70 -0.49
C ARG A 576 31.01 32.78 0.30
N THR A 577 30.86 33.00 1.60
CA THR A 577 32.00 32.97 2.51
C THR A 577 32.31 31.52 2.87
N THR A 578 33.49 31.04 2.50
CA THR A 578 33.81 29.62 2.62
C THR A 578 35.03 29.33 3.48
N ILE A 579 34.86 28.48 4.48
CA ILE A 579 35.99 27.95 5.23
C ILE A 579 36.16 26.49 4.82
N VAL A 580 37.41 26.06 4.60
CA VAL A 580 37.65 24.71 4.09
C VAL A 580 38.86 24.04 4.72
N ILE A 581 38.66 22.79 5.11
CA ILE A 581 39.74 21.96 5.63
C ILE A 581 39.86 20.73 4.75
N ALA A 582 41.06 20.46 4.27
CA ALA A 582 41.30 19.26 3.47
C ALA A 582 42.66 18.66 3.83
N HIS A 583 42.76 17.34 3.74
CA HIS A 583 44.01 16.66 4.05
C HIS A 583 45.01 16.88 2.93
N ARG A 584 44.50 17.02 1.71
CA ARG A 584 45.33 17.21 0.54
C ARG A 584 45.56 18.70 0.28
N LEU A 585 46.81 19.13 0.40
CA LEU A 585 47.14 20.54 0.27
C LEU A 585 47.10 21.05 -1.17
N SER A 586 46.67 20.18 -2.08
CA SER A 586 46.61 20.52 -3.50
C SER A 586 45.60 21.62 -3.76
N THR A 587 44.41 21.47 -3.20
CA THR A 587 43.31 22.40 -3.42
C THR A 587 43.32 23.49 -2.36
N VAL A 588 44.41 23.59 -1.62
CA VAL A 588 44.54 24.54 -0.52
C VAL A 588 45.15 25.88 -0.97
N ARG A 589 46.14 25.82 -1.85
CA ARG A 589 46.85 27.01 -2.31
C ARG A 589 45.96 28.02 -3.02
N ASN A 590 44.77 27.57 -3.42
CA ASN A 590 43.85 28.40 -4.19
C ASN A 590 42.97 29.28 -3.31
N ALA A 591 43.16 29.15 -2.00
CA ALA A 591 42.38 29.93 -1.05
C ALA A 591 42.92 31.35 -0.93
N ASP A 592 42.14 32.23 -0.31
CA ASP A 592 42.56 33.61 -0.10
C ASP A 592 43.48 33.71 1.10
N VAL A 593 43.06 33.10 2.20
CA VAL A 593 43.86 33.09 3.43
C VAL A 593 44.13 31.67 3.88
N ILE A 594 45.37 31.40 4.26
CA ILE A 594 45.73 30.11 4.81
C ILE A 594 46.08 30.28 6.28
N ALA A 595 45.40 29.52 7.14
CA ALA A 595 45.64 29.58 8.57
C ALA A 595 46.26 28.28 9.07
N GLY A 596 47.34 28.40 9.85
CA GLY A 596 48.03 27.25 10.39
C GLY A 596 47.73 26.99 11.85
N PHE A 597 47.65 25.72 12.22
CA PHE A 597 47.34 25.33 13.58
C PHE A 597 48.50 24.63 14.26
N ASP A 598 49.04 25.24 15.30
CA ASP A 598 50.03 24.61 16.15
C ASP A 598 49.54 24.74 17.59
N GLY A 599 49.23 23.61 18.21
CA GLY A 599 48.65 23.64 19.54
C GLY A 599 47.23 24.18 19.47
N GLY A 600 46.86 25.00 20.44
CA GLY A 600 45.51 25.51 20.54
C GLY A 600 45.29 26.87 19.91
N VAL A 601 46.39 27.58 19.64
CA VAL A 601 46.32 28.91 19.08
C VAL A 601 46.66 28.90 17.59
N ILE A 602 46.20 29.91 16.87
CA ILE A 602 46.55 30.06 15.47
C ILE A 602 47.78 30.94 15.31
N VAL A 603 48.87 30.35 14.83
CA VAL A 603 50.14 31.07 14.76
C VAL A 603 50.35 31.79 13.43
N GLU A 604 50.51 31.04 12.35
CA GLU A 604 50.79 31.64 11.04
C GLU A 604 49.54 31.81 10.18
N GLN A 605 49.30 33.03 9.73
CA GLN A 605 48.11 33.35 8.95
C GLN A 605 48.42 34.40 7.88
N GLY A 606 47.97 34.14 6.66
CA GLY A 606 48.20 35.04 5.55
C GLY A 606 48.13 34.33 4.22
N ASN A 607 48.71 34.94 3.20
CA ASN A 607 48.69 34.37 1.85
C ASN A 607 49.58 33.14 1.74
N HIS A 608 49.38 32.38 0.67
CA HIS A 608 50.15 31.19 0.36
C HIS A 608 51.66 31.48 0.36
N ASP A 609 52.03 32.58 -0.29
CA ASP A 609 53.42 32.96 -0.45
C ASP A 609 54.07 33.36 0.87
N GLU A 610 53.30 33.99 1.75
CA GLU A 610 53.82 34.38 3.06
C GLU A 610 54.15 33.15 3.90
N LEU A 611 53.28 32.15 3.84
CA LEU A 611 53.48 30.92 4.61
C LEU A 611 54.61 30.08 4.03
N MET A 612 54.78 30.15 2.71
CA MET A 612 55.90 29.46 2.09
C MET A 612 57.22 30.13 2.44
N ARG A 613 57.19 31.46 2.53
CA ARG A 613 58.39 32.25 2.77
C ARG A 613 58.86 32.18 4.23
N GLU A 614 57.92 32.05 5.16
CA GLU A 614 58.23 32.01 6.58
C GLU A 614 58.63 30.60 7.05
N LYS A 615 58.56 29.64 6.13
CA LYS A 615 58.93 28.24 6.40
C LYS A 615 58.25 27.67 7.64
N GLY A 616 56.94 27.91 7.75
CA GLY A 616 56.19 27.50 8.92
C GLY A 616 55.72 26.07 8.89
N ILE A 617 54.69 25.78 9.69
CA ILE A 617 54.12 24.43 9.77
C ILE A 617 53.51 24.03 8.43
N TYR A 618 52.94 25.01 7.74
CA TYR A 618 52.38 24.79 6.41
C TYR A 618 53.46 24.28 5.48
N PHE A 619 54.62 24.94 5.53
CA PHE A 619 55.77 24.59 4.70
C PHE A 619 56.28 23.20 5.04
N LYS A 620 56.26 22.87 6.32
CA LYS A 620 56.70 21.55 6.78
C LYS A 620 55.77 20.46 6.25
N LEU A 621 54.48 20.73 6.28
CA LEU A 621 53.50 19.76 5.77
C LEU A 621 53.63 19.59 4.26
N VAL A 622 53.88 20.70 3.56
CA VAL A 622 54.04 20.66 2.11
C VAL A 622 55.22 19.78 1.72
N MET A 623 56.34 19.93 2.44
CA MET A 623 57.54 19.16 2.11
C MET A 623 57.45 17.71 2.61
N THR A 624 56.67 17.48 3.66
CA THR A 624 56.54 16.12 4.18
C THR A 624 55.52 15.31 3.36
N GLN A 625 54.62 16.00 2.68
CA GLN A 625 53.62 15.34 1.84
C GLN A 625 53.98 15.44 0.36
N THR A 626 55.18 15.94 0.07
CA THR A 626 55.68 16.13 -1.29
C THR A 626 54.72 16.96 -2.12
N LYS A 681 18.62 -12.13 11.71
CA LYS A 681 18.99 -13.47 11.27
C LYS A 681 18.36 -14.52 12.17
N GLU A 682 17.61 -14.07 13.18
CA GLU A 682 16.97 -14.97 14.14
C GLU A 682 15.83 -15.77 13.52
N ALA A 683 14.96 -15.09 12.78
CA ALA A 683 13.82 -15.77 12.16
C ALA A 683 14.29 -16.59 10.95
N LEU A 684 15.19 -16.00 10.18
CA LEU A 684 15.77 -16.66 9.01
C LEU A 684 16.39 -18.02 9.34
N ASP A 685 16.99 -18.11 10.53
CA ASP A 685 17.57 -19.37 10.99
C ASP A 685 16.48 -20.40 11.27
N GLU A 686 15.47 -20.01 12.04
CA GLU A 686 14.45 -20.95 12.50
C GLU A 686 13.46 -21.33 11.40
N ASP A 687 13.44 -20.56 10.31
CA ASP A 687 12.50 -20.83 9.23
C ASP A 687 12.90 -22.02 8.36
N VAL A 688 14.17 -22.03 7.95
CA VAL A 688 14.65 -23.04 7.01
C VAL A 688 14.48 -24.53 7.34
N PRO A 689 14.64 -24.94 8.63
CA PRO A 689 14.55 -26.39 8.83
C PRO A 689 13.12 -26.92 8.90
N PRO A 690 12.80 -27.92 8.07
CA PRO A 690 11.55 -28.67 8.24
C PRO A 690 11.79 -29.66 9.36
N ALA A 691 10.81 -30.51 9.68
CA ALA A 691 11.03 -31.62 10.61
C ALA A 691 11.31 -31.09 12.04
N SER A 692 11.37 -31.93 13.09
CA SER A 692 11.26 -33.39 13.02
C SER A 692 10.32 -33.97 14.07
N PHE A 693 9.31 -34.71 13.62
CA PHE A 693 8.33 -35.32 14.52
C PHE A 693 8.90 -36.49 15.29
N TRP A 694 9.28 -36.22 16.54
CA TRP A 694 9.66 -37.26 17.50
C TRP A 694 10.85 -38.14 17.11
N ARG A 695 11.68 -37.65 16.20
CA ARG A 695 12.92 -38.33 15.91
C ARG A 695 13.97 -37.88 16.91
N ILE A 696 13.75 -36.69 17.46
CA ILE A 696 14.68 -36.10 18.43
C ILE A 696 14.91 -37.02 19.63
N LEU A 697 13.89 -37.79 19.97
CA LEU A 697 13.96 -38.70 21.10
C LEU A 697 15.07 -39.73 20.87
N LYS A 698 15.31 -40.06 19.60
CA LYS A 698 16.34 -41.02 19.24
C LYS A 698 17.74 -40.57 19.68
N LEU A 699 17.91 -39.27 19.87
CA LEU A 699 19.17 -38.72 20.36
C LEU A 699 19.40 -39.10 21.82
N ASN A 700 18.36 -39.00 22.62
CA ASN A 700 18.44 -39.28 24.05
C ASN A 700 18.31 -40.78 24.33
N SER A 701 18.01 -41.55 23.29
CA SER A 701 17.75 -42.98 23.40
C SER A 701 18.95 -43.80 23.89
N THR A 702 20.13 -43.18 23.93
CA THR A 702 21.35 -43.85 24.36
C THR A 702 21.30 -44.30 25.82
N GLU A 703 20.36 -43.75 26.58
CA GLU A 703 20.15 -44.19 27.96
C GLU A 703 18.70 -44.59 28.21
N TRP A 704 18.37 -45.82 27.85
CA TRP A 704 17.06 -46.39 28.14
C TRP A 704 16.58 -46.32 29.61
N PRO A 705 17.44 -46.68 30.59
CA PRO A 705 16.96 -46.88 31.97
C PRO A 705 16.30 -45.67 32.58
N TYR A 706 16.98 -44.52 32.53
CA TYR A 706 16.47 -43.28 33.08
C TYR A 706 15.06 -43.00 32.58
N PHE A 707 14.83 -43.29 31.31
CA PHE A 707 13.50 -43.11 30.74
C PHE A 707 12.53 -44.21 31.18
N VAL A 708 13.04 -45.42 31.38
CA VAL A 708 12.20 -46.52 31.85
C VAL A 708 11.60 -46.19 33.22
N VAL A 709 12.44 -45.75 34.14
CA VAL A 709 11.97 -45.33 35.46
C VAL A 709 11.12 -44.08 35.31
N GLY A 710 11.58 -43.18 34.45
CA GLY A 710 10.93 -41.90 34.25
C GLY A 710 9.47 -42.01 33.84
N ILE A 711 9.18 -42.86 32.86
CA ILE A 711 7.82 -42.99 32.35
C ILE A 711 6.85 -43.57 33.40
N PHE A 712 7.28 -44.61 34.12
CA PHE A 712 6.45 -45.22 35.15
C PHE A 712 6.18 -44.20 36.24
N CYS A 713 7.26 -43.53 36.67
CA CYS A 713 7.15 -42.48 37.68
C CYS A 713 6.16 -41.41 37.25
N ALA A 714 6.22 -41.06 35.97
CA ALA A 714 5.34 -40.03 35.40
C ALA A 714 3.89 -40.50 35.40
N ILE A 715 3.68 -41.78 35.16
CA ILE A 715 2.33 -42.33 35.19
C ILE A 715 1.77 -42.35 36.61
N ILE A 716 2.64 -42.60 37.59
CA ILE A 716 2.21 -42.56 38.99
C ILE A 716 1.84 -41.14 39.40
N ASN A 717 2.78 -40.21 39.20
CA ASN A 717 2.54 -38.81 39.52
C ASN A 717 1.35 -38.25 38.74
N GLY A 718 1.04 -38.90 37.62
CA GLY A 718 -0.10 -38.51 36.80
C GLY A 718 -1.41 -39.04 37.34
N GLY A 719 -1.40 -40.28 37.81
CA GLY A 719 -2.58 -40.90 38.37
C GLY A 719 -2.84 -40.41 39.77
N LEU A 720 -1.89 -39.62 40.28
CA LEU A 720 -2.02 -39.03 41.60
C LEU A 720 -3.15 -38.01 41.66
N GLN A 721 -3.37 -37.28 40.58
CA GLN A 721 -4.43 -36.27 40.51
C GLN A 721 -5.87 -36.82 40.51
N PRO A 722 -6.17 -37.83 39.66
CA PRO A 722 -7.49 -38.45 39.69
C PRO A 722 -7.80 -39.01 41.07
N ALA A 723 -6.80 -39.60 41.70
CA ALA A 723 -6.92 -40.08 43.06
C ALA A 723 -7.42 -38.97 43.98
N PHE A 724 -6.82 -37.79 43.88
CA PHE A 724 -7.18 -36.67 44.73
C PHE A 724 -8.66 -36.32 44.62
N SER A 725 -9.13 -36.08 43.40
CA SER A 725 -10.53 -35.69 43.18
C SER A 725 -11.51 -36.78 43.65
N VAL A 726 -11.06 -38.03 43.62
CA VAL A 726 -11.83 -39.11 44.20
C VAL A 726 -11.89 -38.95 45.71
N ILE A 727 -10.72 -38.88 46.34
CA ILE A 727 -10.63 -38.79 47.79
C ILE A 727 -11.28 -37.51 48.33
N PHE A 728 -11.23 -36.43 47.55
CA PHE A 728 -11.93 -35.21 47.93
C PHE A 728 -13.43 -35.42 47.94
N SER A 729 -13.93 -36.12 46.92
CA SER A 729 -15.36 -36.39 46.80
C SER A 729 -15.83 -37.35 47.87
N LYS A 730 -14.87 -38.09 48.43
CA LYS A 730 -15.17 -39.03 49.49
C LYS A 730 -15.18 -38.34 50.86
N VAL A 731 -14.46 -37.23 50.96
CA VAL A 731 -14.46 -36.42 52.18
C VAL A 731 -15.84 -35.80 52.40
N VAL A 732 -16.33 -35.09 51.40
CA VAL A 732 -17.60 -34.40 51.52
C VAL A 732 -18.76 -35.35 51.23
N GLY A 733 -18.47 -36.48 50.61
CA GLY A 733 -19.47 -37.47 50.30
C GLY A 733 -20.09 -38.07 51.56
N VAL A 734 -19.24 -38.38 52.53
CA VAL A 734 -19.68 -38.96 53.79
C VAL A 734 -20.47 -37.93 54.61
N PHE A 735 -20.36 -36.66 54.22
CA PHE A 735 -21.11 -35.59 54.89
C PHE A 735 -22.19 -35.01 53.99
N THR A 736 -22.46 -35.67 52.86
CA THR A 736 -23.56 -35.27 51.99
C THR A 736 -24.47 -36.45 51.73
N ASN A 737 -23.91 -37.66 51.76
CA ASN A 737 -24.69 -38.87 51.59
C ASN A 737 -25.02 -39.52 52.94
N GLY A 738 -24.84 -38.74 54.00
CA GLY A 738 -25.22 -39.14 55.35
C GLY A 738 -24.60 -40.44 55.83
N GLY A 739 -25.45 -41.44 56.03
CA GLY A 739 -25.01 -42.73 56.53
C GLY A 739 -24.97 -42.76 58.04
N PRO A 740 -24.26 -43.73 58.61
CA PRO A 740 -24.09 -43.81 60.06
C PRO A 740 -23.22 -42.67 60.57
N PRO A 741 -23.73 -41.87 61.51
CA PRO A 741 -22.96 -40.79 62.14
C PRO A 741 -21.72 -41.33 62.85
N GLU A 742 -21.81 -42.54 63.41
CA GLU A 742 -20.66 -43.14 64.06
C GLU A 742 -19.54 -43.41 63.07
N THR A 743 -19.89 -43.51 61.79
CA THR A 743 -18.90 -43.73 60.75
C THR A 743 -18.56 -42.44 60.02
N GLN A 744 -18.96 -41.30 60.59
CA GLN A 744 -18.63 -40.01 59.99
C GLN A 744 -17.21 -39.59 60.35
N ARG A 745 -16.76 -39.99 61.54
CA ARG A 745 -15.41 -39.68 61.99
C ARG A 745 -14.41 -40.68 61.45
N GLN A 746 -14.72 -41.96 61.66
CA GLN A 746 -13.88 -43.06 61.20
C GLN A 746 -13.50 -42.89 59.72
N ASN A 747 -14.45 -42.41 58.93
CA ASN A 747 -14.18 -42.12 57.52
C ASN A 747 -13.39 -40.84 57.35
N SER A 748 -13.82 -39.79 58.04
CA SER A 748 -13.19 -38.46 57.96
C SER A 748 -11.68 -38.56 58.07
N ASN A 749 -11.23 -38.91 59.27
CA ASN A 749 -9.81 -39.07 59.57
C ASN A 749 -9.09 -39.99 58.60
N LEU A 750 -9.80 -40.96 58.03
CA LEU A 750 -9.18 -41.83 57.05
C LEU A 750 -8.79 -41.06 55.80
N PHE A 751 -9.75 -40.31 55.26
CA PHE A 751 -9.53 -39.62 54.01
C PHE A 751 -8.54 -38.47 54.16
N SER A 752 -8.72 -37.70 55.22
CA SER A 752 -7.79 -36.62 55.56
C SER A 752 -6.37 -37.15 55.61
N LEU A 753 -6.13 -38.15 56.45
CA LEU A 753 -4.82 -38.77 56.54
C LEU A 753 -4.38 -39.28 55.17
N LEU A 754 -5.33 -39.84 54.43
CA LEU A 754 -5.00 -40.42 53.14
C LEU A 754 -4.47 -39.34 52.21
N PHE A 755 -5.01 -38.12 52.34
CA PHE A 755 -4.53 -37.00 51.53
C PHE A 755 -3.05 -36.79 51.77
N LEU A 756 -2.65 -36.83 53.04
CA LEU A 756 -1.25 -36.63 53.39
C LEU A 756 -0.44 -37.77 52.80
N ILE A 757 -1.03 -38.96 52.76
CA ILE A 757 -0.39 -40.08 52.11
C ILE A 757 -0.18 -39.74 50.64
N LEU A 758 -1.25 -39.25 50.02
CA LEU A 758 -1.19 -38.84 48.62
C LEU A 758 -0.19 -37.71 48.41
N GLY A 759 0.18 -37.04 49.49
CA GLY A 759 1.21 -36.02 49.43
C GLY A 759 2.57 -36.64 49.41
N ILE A 760 2.79 -37.63 50.29
CA ILE A 760 4.10 -38.26 50.44
C ILE A 760 4.60 -38.83 49.12
N ILE A 761 3.78 -39.67 48.49
CA ILE A 761 4.10 -40.25 47.19
C ILE A 761 4.38 -39.17 46.13
N SER A 762 3.71 -38.03 46.25
CA SER A 762 3.92 -36.93 45.32
C SER A 762 5.33 -36.34 45.45
N PHE A 763 5.87 -36.36 46.66
CA PHE A 763 7.23 -35.91 46.88
C PHE A 763 8.20 -37.00 46.47
N ILE A 764 7.70 -38.22 46.37
CA ILE A 764 8.54 -39.34 45.96
C ILE A 764 8.79 -39.27 44.46
N THR A 765 7.70 -39.24 43.68
CA THR A 765 7.79 -39.18 42.23
C THR A 765 8.75 -38.11 41.71
N PHE A 766 8.54 -36.87 42.14
CA PHE A 766 9.39 -35.75 41.73
C PHE A 766 10.84 -35.91 42.17
N PHE A 767 11.07 -36.61 43.28
CA PHE A 767 12.44 -36.83 43.73
C PHE A 767 13.08 -37.84 42.80
N LEU A 768 12.26 -38.75 42.29
CA LEU A 768 12.72 -39.81 41.41
C LEU A 768 12.91 -39.28 40.01
N GLN A 769 11.93 -38.52 39.53
CA GLN A 769 11.96 -37.92 38.20
C GLN A 769 13.20 -37.05 38.01
N GLY A 770 13.56 -36.28 39.03
CA GLY A 770 14.73 -35.42 38.98
C GLY A 770 16.05 -36.17 38.96
N PHE A 771 15.97 -37.48 39.08
CA PHE A 771 17.13 -38.34 38.99
C PHE A 771 17.08 -39.11 37.68
N THR A 772 15.89 -39.24 37.13
CA THR A 772 15.73 -39.94 35.86
C THR A 772 15.93 -38.99 34.69
N PHE A 773 14.86 -38.29 34.33
CA PHE A 773 14.90 -37.37 33.20
C PHE A 773 15.91 -36.24 33.40
N GLY A 774 15.95 -35.70 34.61
CA GLY A 774 16.86 -34.62 34.97
C GLY A 774 18.28 -34.90 34.54
N LYS A 775 18.79 -36.07 34.91
CA LYS A 775 20.13 -36.46 34.50
C LYS A 775 20.18 -36.69 33.00
N ALA A 776 19.16 -37.37 32.48
CA ALA A 776 19.12 -37.78 31.08
C ALA A 776 19.43 -36.62 30.14
N GLY A 777 18.52 -35.65 30.08
CA GLY A 777 18.67 -34.49 29.23
C GLY A 777 19.99 -33.76 29.40
N GLU A 778 20.60 -33.92 30.58
CA GLU A 778 21.88 -33.26 30.85
C GLU A 778 23.01 -34.05 30.22
N ILE A 779 23.03 -35.37 30.42
CA ILE A 779 24.01 -36.21 29.74
C ILE A 779 23.87 -35.93 28.26
N LEU A 780 22.63 -36.08 27.78
CA LEU A 780 22.27 -35.78 26.41
C LEU A 780 22.82 -34.45 25.96
N THR A 781 22.75 -33.44 26.82
CA THR A 781 23.31 -32.12 26.49
C THR A 781 24.81 -32.23 26.22
N LYS A 782 25.56 -32.69 27.22
CA LYS A 782 27.01 -32.75 27.11
C LYS A 782 27.40 -33.47 25.84
N ARG A 783 27.03 -34.74 25.80
CA ARG A 783 27.26 -35.60 24.65
C ARG A 783 26.93 -34.85 23.36
N LEU A 784 25.74 -34.25 23.32
CA LEU A 784 25.28 -33.62 22.09
C LEU A 784 26.27 -32.56 21.64
N ARG A 785 26.61 -31.66 22.56
CA ARG A 785 27.53 -30.58 22.24
C ARG A 785 28.79 -31.16 21.63
N TYR A 786 29.31 -32.20 22.26
CA TYR A 786 30.51 -32.86 21.77
C TYR A 786 30.31 -33.20 20.30
N MET A 787 29.29 -34.02 20.03
CA MET A 787 28.99 -34.41 18.67
C MET A 787 28.88 -33.19 17.79
N VAL A 788 28.09 -32.23 18.25
CA VAL A 788 27.83 -31.02 17.48
C VAL A 788 29.16 -30.37 17.13
N PHE A 789 29.99 -30.18 18.13
CA PHE A 789 31.24 -29.46 17.92
C PHE A 789 32.06 -30.24 16.90
N LYS A 790 32.10 -31.56 17.06
CA LYS A 790 32.87 -32.39 16.16
C LYS A 790 32.34 -32.18 14.75
N SER A 791 31.02 -32.17 14.64
CA SER A 791 30.36 -32.02 13.35
C SER A 791 30.81 -30.71 12.72
N MET A 792 30.93 -29.67 13.54
CA MET A 792 31.29 -28.36 13.04
C MET A 792 32.70 -28.37 12.46
N LEU A 793 33.55 -29.20 13.03
CA LEU A 793 34.93 -29.26 12.56
C LEU A 793 35.04 -30.11 11.32
N ARG A 794 34.00 -30.87 11.00
CA ARG A 794 34.00 -31.73 9.83
C ARG A 794 33.68 -30.93 8.56
N GLN A 795 32.90 -29.88 8.74
CA GLN A 795 32.40 -29.09 7.61
C GLN A 795 33.47 -28.53 6.72
N ASP A 796 33.08 -28.20 5.49
CA ASP A 796 33.97 -27.54 4.56
C ASP A 796 34.15 -26.09 4.98
N VAL A 797 35.05 -25.39 4.31
CA VAL A 797 35.22 -23.97 4.58
C VAL A 797 34.10 -23.23 3.88
N SER A 798 33.46 -23.89 2.92
CA SER A 798 32.35 -23.29 2.19
C SER A 798 31.13 -23.07 3.07
N TRP A 799 31.09 -23.75 4.22
CA TRP A 799 29.94 -23.70 5.13
C TRP A 799 30.06 -22.56 6.13
N PHE A 800 31.28 -22.16 6.46
CA PHE A 800 31.51 -21.08 7.42
C PHE A 800 31.49 -19.73 6.70
N ASP A 801 31.62 -19.77 5.38
CA ASP A 801 31.52 -18.58 4.56
C ASP A 801 30.05 -18.23 4.35
N ASP A 802 29.20 -19.25 4.44
CA ASP A 802 27.75 -19.09 4.39
C ASP A 802 27.33 -18.02 5.40
N PRO A 803 26.58 -17.02 4.93
CA PRO A 803 26.21 -15.86 5.76
C PRO A 803 25.43 -16.19 7.02
N LYS A 804 24.87 -17.39 7.11
CA LYS A 804 24.04 -17.75 8.27
C LYS A 804 24.82 -18.39 9.41
N ASN A 805 26.06 -18.82 9.15
CA ASN A 805 26.85 -19.51 10.16
C ASN A 805 28.09 -18.74 10.62
N THR A 806 27.92 -17.89 11.62
CA THR A 806 29.03 -17.13 12.17
C THR A 806 29.49 -17.71 13.52
N THR A 807 30.70 -17.34 13.94
CA THR A 807 31.27 -17.85 15.17
C THR A 807 30.37 -17.57 16.37
N GLY A 808 29.71 -16.41 16.35
CA GLY A 808 28.76 -16.05 17.39
C GLY A 808 27.48 -16.87 17.31
N ALA A 809 26.92 -16.98 16.12
CA ALA A 809 25.70 -17.77 15.91
C ALA A 809 25.97 -19.25 16.14
N LEU A 810 27.17 -19.69 15.81
CA LEU A 810 27.54 -21.09 16.01
C LEU A 810 27.76 -21.40 17.48
N THR A 811 28.48 -20.53 18.18
CA THR A 811 28.74 -20.74 19.60
C THR A 811 27.45 -20.60 20.40
N THR A 812 26.52 -19.79 19.90
CA THR A 812 25.22 -19.62 20.53
C THR A 812 24.37 -20.85 20.28
N ARG A 813 24.43 -21.37 19.05
CA ARG A 813 23.78 -22.62 18.69
C ARG A 813 24.28 -23.74 19.60
N LEU A 814 25.55 -23.63 19.97
CA LEU A 814 26.19 -24.62 20.81
C LEU A 814 25.79 -24.44 22.27
N ALA A 815 25.55 -23.20 22.67
CA ALA A 815 25.32 -22.89 24.08
C ALA A 815 23.86 -23.04 24.52
N ASN A 816 22.92 -22.81 23.61
CA ASN A 816 21.51 -22.77 23.98
C ASN A 816 20.71 -23.95 23.43
N ASP A 817 20.66 -24.05 22.10
CA ASP A 817 19.85 -25.06 21.44
C ASP A 817 20.29 -26.48 21.79
N ALA A 818 21.56 -26.65 22.12
CA ALA A 818 22.11 -27.95 22.47
C ALA A 818 21.64 -28.39 23.85
N ALA A 819 21.47 -27.43 24.74
CA ALA A 819 20.98 -27.72 26.09
C ALA A 819 19.48 -27.94 26.06
N GLN A 820 18.78 -27.05 25.35
CA GLN A 820 17.31 -27.05 25.33
C GLN A 820 16.68 -28.24 24.62
N VAL A 821 17.50 -29.01 23.90
CA VAL A 821 17.02 -30.21 23.21
C VAL A 821 16.36 -31.17 24.20
N LYS A 822 16.81 -31.11 25.45
CA LYS A 822 16.32 -32.01 26.49
C LYS A 822 14.83 -31.80 26.68
N GLY A 823 14.37 -30.61 26.35
CA GLY A 823 12.96 -30.27 26.42
C GLY A 823 12.10 -31.25 25.64
N ALA A 824 12.57 -31.66 24.47
CA ALA A 824 11.76 -32.53 23.63
C ALA A 824 11.93 -34.01 23.95
N THR A 825 12.84 -34.34 24.86
CA THR A 825 13.11 -35.73 25.20
C THR A 825 12.39 -36.18 26.46
N GLY A 826 13.10 -36.14 27.58
CA GLY A 826 12.56 -36.59 28.84
C GLY A 826 11.34 -35.81 29.29
N SER A 827 11.49 -34.50 29.35
CA SER A 827 10.44 -33.63 29.88
C SER A 827 9.10 -33.81 29.18
N ARG A 828 9.15 -33.94 27.86
CA ARG A 828 7.91 -34.07 27.09
C ARG A 828 7.25 -35.43 27.31
N LEU A 829 8.07 -36.47 27.45
CA LEU A 829 7.53 -37.78 27.82
C LEU A 829 6.84 -37.71 29.16
N ALA A 830 7.49 -37.03 30.10
CA ALA A 830 6.95 -36.85 31.45
C ALA A 830 5.60 -36.16 31.38
N VAL A 831 5.52 -35.10 30.59
CA VAL A 831 4.29 -34.34 30.44
C VAL A 831 3.17 -35.16 29.79
N ILE A 832 3.47 -35.82 28.67
CA ILE A 832 2.45 -36.56 27.94
C ILE A 832 1.94 -37.73 28.78
N PHE A 833 2.79 -38.27 29.64
CA PHE A 833 2.40 -39.39 30.49
C PHE A 833 1.65 -38.96 31.75
N GLN A 834 2.05 -37.84 32.35
CA GLN A 834 1.31 -37.29 33.49
C GLN A 834 -0.09 -36.87 33.03
N ASN A 835 -0.14 -36.27 31.85
CA ASN A 835 -1.42 -35.90 31.25
C ASN A 835 -2.29 -37.13 30.95
N ILE A 836 -1.73 -38.09 30.23
CA ILE A 836 -2.53 -39.24 29.83
C ILE A 836 -2.97 -40.08 31.04
N ALA A 837 -2.17 -40.05 32.10
CA ALA A 837 -2.53 -40.75 33.33
C ALA A 837 -3.66 -40.01 34.02
N ASN A 838 -3.47 -38.71 34.19
CA ASN A 838 -4.47 -37.86 34.83
C ASN A 838 -5.81 -37.90 34.11
N LEU A 839 -5.87 -37.27 32.95
CA LEU A 839 -7.11 -37.20 32.19
C LEU A 839 -7.58 -38.58 31.77
N GLY A 840 -6.63 -39.48 31.52
CA GLY A 840 -6.99 -40.84 31.15
C GLY A 840 -7.74 -41.58 32.24
N THR A 841 -7.06 -41.90 33.33
CA THR A 841 -7.68 -42.64 34.42
C THR A 841 -8.87 -41.86 35.00
N GLY A 842 -8.69 -40.55 35.10
CA GLY A 842 -9.72 -39.65 35.60
C GLY A 842 -11.00 -39.70 34.80
N ILE A 843 -10.87 -39.80 33.48
CA ILE A 843 -12.07 -39.89 32.63
C ILE A 843 -12.75 -41.25 32.77
N ILE A 844 -11.99 -42.30 33.10
CA ILE A 844 -12.57 -43.61 33.34
C ILE A 844 -13.42 -43.54 34.60
N ILE A 845 -12.83 -42.99 35.66
CA ILE A 845 -13.53 -42.83 36.94
C ILE A 845 -14.80 -42.00 36.80
N SER A 846 -14.68 -40.83 36.17
CA SER A 846 -15.84 -39.97 35.97
C SER A 846 -16.87 -40.62 35.06
N LEU A 847 -16.41 -41.52 34.19
CA LEU A 847 -17.33 -42.25 33.31
C LEU A 847 -18.11 -43.33 34.06
N ILE A 848 -17.49 -43.97 35.06
CA ILE A 848 -18.23 -44.95 35.84
C ILE A 848 -19.18 -44.29 36.84
N TYR A 849 -18.75 -43.17 37.44
CA TYR A 849 -19.62 -42.51 38.42
C TYR A 849 -20.70 -41.61 37.79
N GLY A 850 -20.73 -41.54 36.46
CA GLY A 850 -21.69 -40.71 35.77
C GLY A 850 -21.68 -40.97 34.27
N TRP A 851 -22.86 -41.10 33.70
CA TRP A 851 -22.98 -41.38 32.28
C TRP A 851 -23.26 -40.10 31.54
N GLN A 852 -24.48 -39.60 31.74
CA GLN A 852 -24.91 -38.38 31.07
C GLN A 852 -24.09 -37.16 31.54
N LEU A 853 -23.79 -37.11 32.83
CA LEU A 853 -23.04 -35.97 33.38
C LEU A 853 -21.62 -35.93 32.82
N THR A 854 -20.98 -37.10 32.82
CA THR A 854 -19.63 -37.20 32.29
C THR A 854 -19.60 -36.86 30.81
N LEU A 855 -20.62 -37.30 30.08
CA LEU A 855 -20.75 -36.99 28.66
C LEU A 855 -20.97 -35.51 28.40
N LEU A 856 -21.61 -34.83 29.35
CA LEU A 856 -21.77 -33.39 29.26
C LEU A 856 -20.44 -32.69 29.54
N LEU A 857 -19.70 -33.21 30.51
CA LEU A 857 -18.42 -32.59 30.91
C LEU A 857 -17.29 -32.77 29.90
N LEU A 858 -17.19 -33.97 29.33
CA LEU A 858 -16.21 -34.22 28.28
C LEU A 858 -16.61 -33.47 27.01
N ALA A 859 -17.74 -32.76 27.06
CA ALA A 859 -18.17 -31.91 25.97
C ALA A 859 -17.83 -30.45 26.29
N ILE A 860 -18.20 -30.02 27.49
CA ILE A 860 -17.97 -28.64 27.92
C ILE A 860 -16.47 -28.34 28.03
N VAL A 861 -15.74 -29.19 28.75
CA VAL A 861 -14.33 -28.95 29.03
C VAL A 861 -13.43 -28.79 27.79
N PRO A 862 -13.54 -29.70 26.80
CA PRO A 862 -12.71 -29.48 25.61
C PRO A 862 -13.04 -28.18 24.89
N ILE A 863 -14.32 -27.79 24.90
CA ILE A 863 -14.73 -26.55 24.23
C ILE A 863 -14.10 -25.32 24.88
N ILE A 864 -14.01 -25.31 26.21
CA ILE A 864 -13.36 -24.22 26.92
C ILE A 864 -11.85 -24.28 26.68
N ALA A 865 -11.35 -25.50 26.51
CA ALA A 865 -9.93 -25.74 26.28
C ALA A 865 -9.50 -25.20 24.93
N ILE A 866 -10.36 -25.36 23.93
CA ILE A 866 -10.10 -24.80 22.61
C ILE A 866 -10.07 -23.28 22.70
N ALA A 867 -10.97 -22.72 23.51
CA ALA A 867 -11.03 -21.28 23.73
C ALA A 867 -9.75 -20.75 24.38
N GLY A 868 -9.17 -21.56 25.27
CA GLY A 868 -7.94 -21.19 25.94
C GLY A 868 -6.75 -21.17 24.99
N VAL A 869 -6.88 -21.92 23.90
CA VAL A 869 -5.86 -21.93 22.86
C VAL A 869 -6.02 -20.72 21.96
N VAL A 870 -7.26 -20.50 21.51
CA VAL A 870 -7.60 -19.35 20.67
C VAL A 870 -7.28 -18.05 21.40
N GLU A 871 -7.40 -18.07 22.72
CA GLU A 871 -7.02 -16.92 23.55
C GLU A 871 -5.55 -16.55 23.36
N MET A 872 -4.67 -17.55 23.33
CA MET A 872 -3.24 -17.31 23.15
C MET A 872 -2.85 -17.34 21.68
N LYS A 873 -3.86 -17.38 20.82
CA LYS A 873 -3.65 -17.33 19.37
C LYS A 873 -3.86 -15.91 18.86
N MET A 874 -5.00 -15.33 19.22
CA MET A 874 -5.32 -13.96 18.83
C MET A 874 -4.57 -12.96 19.70
N LEU A 875 -3.97 -13.45 20.78
CA LEU A 875 -3.17 -12.60 21.65
C LEU A 875 -1.79 -12.39 21.03
N SER A 876 -1.07 -13.49 20.83
CA SER A 876 0.25 -13.42 20.20
C SER A 876 0.15 -13.05 18.73
N GLY A 877 -0.95 -13.46 18.10
CA GLY A 877 -1.18 -13.20 16.69
C GLY A 877 -1.26 -11.71 16.37
N GLN A 878 -2.12 -11.00 17.09
CA GLN A 878 -2.24 -9.56 16.91
C GLN A 878 -1.20 -8.81 17.73
N ALA A 879 -0.32 -9.55 18.39
CA ALA A 879 0.83 -8.96 19.04
C ALA A 879 1.95 -8.80 18.01
N LEU A 880 2.01 -9.74 17.08
CA LEU A 880 3.00 -9.69 16.01
C LEU A 880 2.58 -8.72 14.91
N LYS A 881 1.29 -8.73 14.58
CA LYS A 881 0.75 -7.84 13.54
C LYS A 881 0.97 -6.37 13.88
N ASP A 882 0.98 -6.07 15.18
CA ASP A 882 1.17 -4.70 15.64
C ASP A 882 2.62 -4.25 15.49
N LYS A 883 3.55 -5.17 15.71
CA LYS A 883 4.97 -4.86 15.62
C LYS A 883 5.39 -4.72 14.16
N LYS A 884 4.82 -5.56 13.30
CA LYS A 884 5.17 -5.57 11.89
C LYS A 884 4.68 -4.32 11.17
N GLU A 885 3.71 -3.62 11.78
CA GLU A 885 3.24 -2.36 11.22
C GLU A 885 3.90 -1.22 11.98
N LEU A 886 4.73 -1.57 12.95
CA LEU A 886 5.44 -0.58 13.75
C LEU A 886 6.87 -0.38 13.26
N GLU A 887 7.32 -1.26 12.37
CA GLU A 887 8.64 -1.15 11.79
C GLU A 887 8.67 0.00 10.80
N GLY A 888 7.49 0.38 10.30
CA GLY A 888 7.36 1.50 9.40
C GLY A 888 7.75 2.78 10.11
N SER A 889 7.57 2.78 11.42
CA SER A 889 8.03 3.88 12.26
C SER A 889 9.48 3.66 12.65
N GLY A 890 9.78 2.42 13.03
CA GLY A 890 11.11 2.05 13.48
C GLY A 890 12.19 2.46 12.51
N LYS A 891 11.94 2.24 11.23
CA LYS A 891 12.88 2.63 10.18
C LYS A 891 13.13 4.14 10.21
N ILE A 892 12.04 4.90 10.21
CA ILE A 892 12.12 6.36 10.20
C ILE A 892 12.95 6.85 11.37
N ALA A 893 12.63 6.35 12.56
CA ALA A 893 13.34 6.74 13.77
C ALA A 893 14.83 6.41 13.67
N THR A 894 15.13 5.15 13.37
CA THR A 894 16.50 4.67 13.25
C THR A 894 17.34 5.53 12.31
N GLU A 895 16.85 5.71 11.10
CA GLU A 895 17.54 6.51 10.10
C GLU A 895 17.73 7.92 10.63
N ALA A 896 16.73 8.40 11.36
CA ALA A 896 16.77 9.75 11.92
C ALA A 896 17.73 9.88 13.10
N ILE A 897 18.15 8.75 13.66
CA ILE A 897 19.02 8.75 14.83
C ILE A 897 20.48 8.51 14.46
N GLU A 898 20.74 7.45 13.70
CA GLU A 898 22.10 7.10 13.33
C GLU A 898 22.77 8.20 12.50
N ASN A 899 21.95 8.99 11.81
CA ASN A 899 22.48 10.13 11.04
C ASN A 899 21.97 11.45 11.61
N PHE A 900 21.76 11.49 12.92
CA PHE A 900 21.27 12.69 13.60
C PHE A 900 22.23 13.85 13.41
N ARG A 901 23.52 13.57 13.57
CA ARG A 901 24.56 14.57 13.46
C ARG A 901 24.55 15.21 12.07
N THR A 902 23.99 14.49 11.11
CA THR A 902 23.84 14.98 9.74
C THR A 902 22.61 15.87 9.60
N VAL A 903 21.44 15.29 9.85
CA VAL A 903 20.17 16.00 9.69
C VAL A 903 20.17 17.32 10.46
N VAL A 904 20.77 17.31 11.65
CA VAL A 904 20.78 18.49 12.52
C VAL A 904 21.41 19.70 11.82
N SER A 905 22.28 19.45 10.85
CA SER A 905 22.92 20.51 10.07
C SER A 905 22.04 20.94 8.90
N LEU A 906 21.06 20.11 8.57
CA LEU A 906 20.09 20.46 7.54
C LEU A 906 18.78 20.82 8.20
N THR A 907 18.82 21.10 9.50
CA THR A 907 17.63 21.23 10.33
C THR A 907 16.72 20.02 10.08
N ARG A 908 15.49 20.29 9.63
CA ARG A 908 14.55 19.25 9.25
C ARG A 908 14.40 18.13 10.29
N GLU A 909 14.62 18.44 11.55
CA GLU A 909 14.39 17.48 12.61
C GLU A 909 12.89 17.35 12.82
N GLN A 910 12.21 18.49 12.70
CA GLN A 910 10.76 18.55 12.85
C GLN A 910 10.09 17.85 11.67
N LYS A 911 10.75 17.87 10.52
CA LYS A 911 10.25 17.15 9.35
C LYS A 911 10.31 15.64 9.60
N PHE A 912 11.37 15.20 10.28
CA PHE A 912 11.49 13.79 10.65
C PHE A 912 10.47 13.42 11.70
N GLU A 913 10.22 14.32 12.64
CA GLU A 913 9.18 14.10 13.64
C GLU A 913 7.84 13.93 12.96
N THR A 914 7.57 14.79 11.98
CA THR A 914 6.33 14.73 11.22
C THR A 914 6.23 13.41 10.45
N MET A 915 7.35 12.94 9.92
CA MET A 915 7.37 11.64 9.26
C MET A 915 7.00 10.54 10.25
N TYR A 916 7.62 10.60 11.42
CA TYR A 916 7.41 9.63 12.49
C TYR A 916 5.94 9.54 12.90
N ALA A 917 5.33 10.70 13.09
CA ALA A 917 3.92 10.75 13.45
C ALA A 917 3.06 10.19 12.31
N GLN A 918 3.41 10.56 11.08
CA GLN A 918 2.70 10.04 9.91
C GLN A 918 2.83 8.52 9.78
N SER A 919 3.87 7.96 10.38
CA SER A 919 4.04 6.52 10.40
C SER A 919 3.27 5.92 11.56
N LEU A 920 3.07 6.71 12.60
CA LEU A 920 2.41 6.24 13.82
C LEU A 920 0.88 6.32 13.75
N GLN A 921 0.37 7.12 12.84
CA GLN A 921 -1.06 7.39 12.80
C GLN A 921 -1.91 6.18 12.41
N ILE A 922 -1.27 5.16 11.83
CA ILE A 922 -1.99 3.98 11.37
C ILE A 922 -2.07 2.86 12.43
N PRO A 923 -0.98 2.62 13.18
CA PRO A 923 -1.16 1.62 14.23
C PRO A 923 -1.88 2.16 15.47
N TYR A 924 -1.97 3.48 15.61
CA TYR A 924 -2.69 4.07 16.74
C TYR A 924 -4.18 4.05 16.46
N ARG A 925 -4.53 4.13 15.19
CA ARG A 925 -5.93 4.04 14.78
C ARG A 925 -6.40 2.60 14.95
N ASN A 926 -5.47 1.66 14.94
CA ASN A 926 -5.77 0.25 15.16
C ASN A 926 -5.52 -0.21 16.58
N ALA A 927 -5.54 0.73 17.53
CA ALA A 927 -5.42 0.40 18.94
C ALA A 927 -6.81 0.34 19.59
N MET A 928 -7.74 1.09 19.01
CA MET A 928 -9.14 1.06 19.45
C MET A 928 -9.70 -0.33 19.23
N LYS A 929 -9.73 -0.73 17.96
CA LYS A 929 -10.22 -2.04 17.58
C LYS A 929 -9.43 -3.14 18.30
N LYS A 930 -8.15 -2.87 18.53
CA LYS A 930 -7.31 -3.79 19.29
C LYS A 930 -7.86 -4.02 20.70
N ALA A 931 -8.08 -2.92 21.41
CA ALA A 931 -8.65 -3.00 22.76
C ALA A 931 -9.98 -3.73 22.75
N HIS A 932 -10.84 -3.39 21.80
CA HIS A 932 -12.13 -4.07 21.69
C HIS A 932 -11.94 -5.58 21.53
N VAL A 933 -10.95 -5.96 20.74
CA VAL A 933 -10.69 -7.37 20.48
C VAL A 933 -10.19 -8.11 21.72
N PHE A 934 -9.18 -7.55 22.38
CA PHE A 934 -8.70 -8.12 23.64
C PHE A 934 -9.87 -8.25 24.60
N GLY A 935 -10.73 -7.23 24.61
CA GLY A 935 -11.94 -7.25 25.40
C GLY A 935 -12.82 -8.46 25.12
N ILE A 936 -13.42 -8.50 23.93
CA ILE A 936 -14.39 -9.56 23.61
C ILE A 936 -13.79 -10.97 23.63
N THR A 937 -12.50 -11.09 23.34
CA THR A 937 -11.85 -12.39 23.42
C THR A 937 -11.72 -12.83 24.89
N PHE A 938 -11.13 -11.95 25.70
CA PHE A 938 -10.94 -12.22 27.12
C PHE A 938 -12.26 -12.53 27.81
N SER A 939 -13.29 -11.79 27.43
CA SER A 939 -14.61 -11.97 28.01
C SER A 939 -15.31 -13.20 27.48
N PHE A 940 -15.00 -13.59 26.25
CA PHE A 940 -15.54 -14.84 25.71
C PHE A 940 -14.95 -16.03 26.44
N THR A 941 -13.67 -15.99 26.75
CA THR A 941 -13.08 -17.06 27.52
C THR A 941 -13.66 -17.05 28.92
N GLN A 942 -13.66 -15.87 29.53
CA GLN A 942 -14.01 -15.73 30.94
C GLN A 942 -15.49 -16.02 31.24
N ALA A 943 -16.36 -15.73 30.28
CA ALA A 943 -17.81 -15.85 30.48
C ALA A 943 -18.25 -17.29 30.71
N MET A 944 -17.94 -18.17 29.76
CA MET A 944 -18.33 -19.56 29.84
C MET A 944 -17.50 -20.36 30.82
N MET A 945 -16.68 -19.68 31.61
CA MET A 945 -15.93 -20.34 32.68
C MET A 945 -16.82 -20.46 33.90
N TYR A 946 -17.92 -19.73 33.89
CA TYR A 946 -18.90 -19.79 34.98
C TYR A 946 -20.14 -20.52 34.46
N PHE A 947 -20.44 -20.31 33.18
CA PHE A 947 -21.54 -21.00 32.52
C PHE A 947 -21.34 -22.51 32.52
N SER A 948 -20.09 -22.94 32.64
CA SER A 948 -19.79 -24.37 32.70
C SER A 948 -20.20 -24.93 34.06
N TYR A 949 -19.90 -24.18 35.13
CA TYR A 949 -20.39 -24.52 36.46
C TYR A 949 -21.91 -24.60 36.40
N ALA A 950 -22.52 -23.58 35.80
CA ALA A 950 -23.97 -23.48 35.70
C ALA A 950 -24.59 -24.68 34.99
N ALA A 951 -24.02 -25.05 33.85
CA ALA A 951 -24.51 -26.17 33.06
C ALA A 951 -24.31 -27.49 33.80
N CYS A 952 -23.07 -27.76 34.20
CA CYS A 952 -22.74 -29.01 34.87
C CYS A 952 -23.56 -29.27 36.11
N PHE A 953 -23.70 -28.25 36.96
CA PHE A 953 -24.42 -28.43 38.21
C PHE A 953 -25.94 -28.46 38.04
N ARG A 954 -26.44 -27.80 37.00
CA ARG A 954 -27.87 -27.85 36.71
C ARG A 954 -28.24 -29.24 36.24
N PHE A 955 -27.50 -29.73 35.24
CA PHE A 955 -27.71 -31.06 34.70
C PHE A 955 -27.50 -32.11 35.78
N GLY A 956 -26.44 -31.95 36.56
CA GLY A 956 -26.11 -32.89 37.63
C GLY A 956 -27.18 -32.92 38.71
N ALA A 957 -27.71 -31.76 39.03
CA ALA A 957 -28.81 -31.67 40.00
C ALA A 957 -30.03 -32.40 39.44
N TYR A 958 -30.30 -32.16 38.16
CA TYR A 958 -31.37 -32.84 37.44
C TYR A 958 -31.20 -34.35 37.55
N LEU A 959 -29.95 -34.80 37.55
CA LEU A 959 -29.66 -36.21 37.71
C LEU A 959 -30.02 -36.66 39.12
N VAL A 960 -29.28 -36.13 40.10
CA VAL A 960 -29.42 -36.58 41.49
C VAL A 960 -30.86 -36.51 42.04
N THR A 961 -31.60 -35.48 41.68
CA THR A 961 -32.98 -35.34 42.11
C THR A 961 -33.83 -36.51 41.64
N GLN A 962 -33.74 -36.81 40.34
CA GLN A 962 -34.46 -37.95 39.80
C GLN A 962 -33.77 -39.24 40.20
N GLN A 963 -34.26 -40.36 39.68
CA GLN A 963 -33.75 -41.68 40.05
C GLN A 963 -32.25 -41.85 39.83
N LEU A 964 -31.69 -41.08 38.90
CA LEU A 964 -30.25 -41.13 38.61
C LEU A 964 -29.43 -40.60 39.79
N MET A 965 -28.43 -41.38 40.21
CA MET A 965 -27.68 -41.10 41.43
C MET A 965 -26.19 -40.90 41.16
N THR A 966 -25.52 -40.08 41.98
CA THR A 966 -26.15 -39.30 43.04
C THR A 966 -25.59 -37.89 43.01
N PHE A 967 -25.40 -37.28 44.18
CA PHE A 967 -24.72 -35.99 44.25
C PHE A 967 -23.21 -36.17 44.38
N GLU A 968 -22.80 -37.07 45.27
CA GLU A 968 -21.38 -37.35 45.49
C GLU A 968 -20.71 -37.71 44.17
N ASN A 969 -21.45 -38.43 43.33
CA ASN A 969 -21.00 -38.79 42.00
C ASN A 969 -20.90 -37.59 41.07
N VAL A 970 -21.83 -36.64 41.23
CA VAL A 970 -21.75 -35.41 40.46
C VAL A 970 -20.47 -34.65 40.78
N LEU A 971 -20.26 -34.43 42.08
CA LEU A 971 -19.07 -33.75 42.56
C LEU A 971 -17.81 -34.48 42.13
N LEU A 972 -17.87 -35.81 42.11
CA LEU A 972 -16.71 -36.62 41.72
C LEU A 972 -16.38 -36.45 40.25
N VAL A 973 -17.39 -36.58 39.39
CA VAL A 973 -17.20 -36.41 37.95
C VAL A 973 -16.64 -35.03 37.67
N PHE A 974 -17.33 -34.02 38.21
CA PHE A 974 -16.91 -32.63 38.08
C PHE A 974 -15.45 -32.45 38.45
N SER A 975 -15.10 -32.89 39.65
CA SER A 975 -13.74 -32.71 40.15
C SER A 975 -12.70 -33.41 39.28
N ALA A 976 -12.97 -34.67 38.94
CA ALA A 976 -12.05 -35.45 38.12
C ALA A 976 -11.77 -34.77 36.79
N ILE A 977 -12.82 -34.56 36.01
CA ILE A 977 -12.66 -34.00 34.68
C ILE A 977 -12.13 -32.57 34.68
N VAL A 978 -12.76 -31.70 35.46
CA VAL A 978 -12.39 -30.28 35.48
C VAL A 978 -11.03 -30.00 36.12
N PHE A 979 -10.84 -30.43 37.36
CA PHE A 979 -9.58 -30.16 38.04
C PHE A 979 -8.45 -31.03 37.47
N GLY A 980 -8.81 -32.13 36.82
CA GLY A 980 -7.86 -32.90 36.05
C GLY A 980 -7.42 -32.10 34.84
N ALA A 981 -8.38 -31.43 34.21
CA ALA A 981 -8.11 -30.59 33.05
C ALA A 981 -7.24 -29.40 33.42
N MET A 982 -7.41 -28.88 34.63
CA MET A 982 -6.53 -27.82 35.10
C MET A 982 -5.15 -28.38 35.41
N ALA A 983 -5.13 -29.60 35.95
CA ALA A 983 -3.88 -30.30 36.26
C ALA A 983 -3.02 -30.48 35.02
N VAL A 984 -3.63 -30.88 33.91
CA VAL A 984 -2.86 -31.03 32.67
C VAL A 984 -2.31 -29.68 32.21
N GLY A 985 -3.00 -28.61 32.57
CA GLY A 985 -2.53 -27.27 32.29
C GLY A 985 -1.25 -26.98 33.06
N GLN A 986 -1.28 -27.26 34.36
CA GLN A 986 -0.10 -27.05 35.18
C GLN A 986 1.09 -27.91 34.71
N VAL A 987 0.78 -29.13 34.28
CA VAL A 987 1.80 -30.06 33.79
C VAL A 987 2.39 -29.59 32.45
N SER A 988 1.56 -28.99 31.61
CA SER A 988 2.03 -28.38 30.38
C SER A 988 2.88 -27.15 30.66
N SER A 989 2.59 -26.47 31.76
CA SER A 989 3.32 -25.25 32.09
C SER A 989 4.66 -25.52 32.76
N PHE A 990 4.77 -26.66 33.44
CA PHE A 990 6.03 -27.03 34.08
C PHE A 990 7.18 -27.14 33.07
N ALA A 991 7.14 -28.15 32.22
CA ALA A 991 8.22 -28.43 31.26
C ALA A 991 8.48 -27.27 30.30
N PRO A 992 9.72 -27.21 29.75
CA PRO A 992 10.07 -26.21 28.74
C PRO A 992 9.14 -26.28 27.53
N ASP A 993 9.11 -25.20 26.74
CA ASP A 993 8.21 -25.13 25.60
C ASP A 993 8.62 -26.13 24.51
N TYR A 994 7.73 -27.06 24.23
CA TYR A 994 8.00 -28.14 23.28
C TYR A 994 8.33 -27.62 21.89
N ALA A 995 7.67 -26.52 21.50
CA ALA A 995 7.90 -25.92 20.20
C ALA A 995 9.35 -25.44 20.08
N LYS A 996 9.76 -24.59 21.01
CA LYS A 996 11.11 -24.06 21.03
C LYS A 996 12.13 -25.18 21.12
N ALA A 997 11.80 -26.20 21.92
CA ALA A 997 12.66 -27.36 22.08
C ALA A 997 12.89 -28.05 20.74
N THR A 998 11.80 -28.30 20.03
CA THR A 998 11.86 -29.02 18.76
C THR A 998 12.59 -28.25 17.67
N VAL A 999 12.24 -26.97 17.50
CA VAL A 999 12.93 -26.16 16.48
C VAL A 999 14.41 -25.98 16.82
N SER A 1000 14.72 -25.90 18.11
CA SER A 1000 16.11 -25.79 18.53
C SER A 1000 16.82 -27.14 18.49
N ALA A 1001 16.04 -28.20 18.31
CA ALA A 1001 16.59 -29.54 18.19
C ALA A 1001 16.92 -29.85 16.75
N SER A 1002 16.03 -29.42 15.85
CA SER A 1002 16.18 -29.69 14.42
C SER A 1002 17.51 -29.17 13.89
N HIS A 1003 17.91 -27.99 14.36
CA HIS A 1003 19.20 -27.43 13.98
C HIS A 1003 20.32 -28.36 14.42
N ILE A 1004 20.15 -28.96 15.59
CA ILE A 1004 21.15 -29.87 16.11
C ILE A 1004 21.24 -31.15 15.27
N ILE A 1005 20.11 -31.78 15.01
CA ILE A 1005 20.10 -33.02 14.22
C ILE A 1005 20.59 -32.80 12.78
N ARG A 1006 20.34 -31.60 12.24
CA ARG A 1006 20.84 -31.28 10.91
C ARG A 1006 22.34 -31.01 10.94
N ILE A 1007 22.80 -30.34 11.99
CA ILE A 1007 24.21 -30.04 12.14
C ILE A 1007 25.06 -31.31 12.31
N ILE A 1008 24.54 -32.28 13.06
CA ILE A 1008 25.30 -33.50 13.28
C ILE A 1008 25.28 -34.39 12.05
N GLU A 1009 24.12 -34.49 11.41
CA GLU A 1009 23.98 -35.35 10.25
C GLU A 1009 24.48 -34.69 8.97
N LYS A 1010 25.22 -33.59 9.11
CA LYS A 1010 25.70 -32.84 7.95
C LYS A 1010 27.02 -33.40 7.40
N THR A 1011 26.93 -34.11 6.28
CA THR A 1011 28.11 -34.63 5.62
C THR A 1011 28.64 -33.58 4.64
N PRO A 1012 29.94 -33.27 4.74
CA PRO A 1012 30.57 -32.25 3.90
C PRO A 1012 31.08 -32.83 2.58
N GLU A 1013 31.61 -31.97 1.71
CA GLU A 1013 32.27 -32.43 0.50
C GLU A 1013 33.70 -32.85 0.86
N ILE A 1014 34.30 -32.07 1.75
CA ILE A 1014 35.68 -32.28 2.16
C ILE A 1014 35.75 -32.74 3.62
N ASP A 1015 36.26 -33.94 3.84
CA ASP A 1015 36.31 -34.49 5.19
C ASP A 1015 37.75 -34.61 5.66
N SER A 1016 38.05 -33.96 6.79
CA SER A 1016 39.39 -33.96 7.34
C SER A 1016 39.61 -35.12 8.29
N TYR A 1017 38.55 -35.87 8.56
CA TYR A 1017 38.59 -36.98 9.50
C TYR A 1017 38.91 -38.31 8.80
N SER A 1018 38.74 -38.35 7.49
CA SER A 1018 38.92 -39.59 6.76
C SER A 1018 40.34 -40.11 6.86
N THR A 1019 40.47 -41.39 7.20
CA THR A 1019 41.78 -42.00 7.36
C THR A 1019 42.24 -42.67 6.05
N GLN A 1020 41.64 -42.23 4.94
CA GLN A 1020 41.99 -42.68 3.59
C GLN A 1020 43.02 -41.72 3.02
N GLY A 1021 43.67 -42.11 1.92
CA GLY A 1021 44.55 -41.21 1.20
C GLY A 1021 45.86 -41.87 0.89
N LEU A 1022 46.60 -41.32 -0.07
CA LEU A 1022 47.81 -41.99 -0.55
C LEU A 1022 48.94 -42.05 0.48
N LYS A 1023 49.55 -40.91 0.77
CA LYS A 1023 50.74 -40.85 1.63
C LYS A 1023 51.90 -41.67 1.06
N PRO A 1024 52.61 -41.11 0.06
CA PRO A 1024 53.75 -41.80 -0.55
C PRO A 1024 55.02 -41.61 0.27
N ASN A 1025 56.16 -41.88 -0.36
CA ASN A 1025 57.47 -41.61 0.23
C ASN A 1025 58.13 -40.42 -0.44
N MET A 1026 57.43 -39.84 -1.40
CA MET A 1026 58.01 -38.80 -2.22
C MET A 1026 57.84 -37.40 -1.60
N LEU A 1027 58.96 -36.73 -1.34
CA LEU A 1027 58.96 -35.41 -0.75
C LEU A 1027 59.24 -34.34 -1.80
N GLU A 1028 58.72 -34.55 -3.01
CA GLU A 1028 58.97 -33.63 -4.11
C GLU A 1028 58.15 -32.36 -4.00
N GLY A 1029 56.86 -32.46 -4.32
CA GLY A 1029 55.96 -31.33 -4.22
C GLY A 1029 55.91 -30.46 -5.46
N ASN A 1030 55.08 -30.86 -6.41
CA ASN A 1030 54.87 -30.08 -7.64
C ASN A 1030 53.41 -29.66 -7.79
N VAL A 1031 53.18 -28.36 -7.90
CA VAL A 1031 51.82 -27.84 -7.99
C VAL A 1031 51.47 -27.47 -9.42
N GLN A 1032 50.45 -28.13 -9.96
CA GLN A 1032 50.02 -27.87 -11.33
C GLN A 1032 48.51 -27.74 -11.45
N PHE A 1033 48.03 -26.52 -11.59
CA PHE A 1033 46.61 -26.27 -11.86
C PHE A 1033 46.32 -26.42 -13.34
N SER A 1034 45.50 -27.40 -13.69
CA SER A 1034 45.12 -27.66 -15.08
C SER A 1034 43.64 -27.42 -15.28
N GLY A 1035 43.30 -26.48 -16.16
CA GLY A 1035 41.92 -26.10 -16.36
C GLY A 1035 41.38 -25.45 -15.11
N VAL A 1036 40.76 -26.26 -14.25
CA VAL A 1036 40.18 -25.81 -12.97
C VAL A 1036 39.39 -24.49 -13.03
N VAL A 1037 38.09 -24.60 -13.28
CA VAL A 1037 37.19 -23.46 -13.22
C VAL A 1037 36.37 -23.50 -11.94
N PHE A 1038 36.42 -22.40 -11.18
CA PHE A 1038 35.76 -22.37 -9.89
C PHE A 1038 34.91 -21.11 -9.67
N ASN A 1039 33.86 -21.27 -8.89
CA ASN A 1039 32.99 -20.16 -8.50
C ASN A 1039 32.38 -20.42 -7.14
N TYR A 1040 32.30 -19.38 -6.31
CA TYR A 1040 31.91 -19.54 -4.91
C TYR A 1040 30.44 -19.96 -4.70
N PRO A 1041 30.23 -21.00 -3.88
CA PRO A 1041 28.88 -21.57 -3.65
C PRO A 1041 27.98 -20.54 -2.98
N THR A 1042 28.58 -19.66 -2.19
CA THR A 1042 27.83 -18.64 -1.46
C THR A 1042 27.15 -17.69 -2.42
N ARG A 1043 27.82 -17.41 -3.53
CA ARG A 1043 27.34 -16.40 -4.47
C ARG A 1043 27.79 -16.71 -5.89
N PRO A 1044 26.99 -17.51 -6.61
CA PRO A 1044 27.31 -17.92 -7.99
C PRO A 1044 27.08 -16.79 -8.99
N SER A 1045 27.64 -15.61 -8.73
CA SER A 1045 27.49 -14.47 -9.62
C SER A 1045 28.88 -13.95 -9.98
N ILE A 1046 29.12 -13.81 -11.28
CA ILE A 1046 30.44 -13.45 -11.80
C ILE A 1046 31.51 -14.37 -11.21
N PRO A 1047 31.65 -15.57 -11.79
CA PRO A 1047 32.60 -16.60 -11.34
C PRO A 1047 34.00 -16.03 -11.12
N VAL A 1048 34.70 -16.58 -10.15
CA VAL A 1048 36.04 -16.11 -9.80
C VAL A 1048 37.11 -16.67 -10.73
N LEU A 1049 37.13 -18.00 -10.87
CA LEU A 1049 38.08 -18.66 -11.76
C LEU A 1049 37.37 -19.24 -12.97
N GLN A 1050 37.74 -18.78 -14.16
CA GLN A 1050 37.12 -19.24 -15.38
C GLN A 1050 37.98 -20.29 -16.07
N GLY A 1051 38.63 -21.13 -15.27
CA GLY A 1051 39.48 -22.17 -15.81
C GLY A 1051 40.89 -21.69 -16.08
N LEU A 1052 41.49 -21.02 -15.10
CA LEU A 1052 42.87 -20.58 -15.23
C LEU A 1052 43.81 -21.73 -14.92
N SER A 1053 44.97 -21.74 -15.56
CA SER A 1053 45.93 -22.83 -15.36
C SER A 1053 47.34 -22.31 -15.16
N LEU A 1054 48.11 -23.04 -14.36
CA LEU A 1054 49.52 -22.73 -14.14
C LEU A 1054 50.26 -23.91 -13.56
N GLU A 1055 51.55 -23.75 -13.29
CA GLU A 1055 52.33 -24.83 -12.69
C GLU A 1055 53.53 -24.28 -11.94
N VAL A 1056 53.86 -24.92 -10.82
CA VAL A 1056 55.02 -24.54 -10.04
C VAL A 1056 55.82 -25.76 -9.66
N LYS A 1057 57.12 -25.74 -9.96
CA LYS A 1057 57.99 -26.86 -9.65
C LYS A 1057 58.61 -26.70 -8.27
N LYS A 1058 59.41 -27.69 -7.86
CA LYS A 1058 60.01 -27.69 -6.54
C LYS A 1058 61.10 -26.64 -6.42
N GLY A 1059 61.13 -25.95 -5.29
CA GLY A 1059 62.10 -24.91 -5.05
C GLY A 1059 61.67 -23.56 -5.59
N GLN A 1060 61.29 -23.53 -6.86
CA GLN A 1060 60.85 -22.29 -7.49
C GLN A 1060 59.60 -21.77 -6.81
N THR A 1061 59.51 -20.44 -6.70
CA THR A 1061 58.38 -19.80 -6.05
C THR A 1061 57.57 -19.05 -7.09
N LEU A 1062 56.25 -19.13 -6.94
CA LEU A 1062 55.32 -18.48 -7.85
C LEU A 1062 54.97 -17.10 -7.31
N ALA A 1063 54.47 -16.24 -8.19
CA ALA A 1063 54.01 -14.93 -7.80
C ALA A 1063 52.68 -14.63 -8.48
N LEU A 1064 51.76 -14.03 -7.74
CA LEU A 1064 50.45 -13.72 -8.32
C LEU A 1064 50.17 -12.22 -8.34
N VAL A 1065 49.90 -11.69 -9.54
CA VAL A 1065 49.63 -10.28 -9.72
C VAL A 1065 48.28 -10.07 -10.41
N GLY A 1066 47.52 -9.08 -9.95
CA GLY A 1066 46.23 -8.76 -10.54
C GLY A 1066 45.71 -7.44 -10.01
N SER A 1067 44.53 -7.05 -10.47
CA SER A 1067 43.90 -5.81 -10.01
C SER A 1067 43.55 -5.92 -8.54
N SER A 1068 42.99 -7.06 -8.16
CA SER A 1068 42.56 -7.28 -6.79
C SER A 1068 42.51 -8.77 -6.50
N GLY A 1069 41.80 -9.13 -5.43
CA GLY A 1069 41.61 -10.53 -5.08
C GLY A 1069 40.73 -11.23 -6.11
N CYS A 1070 40.54 -12.54 -5.92
CA CYS A 1070 39.76 -13.35 -6.85
C CYS A 1070 40.34 -13.29 -8.27
N GLY A 1071 41.16 -14.29 -8.60
CA GLY A 1071 41.41 -15.41 -7.71
C GLY A 1071 42.80 -15.44 -7.11
N LYS A 1072 43.22 -14.34 -6.51
CA LYS A 1072 44.51 -14.31 -5.82
C LYS A 1072 44.53 -15.28 -4.64
N SER A 1073 43.61 -15.08 -3.71
CA SER A 1073 43.51 -15.90 -2.52
C SER A 1073 42.88 -17.25 -2.84
N THR A 1074 42.02 -17.27 -3.85
CA THR A 1074 41.26 -18.46 -4.20
C THR A 1074 42.16 -19.65 -4.57
N VAL A 1075 43.27 -19.37 -5.23
CA VAL A 1075 44.21 -20.42 -5.64
C VAL A 1075 44.85 -21.09 -4.42
N VAL A 1076 45.43 -20.26 -3.56
CA VAL A 1076 46.00 -20.70 -2.29
C VAL A 1076 44.99 -21.54 -1.53
N GLN A 1077 43.74 -21.08 -1.53
CA GLN A 1077 42.67 -21.79 -0.83
C GLN A 1077 42.35 -23.13 -1.47
N LEU A 1078 42.49 -23.21 -2.79
CA LEU A 1078 42.19 -24.43 -3.53
C LEU A 1078 43.28 -25.48 -3.34
N LEU A 1079 44.52 -25.02 -3.18
CA LEU A 1079 45.62 -25.95 -2.93
C LEU A 1079 45.45 -26.54 -1.55
N GLU A 1080 44.96 -25.73 -0.63
CA GLU A 1080 44.71 -26.16 0.74
C GLU A 1080 43.44 -27.01 0.77
N ARG A 1081 42.77 -27.09 -0.37
CA ARG A 1081 41.51 -27.82 -0.52
C ARG A 1081 40.43 -27.28 0.41
N PHE A 1082 39.96 -26.07 0.10
CA PHE A 1082 38.87 -25.47 0.84
C PHE A 1082 37.58 -25.58 0.03
N TYR A 1083 37.73 -25.75 -1.27
CA TYR A 1083 36.59 -25.84 -2.17
C TYR A 1083 36.81 -26.89 -3.25
N ASP A 1084 35.76 -27.20 -4.00
CA ASP A 1084 35.85 -28.12 -5.13
C ASP A 1084 35.45 -27.41 -6.42
N PRO A 1085 36.37 -27.32 -7.38
CA PRO A 1085 36.08 -26.67 -8.67
C PRO A 1085 35.05 -27.46 -9.47
N MET A 1086 34.15 -26.76 -10.15
CA MET A 1086 33.06 -27.42 -10.89
C MET A 1086 33.58 -28.35 -11.98
N ALA A 1087 34.48 -27.83 -12.79
CA ALA A 1087 35.14 -28.64 -13.81
C ALA A 1087 36.63 -28.40 -13.76
N GLY A 1088 37.41 -29.38 -14.21
CA GLY A 1088 38.85 -29.26 -14.17
C GLY A 1088 39.42 -29.85 -12.90
N SER A 1089 40.74 -30.04 -12.89
CA SER A 1089 41.40 -30.68 -11.77
C SER A 1089 42.70 -29.96 -11.43
N VAL A 1090 43.15 -30.12 -10.19
CA VAL A 1090 44.42 -29.56 -9.77
C VAL A 1090 45.34 -30.67 -9.28
N PHE A 1091 46.49 -30.81 -9.94
CA PHE A 1091 47.40 -31.90 -9.64
C PHE A 1091 48.50 -31.50 -8.67
N LEU A 1092 48.72 -32.36 -7.68
CA LEU A 1092 49.89 -32.28 -6.82
C LEU A 1092 50.82 -33.43 -7.15
N ASP A 1093 52.05 -33.12 -7.55
CA ASP A 1093 53.00 -34.11 -8.06
C ASP A 1093 52.41 -34.82 -9.27
N GLY A 1094 52.33 -36.14 -9.22
CA GLY A 1094 51.77 -36.90 -10.32
C GLY A 1094 50.30 -37.21 -10.14
N LYS A 1095 49.82 -37.14 -8.90
CA LYS A 1095 48.42 -37.48 -8.59
C LYS A 1095 47.52 -36.26 -8.59
N GLU A 1096 46.22 -36.51 -8.73
CA GLU A 1096 45.22 -35.45 -8.57
C GLU A 1096 45.02 -35.21 -7.08
N ILE A 1097 44.67 -33.98 -6.69
CA ILE A 1097 44.50 -33.64 -5.29
C ILE A 1097 43.42 -34.49 -4.63
N LYS A 1098 42.26 -34.59 -5.28
CA LYS A 1098 41.10 -35.30 -4.72
C LYS A 1098 41.38 -36.77 -4.40
N GLN A 1099 42.47 -37.31 -4.96
CA GLN A 1099 42.85 -38.69 -4.69
C GLN A 1099 43.64 -38.79 -3.38
N LEU A 1100 44.36 -37.72 -3.05
CA LEU A 1100 45.16 -37.68 -1.83
C LEU A 1100 44.31 -37.66 -0.57
N ASN A 1101 44.95 -37.79 0.59
CA ASN A 1101 44.29 -37.61 1.87
C ASN A 1101 44.10 -36.12 2.16
N VAL A 1102 42.89 -35.75 2.54
CA VAL A 1102 42.57 -34.36 2.81
C VAL A 1102 43.47 -33.77 3.90
N GLN A 1103 43.56 -34.47 5.03
CA GLN A 1103 44.34 -33.99 6.16
C GLN A 1103 45.83 -34.01 5.85
N TRP A 1104 46.30 -35.13 5.28
CA TRP A 1104 47.71 -35.28 4.94
C TRP A 1104 48.13 -34.27 3.88
N LEU A 1105 47.17 -33.77 3.09
CA LEU A 1105 47.46 -32.74 2.10
C LEU A 1105 47.84 -31.44 2.80
N ARG A 1106 47.12 -31.13 3.87
CA ARG A 1106 47.37 -29.93 4.64
C ARG A 1106 48.44 -30.18 5.71
N ALA A 1107 48.91 -31.42 5.78
CA ALA A 1107 49.99 -31.75 6.71
C ALA A 1107 51.31 -31.20 6.22
N GLN A 1108 51.45 -31.09 4.90
CA GLN A 1108 52.67 -30.54 4.31
C GLN A 1108 52.45 -29.20 3.62
N LEU A 1109 51.27 -28.63 3.79
CA LEU A 1109 50.99 -27.30 3.27
C LEU A 1109 51.05 -26.26 4.39
N GLY A 1110 51.93 -25.28 4.22
CA GLY A 1110 52.02 -24.18 5.16
C GLY A 1110 51.21 -23.01 4.66
N ILE A 1111 50.61 -22.26 5.58
CA ILE A 1111 49.70 -21.19 5.18
C ILE A 1111 49.84 -19.96 6.08
N VAL A 1112 49.93 -18.80 5.45
CA VAL A 1112 50.06 -17.54 6.16
C VAL A 1112 49.16 -16.48 5.50
N SER A 1113 48.11 -16.10 6.21
CA SER A 1113 47.13 -15.13 5.69
C SER A 1113 47.56 -13.69 5.98
N GLN A 1114 46.70 -12.76 5.62
CA GLN A 1114 46.99 -11.34 5.84
C GLN A 1114 46.97 -11.01 7.32
N GLU A 1115 45.99 -11.54 8.03
CA GLU A 1115 45.85 -11.26 9.46
C GLU A 1115 45.87 -12.54 10.28
N PRO A 1116 47.07 -12.95 10.71
CA PRO A 1116 47.30 -14.19 11.45
C PRO A 1116 46.65 -14.11 12.82
N ILE A 1117 46.16 -15.24 13.32
CA ILE A 1117 45.55 -15.27 14.63
C ILE A 1117 46.22 -16.36 15.48
N LEU A 1118 46.41 -16.06 16.77
CA LEU A 1118 46.99 -17.02 17.70
C LEU A 1118 45.93 -17.45 18.72
N PHE A 1119 46.21 -18.52 19.46
CA PHE A 1119 45.25 -19.04 20.42
C PHE A 1119 45.56 -18.56 21.84
N ASP A 1120 44.52 -18.31 22.62
CA ASP A 1120 44.66 -17.74 23.96
C ASP A 1120 45.36 -18.67 24.95
N CYS A 1121 45.85 -19.80 24.47
CA CYS A 1121 46.56 -20.75 25.29
C CYS A 1121 47.95 -20.24 25.67
N SER A 1122 48.92 -20.49 24.80
CA SER A 1122 50.30 -20.06 25.07
C SER A 1122 51.10 -20.01 23.77
N ILE A 1123 52.34 -19.56 23.87
CA ILE A 1123 53.21 -19.44 22.72
C ILE A 1123 53.76 -20.80 22.28
N ALA A 1124 54.27 -21.57 23.23
CA ALA A 1124 54.83 -22.89 22.94
C ALA A 1124 53.80 -23.74 22.22
N GLU A 1125 52.57 -23.70 22.71
CA GLU A 1125 51.49 -24.43 22.06
C GLU A 1125 51.18 -23.85 20.69
N ASN A 1126 51.27 -22.52 20.57
CA ASN A 1126 50.99 -21.85 19.30
C ASN A 1126 51.94 -22.29 18.20
N ILE A 1127 53.22 -22.39 18.56
CA ILE A 1127 54.25 -22.83 17.64
C ILE A 1127 54.06 -24.30 17.34
N ALA A 1128 53.86 -25.08 18.40
CA ALA A 1128 53.68 -26.52 18.27
C ALA A 1128 52.39 -26.89 17.55
N TYR A 1129 51.51 -25.89 17.38
CA TYR A 1129 50.20 -26.10 16.77
C TYR A 1129 50.30 -26.43 15.28
N GLY A 1130 51.44 -26.09 14.69
CA GLY A 1130 51.67 -26.38 13.28
C GLY A 1130 51.63 -27.87 13.01
N ASP A 1131 52.40 -28.63 13.78
CA ASP A 1131 52.44 -30.09 13.62
C ASP A 1131 51.68 -30.80 14.74
N ASN A 1132 50.58 -31.45 14.38
CA ASN A 1132 49.79 -32.19 15.36
C ASN A 1132 50.06 -33.69 15.29
N SER A 1133 49.39 -34.43 16.17
CA SER A 1133 49.56 -35.88 16.26
C SER A 1133 51.02 -36.27 16.51
N ARG A 1134 51.72 -35.43 17.26
CA ARG A 1134 53.13 -35.67 17.56
C ARG A 1134 53.57 -34.82 18.76
N VAL A 1135 54.51 -35.34 19.53
CA VAL A 1135 55.09 -34.61 20.64
C VAL A 1135 56.18 -33.65 20.13
N VAL A 1136 55.90 -32.36 20.21
CA VAL A 1136 56.78 -31.36 19.60
C VAL A 1136 58.05 -31.08 20.42
N SER A 1137 57.89 -31.00 21.73
CA SER A 1137 59.00 -30.77 22.67
C SER A 1137 59.82 -29.49 22.43
N TYR A 1138 60.78 -29.26 23.33
CA TYR A 1138 61.56 -28.02 23.38
C TYR A 1138 62.42 -27.85 22.13
N GLU A 1139 63.01 -28.95 21.68
CA GLU A 1139 63.96 -28.93 20.57
C GLU A 1139 63.35 -28.38 19.28
N GLU A 1140 62.25 -28.99 18.84
CA GLU A 1140 61.63 -28.59 17.59
C GLU A 1140 61.16 -27.14 17.62
N ILE A 1141 60.70 -26.70 18.79
CA ILE A 1141 60.20 -25.34 18.96
C ILE A 1141 61.32 -24.31 18.95
N VAL A 1142 62.44 -24.61 19.61
CA VAL A 1142 63.58 -23.69 19.59
C VAL A 1142 64.21 -23.66 18.19
N ARG A 1143 64.19 -24.81 17.52
CA ARG A 1143 64.73 -24.92 16.16
C ARG A 1143 63.86 -24.17 15.15
N ALA A 1144 62.55 -24.13 15.41
CA ALA A 1144 61.62 -23.44 14.53
C ALA A 1144 61.48 -21.98 14.94
N ALA A 1145 62.04 -21.63 16.10
CA ALA A 1145 62.01 -20.26 16.57
C ALA A 1145 63.25 -19.49 16.13
N LYS A 1146 64.40 -20.17 16.15
CA LYS A 1146 65.66 -19.54 15.79
C LYS A 1146 65.80 -19.18 14.31
N GLU A 1147 65.10 -19.91 13.45
CA GLU A 1147 65.21 -19.65 12.01
C GLU A 1147 64.15 -18.66 11.50
N ALA A 1148 63.08 -18.49 12.27
CA ALA A 1148 62.10 -17.45 11.96
C ALA A 1148 62.54 -16.14 12.58
N ASN A 1149 63.70 -16.16 13.21
CA ASN A 1149 64.30 -14.99 13.84
C ASN A 1149 63.47 -14.40 14.97
N ILE A 1150 62.67 -15.24 15.62
CA ILE A 1150 61.79 -14.79 16.70
C ILE A 1150 62.37 -15.09 18.08
N HIS A 1151 63.47 -15.84 18.10
CA HIS A 1151 64.08 -16.28 19.35
C HIS A 1151 64.62 -15.11 20.19
N GLN A 1152 64.94 -14.01 19.52
CA GLN A 1152 65.47 -12.83 20.20
C GLN A 1152 64.39 -12.15 21.04
N PHE A 1153 63.18 -12.15 20.52
CA PHE A 1153 62.06 -11.46 21.17
C PHE A 1153 61.51 -12.27 22.35
N ILE A 1154 61.89 -13.54 22.43
CA ILE A 1154 61.33 -14.44 23.43
C ILE A 1154 62.02 -14.31 24.78
N ASP A 1155 63.34 -14.36 24.80
CA ASP A 1155 64.09 -14.20 26.03
C ASP A 1155 64.04 -12.78 26.56
N SER A 1156 63.82 -11.83 25.65
CA SER A 1156 63.82 -10.41 25.99
C SER A 1156 62.63 -10.02 26.84
N LEU A 1157 61.46 -10.54 26.50
CA LEU A 1157 60.25 -10.25 27.25
C LEU A 1157 59.96 -11.38 28.25
N PRO A 1158 59.97 -11.06 29.55
CA PRO A 1158 59.70 -12.02 30.62
C PRO A 1158 58.24 -12.48 30.60
N ASP A 1159 58.02 -13.79 30.60
CA ASP A 1159 59.11 -14.75 30.61
C ASP A 1159 59.18 -15.50 29.28
N LYS A 1160 59.87 -16.63 29.27
CA LYS A 1160 60.10 -17.36 28.02
C LYS A 1160 58.99 -18.36 27.69
N TYR A 1161 58.34 -18.14 26.55
CA TYR A 1161 57.35 -19.06 26.00
C TYR A 1161 56.09 -19.26 26.83
N ASN A 1162 56.12 -18.88 28.10
CA ASN A 1162 54.98 -19.12 28.97
C ASN A 1162 53.89 -18.07 28.80
N THR A 1163 54.20 -17.03 28.03
CA THR A 1163 53.29 -15.89 27.89
C THR A 1163 52.06 -16.22 27.03
N ARG A 1164 50.96 -15.53 27.33
CA ARG A 1164 49.71 -15.76 26.60
C ARG A 1164 49.42 -14.64 25.61
N VAL A 1165 49.02 -15.04 24.41
CA VAL A 1165 48.69 -14.11 23.33
C VAL A 1165 47.37 -14.50 22.69
N GLY A 1166 46.45 -13.54 22.59
CA GLY A 1166 46.67 -12.19 23.06
C GLY A 1166 45.44 -11.62 23.70
N ASP A 1167 45.46 -10.32 23.98
CA ASP A 1167 44.35 -9.60 24.61
C ASP A 1167 44.11 -10.01 26.07
N LYS A 1168 44.36 -11.27 26.41
CA LYS A 1168 44.25 -11.75 27.78
C LYS A 1168 45.60 -11.62 28.48
N GLY A 1169 46.65 -11.47 27.70
CA GLY A 1169 48.00 -11.33 28.23
C GLY A 1169 48.67 -10.08 27.71
N THR A 1170 49.98 -10.16 27.43
CA THR A 1170 50.71 -9.02 26.88
C THR A 1170 50.40 -8.88 25.39
N GLN A 1171 49.92 -7.70 25.00
CA GLN A 1171 49.60 -7.43 23.60
C GLN A 1171 50.86 -7.46 22.73
N LEU A 1172 50.67 -7.70 21.44
CA LEU A 1172 51.78 -7.75 20.49
C LEU A 1172 51.47 -6.98 19.21
N SER A 1173 52.50 -6.41 18.60
CA SER A 1173 52.34 -5.74 17.32
C SER A 1173 52.14 -6.80 16.24
N GLY A 1174 51.54 -6.40 15.12
CA GLY A 1174 51.24 -7.34 14.04
C GLY A 1174 52.47 -8.03 13.51
N GLY A 1175 53.60 -7.33 13.53
CA GLY A 1175 54.86 -7.87 13.03
C GLY A 1175 55.31 -9.09 13.78
N GLN A 1176 55.44 -8.96 15.10
CA GLN A 1176 55.88 -10.06 15.96
C GLN A 1176 54.90 -11.23 15.90
N LYS A 1177 53.61 -10.92 15.97
CA LYS A 1177 52.58 -11.95 15.94
C LYS A 1177 52.64 -12.75 14.64
N GLN A 1178 52.82 -12.04 13.53
CA GLN A 1178 52.95 -12.70 12.24
C GLN A 1178 54.23 -13.52 12.17
N ARG A 1179 55.29 -13.03 12.83
CA ARG A 1179 56.54 -13.79 12.89
C ARG A 1179 56.32 -15.13 13.60
N ILE A 1180 55.55 -15.08 14.68
CA ILE A 1180 55.15 -16.29 15.39
C ILE A 1180 54.35 -17.18 14.46
N ALA A 1181 53.51 -16.55 13.63
CA ALA A 1181 52.70 -17.29 12.67
C ALA A 1181 53.56 -17.96 11.61
N ILE A 1182 54.73 -17.40 11.34
CA ILE A 1182 55.65 -17.99 10.38
C ILE A 1182 56.37 -19.18 11.03
N ALA A 1183 56.89 -18.95 12.23
CA ALA A 1183 57.54 -19.99 13.01
C ALA A 1183 56.57 -21.14 13.24
N ARG A 1184 55.28 -20.83 13.20
CA ARG A 1184 54.23 -21.82 13.32
C ARG A 1184 54.22 -22.74 12.09
N ALA A 1185 54.00 -22.14 10.92
CA ALA A 1185 53.90 -22.89 9.68
C ALA A 1185 55.19 -23.62 9.33
N LEU A 1186 56.29 -23.18 9.94
CA LEU A 1186 57.59 -23.73 9.63
C LEU A 1186 57.93 -25.02 10.40
N VAL A 1187 57.24 -25.24 11.51
CA VAL A 1187 57.50 -26.40 12.36
C VAL A 1187 57.32 -27.72 11.64
N ARG A 1188 56.23 -27.84 10.88
CA ARG A 1188 55.86 -29.07 10.21
C ARG A 1188 56.83 -29.45 9.07
N GLN A 1189 57.81 -28.59 8.82
CA GLN A 1189 58.73 -28.73 7.68
C GLN A 1189 57.98 -28.90 6.37
N PRO A 1190 57.22 -27.87 5.97
CA PRO A 1190 56.36 -27.98 4.79
C PRO A 1190 57.16 -27.83 3.51
N HIS A 1191 56.85 -28.64 2.52
CA HIS A 1191 57.49 -28.54 1.22
C HIS A 1191 56.74 -27.53 0.38
N ILE A 1192 55.65 -27.01 0.92
CA ILE A 1192 54.87 -25.99 0.25
C ILE A 1192 54.43 -24.87 1.20
N LEU A 1193 54.98 -23.67 1.00
CA LEU A 1193 54.54 -22.49 1.72
C LEU A 1193 53.54 -21.70 0.89
N LEU A 1194 52.42 -21.33 1.49
CA LEU A 1194 51.41 -20.55 0.79
C LEU A 1194 51.31 -19.15 1.39
N LEU A 1195 51.92 -18.18 0.70
CA LEU A 1195 51.97 -16.81 1.20
C LEU A 1195 50.99 -15.91 0.43
N ASP A 1196 49.96 -15.45 1.13
CA ASP A 1196 48.90 -14.68 0.51
C ASP A 1196 48.70 -13.33 1.20
N GLU A 1197 49.20 -12.28 0.57
CA GLU A 1197 49.14 -10.92 1.11
C GLU A 1197 49.54 -10.90 2.58
N ALA A 1198 50.69 -11.50 2.86
CA ALA A 1198 51.19 -11.71 4.22
C ALA A 1198 51.12 -10.47 5.11
N THR A 1199 51.79 -9.40 4.69
CA THR A 1199 51.84 -8.18 5.50
C THR A 1199 51.41 -6.93 4.73
N SER A 1200 50.14 -6.59 4.84
CA SER A 1200 49.60 -5.39 4.22
C SER A 1200 49.63 -4.24 5.21
N ALA A 1201 49.65 -4.58 6.50
CA ALA A 1201 49.56 -3.58 7.56
C ALA A 1201 50.86 -3.38 8.32
N LEU A 1202 51.97 -3.87 7.77
CA LEU A 1202 53.25 -3.74 8.46
C LEU A 1202 54.10 -2.61 7.85
N ASP A 1203 54.57 -1.71 8.72
CA ASP A 1203 55.35 -0.57 8.25
C ASP A 1203 56.77 -0.58 8.80
N THR A 1204 57.38 0.60 8.83
CA THR A 1204 58.76 0.82 9.32
C THR A 1204 59.76 -0.29 8.98
N GLU A 1205 60.73 -0.50 9.86
CA GLU A 1205 61.76 -1.52 9.65
C GLU A 1205 61.32 -2.86 10.23
N SER A 1206 60.01 -3.05 10.32
CA SER A 1206 59.45 -4.29 10.84
C SER A 1206 59.11 -5.25 9.70
N GLU A 1207 58.84 -4.69 8.52
CA GLU A 1207 58.53 -5.51 7.35
C GLU A 1207 59.79 -6.10 6.74
N LYS A 1208 60.94 -5.51 7.07
CA LYS A 1208 62.21 -5.95 6.53
C LYS A 1208 62.66 -7.25 7.18
N VAL A 1209 62.66 -7.25 8.51
CA VAL A 1209 63.11 -8.40 9.29
C VAL A 1209 62.17 -9.60 9.07
N VAL A 1210 60.88 -9.32 8.88
CA VAL A 1210 59.90 -10.35 8.59
C VAL A 1210 60.23 -11.08 7.29
N GLN A 1211 60.35 -10.33 6.20
CA GLN A 1211 60.63 -10.93 4.91
C GLN A 1211 62.04 -11.54 4.89
N GLU A 1212 62.94 -10.99 5.70
CA GLU A 1212 64.28 -11.55 5.82
C GLU A 1212 64.23 -12.93 6.45
N ALA A 1213 63.37 -13.08 7.46
CA ALA A 1213 63.17 -14.37 8.10
C ALA A 1213 62.45 -15.32 7.15
N LEU A 1214 61.65 -14.75 6.25
CA LEU A 1214 60.95 -15.52 5.23
C LEU A 1214 61.90 -16.09 4.18
N ASP A 1215 62.87 -15.27 3.76
CA ASP A 1215 63.77 -15.62 2.66
C ASP A 1215 64.62 -16.86 2.94
N LYS A 1216 64.99 -17.07 4.19
CA LYS A 1216 65.85 -18.20 4.55
C LYS A 1216 65.07 -19.49 4.65
N ALA A 1217 63.74 -19.38 4.68
CA ALA A 1217 62.88 -20.56 4.76
C ALA A 1217 62.12 -20.75 3.46
N ARG A 1218 62.55 -20.05 2.41
CA ARG A 1218 61.94 -20.17 1.10
C ARG A 1218 62.80 -21.08 0.22
N GLU A 1219 63.99 -21.40 0.71
CA GLU A 1219 64.91 -22.26 -0.01
C GLU A 1219 64.68 -23.73 0.30
N GLY A 1220 64.62 -24.55 -0.76
CA GLY A 1220 64.33 -25.97 -0.61
C GLY A 1220 62.85 -26.22 -0.43
N ARG A 1221 62.04 -25.20 -0.66
CA ARG A 1221 60.59 -25.31 -0.52
C ARG A 1221 59.86 -24.66 -1.70
N THR A 1222 58.76 -25.27 -2.11
CA THR A 1222 57.88 -24.67 -3.10
C THR A 1222 57.05 -23.59 -2.43
N CYS A 1223 56.96 -22.42 -3.06
CA CYS A 1223 56.25 -21.31 -2.46
C CYS A 1223 55.32 -20.64 -3.48
N ILE A 1224 54.29 -19.98 -3.00
CA ILE A 1224 53.39 -19.20 -3.85
C ILE A 1224 53.09 -17.87 -3.16
N VAL A 1225 53.70 -16.79 -3.65
CA VAL A 1225 53.56 -15.49 -3.01
C VAL A 1225 52.59 -14.55 -3.73
N ILE A 1226 51.73 -13.93 -2.96
CA ILE A 1226 50.82 -12.93 -3.48
C ILE A 1226 51.07 -11.61 -2.76
N ALA A 1227 51.30 -10.55 -3.51
CA ALA A 1227 51.53 -9.25 -2.92
C ALA A 1227 50.97 -8.16 -3.81
N HIS A 1228 50.76 -7.00 -3.23
CA HIS A 1228 50.37 -5.83 -3.99
C HIS A 1228 51.54 -4.86 -4.00
N ARG A 1229 52.59 -5.21 -3.28
CA ARG A 1229 53.78 -4.37 -3.18
C ARG A 1229 54.45 -4.21 -4.54
N LEU A 1230 54.52 -5.32 -5.26
CA LEU A 1230 55.14 -5.38 -6.59
C LEU A 1230 56.63 -5.03 -6.57
N SER A 1231 57.20 -4.97 -5.37
CA SER A 1231 58.60 -4.61 -5.18
C SER A 1231 59.43 -5.81 -4.71
N THR A 1232 58.74 -6.85 -4.25
CA THR A 1232 59.42 -8.07 -3.83
C THR A 1232 58.97 -9.23 -4.69
N ILE A 1233 58.48 -8.88 -5.88
CA ILE A 1233 58.06 -9.85 -6.88
C ILE A 1233 59.05 -9.81 -8.04
N GLN A 1234 59.85 -8.75 -8.09
CA GLN A 1234 60.86 -8.58 -9.13
C GLN A 1234 61.93 -9.67 -9.09
N ASN A 1235 62.06 -10.31 -7.93
CA ASN A 1235 63.05 -11.37 -7.76
C ASN A 1235 62.44 -12.77 -7.72
N ALA A 1236 61.16 -12.87 -8.05
CA ALA A 1236 60.47 -14.16 -8.05
C ALA A 1236 60.88 -14.99 -9.26
N ASP A 1237 60.74 -16.31 -9.16
CA ASP A 1237 61.09 -17.19 -10.26
C ASP A 1237 60.05 -17.13 -11.37
N LEU A 1238 58.78 -17.19 -10.97
CA LEU A 1238 57.68 -17.10 -11.93
C LEU A 1238 56.65 -16.09 -11.46
N ILE A 1239 56.19 -15.26 -12.39
CA ILE A 1239 55.20 -14.23 -12.07
C ILE A 1239 54.00 -14.39 -12.99
N VAL A 1240 52.83 -14.60 -12.42
CA VAL A 1240 51.63 -14.83 -13.21
C VAL A 1240 50.65 -13.68 -13.09
N VAL A 1241 50.38 -13.03 -14.22
CA VAL A 1241 49.38 -11.97 -14.26
C VAL A 1241 48.03 -12.57 -14.62
N ILE A 1242 47.16 -12.66 -13.62
CA ILE A 1242 45.82 -13.19 -13.81
C ILE A 1242 44.83 -12.05 -13.94
N GLN A 1243 44.11 -12.00 -15.05
CA GLN A 1243 43.02 -11.03 -15.19
C GLN A 1243 41.74 -11.72 -15.65
N ASN A 1244 40.62 -11.04 -15.44
CA ASN A 1244 39.31 -11.62 -15.63
C ASN A 1244 39.19 -12.93 -14.84
N GLY A 1245 39.24 -14.05 -15.56
CA GLY A 1245 39.21 -15.36 -14.94
C GLY A 1245 40.32 -16.25 -15.44
N LYS A 1246 41.23 -15.70 -16.23
CA LYS A 1246 42.33 -16.47 -16.80
C LYS A 1246 43.68 -15.78 -16.68
N VAL A 1247 44.70 -16.43 -17.24
CA VAL A 1247 46.05 -15.90 -17.28
C VAL A 1247 46.34 -15.34 -18.67
N LYS A 1248 46.47 -14.01 -18.76
CA LYS A 1248 46.75 -13.40 -20.05
C LYS A 1248 48.19 -12.91 -20.16
N GLU A 1249 48.99 -13.18 -19.12
CA GLU A 1249 50.42 -12.88 -19.15
C GLU A 1249 51.22 -13.82 -18.24
N HIS A 1250 52.37 -14.27 -18.73
CA HIS A 1250 53.20 -15.21 -17.98
C HIS A 1250 54.68 -14.98 -18.28
N GLY A 1251 55.53 -15.34 -17.32
CA GLY A 1251 56.97 -15.24 -17.50
C GLY A 1251 57.65 -14.60 -16.31
N THR A 1252 58.85 -14.07 -16.54
CA THR A 1252 59.60 -13.41 -15.47
C THR A 1252 59.25 -11.93 -15.39
N HIS A 1253 60.06 -11.18 -14.64
CA HIS A 1253 59.78 -9.77 -14.42
C HIS A 1253 60.11 -8.90 -15.64
N GLN A 1254 61.38 -8.90 -16.02
CA GLN A 1254 61.82 -8.09 -17.16
C GLN A 1254 61.19 -8.57 -18.47
N GLN A 1255 60.84 -9.85 -18.50
CA GLN A 1255 60.21 -10.44 -19.68
C GLN A 1255 58.83 -9.83 -19.90
N LEU A 1256 58.02 -9.81 -18.84
CA LEU A 1256 56.69 -9.23 -18.90
C LEU A 1256 56.77 -7.71 -19.02
N LEU A 1257 57.84 -7.14 -18.49
CA LEU A 1257 58.04 -5.71 -18.54
C LEU A 1257 58.29 -5.28 -19.99
N ALA A 1258 59.05 -6.08 -20.71
CA ALA A 1258 59.33 -5.81 -22.12
C ALA A 1258 58.16 -6.22 -23.01
N GLN A 1259 57.08 -6.69 -22.38
CA GLN A 1259 55.90 -7.13 -23.11
C GLN A 1259 54.93 -5.97 -23.32
N LYS A 1260 55.06 -4.95 -22.47
CA LYS A 1260 54.27 -3.73 -22.57
C LYS A 1260 52.77 -4.00 -22.63
N GLY A 1261 52.33 -4.98 -21.86
CA GLY A 1261 50.93 -5.36 -21.83
C GLY A 1261 50.19 -4.67 -20.69
N ILE A 1262 49.63 -5.47 -19.79
CA ILE A 1262 48.93 -4.95 -18.63
C ILE A 1262 49.88 -4.91 -17.42
N TYR A 1263 50.93 -5.74 -17.47
CA TYR A 1263 51.94 -5.78 -16.43
C TYR A 1263 52.82 -4.52 -16.46
N PHE A 1264 52.88 -3.88 -17.63
CA PHE A 1264 53.66 -2.66 -17.83
C PHE A 1264 52.88 -1.46 -17.32
N SER A 1265 51.56 -1.55 -17.39
CA SER A 1265 50.70 -0.48 -16.89
C SER A 1265 50.46 -0.63 -15.39
N MET A 1266 50.55 -1.86 -14.90
CA MET A 1266 50.36 -2.10 -13.46
C MET A 1266 51.62 -1.80 -12.66
N VAL A 1267 52.77 -1.84 -13.30
CA VAL A 1267 54.04 -1.57 -12.63
C VAL A 1267 54.50 -0.13 -12.84
N SER A 1268 53.73 0.62 -13.64
CA SER A 1268 54.06 2.02 -13.91
C SER A 1268 53.41 2.95 -12.88
N VAL A 1269 52.86 2.36 -11.82
CA VAL A 1269 52.25 3.14 -10.76
C VAL A 1269 53.08 3.03 -9.48
N GLN A 1270 54.34 2.62 -9.63
CA GLN A 1270 55.23 2.42 -8.49
C GLN A 1270 56.03 3.68 -8.19
N ALA A 1271 55.71 4.77 -8.87
CA ALA A 1271 56.38 6.05 -8.65
C ALA A 1271 55.48 6.99 -7.87
N PRO B 31 -6.93 22.76 -32.79
CA PRO B 31 -6.34 21.50 -32.34
C PRO B 31 -4.91 21.37 -32.84
N ALA B 32 -4.21 20.33 -32.38
CA ALA B 32 -2.90 19.95 -32.93
C ALA B 32 -1.85 21.07 -32.92
N VAL B 33 -0.96 21.07 -31.93
CA VAL B 33 0.12 22.06 -31.90
C VAL B 33 1.10 21.74 -33.01
N SER B 34 2.14 21.00 -32.66
CA SER B 34 3.19 20.64 -33.61
C SER B 34 4.05 19.50 -33.09
N VAL B 35 4.79 18.87 -34.00
CA VAL B 35 5.61 17.72 -33.66
C VAL B 35 6.73 18.03 -32.65
N LEU B 36 7.61 18.95 -33.00
CA LEU B 36 8.74 19.28 -32.14
C LEU B 36 8.28 19.78 -30.78
N THR B 37 7.18 20.53 -30.76
CA THR B 37 6.60 21.04 -29.52
C THR B 37 6.05 19.89 -28.68
N MET B 38 5.59 18.85 -29.35
CA MET B 38 5.06 17.69 -28.63
C MET B 38 6.18 16.86 -28.02
N PHE B 39 7.33 16.84 -28.70
CA PHE B 39 8.45 16.10 -28.15
C PHE B 39 9.39 16.99 -27.34
N ARG B 40 8.96 18.23 -27.11
CA ARG B 40 9.75 19.22 -26.37
C ARG B 40 10.34 18.70 -25.06
N TYR B 41 9.59 17.85 -24.36
CA TYR B 41 10.00 17.39 -23.04
C TYR B 41 10.86 16.12 -23.03
N ALA B 42 11.22 15.64 -24.21
CA ALA B 42 12.14 14.53 -24.30
C ALA B 42 13.56 15.04 -24.08
N GLY B 43 14.42 14.20 -23.52
CA GLY B 43 15.81 14.57 -23.31
C GLY B 43 16.71 14.01 -24.39
N TRP B 44 17.99 13.87 -24.08
CA TRP B 44 18.92 13.26 -25.02
C TRP B 44 18.73 11.74 -25.02
N LEU B 45 18.57 11.18 -23.82
CA LEU B 45 18.44 9.75 -23.67
C LEU B 45 17.10 9.29 -24.26
N ASP B 46 16.12 10.20 -24.25
CA ASP B 46 14.84 9.93 -24.87
C ASP B 46 15.00 9.86 -26.38
N ARG B 47 15.71 10.83 -26.94
CA ARG B 47 15.99 10.84 -28.38
C ARG B 47 16.77 9.59 -28.79
N LEU B 48 17.59 9.09 -27.86
CA LEU B 48 18.34 7.84 -28.10
C LEU B 48 17.39 6.65 -28.12
N TYR B 49 16.51 6.59 -27.13
CA TYR B 49 15.56 5.49 -27.02
C TYR B 49 14.64 5.44 -28.22
N MET B 50 14.27 6.61 -28.72
CA MET B 50 13.42 6.71 -29.89
C MET B 50 14.17 6.34 -31.15
N LEU B 51 15.39 6.86 -31.29
CA LEU B 51 16.22 6.57 -32.45
C LEU B 51 16.42 5.07 -32.59
N VAL B 52 16.85 4.44 -31.50
CA VAL B 52 17.05 3.01 -31.47
C VAL B 52 15.74 2.25 -31.73
N GLY B 53 14.68 2.70 -31.09
CA GLY B 53 13.38 2.08 -31.25
C GLY B 53 12.96 2.05 -32.71
N THR B 54 13.12 3.19 -33.39
CA THR B 54 12.75 3.32 -34.78
C THR B 54 13.65 2.47 -35.68
N LEU B 55 14.95 2.52 -35.42
CA LEU B 55 15.91 1.75 -36.21
C LEU B 55 15.59 0.26 -36.17
N ALA B 56 15.12 -0.21 -35.01
CA ALA B 56 14.70 -1.60 -34.87
C ALA B 56 13.35 -1.82 -35.56
N ALA B 57 12.47 -0.83 -35.44
CA ALA B 57 11.12 -0.92 -35.99
C ALA B 57 11.16 -1.07 -37.49
N ILE B 58 12.12 -0.40 -38.13
CA ILE B 58 12.33 -0.52 -39.56
C ILE B 58 12.69 -1.96 -39.92
N ILE B 59 13.62 -2.54 -39.16
CA ILE B 59 14.05 -3.91 -39.41
C ILE B 59 12.86 -4.86 -39.31
N HIS B 60 12.08 -4.71 -38.25
CA HIS B 60 10.88 -5.53 -38.09
C HIS B 60 9.90 -5.27 -39.23
N GLY B 61 9.99 -4.09 -39.84
CA GLY B 61 9.15 -3.78 -40.98
C GLY B 61 9.56 -4.57 -42.20
N VAL B 62 10.83 -4.48 -42.57
CA VAL B 62 11.33 -5.18 -43.75
C VAL B 62 11.37 -6.68 -43.53
N ALA B 63 11.13 -7.10 -42.28
CA ALA B 63 11.11 -8.52 -41.96
C ALA B 63 10.14 -9.32 -42.83
N LEU B 64 8.92 -8.82 -42.98
CA LEU B 64 7.89 -9.55 -43.74
C LEU B 64 8.13 -9.66 -45.26
N PRO B 65 8.57 -8.57 -45.92
CA PRO B 65 8.94 -8.74 -47.32
C PRO B 65 10.01 -9.82 -47.50
N LEU B 66 11.06 -9.75 -46.69
CA LEU B 66 12.14 -10.74 -46.73
C LEU B 66 11.62 -12.15 -46.53
N MET B 67 10.52 -12.27 -45.78
CA MET B 67 9.88 -13.55 -45.54
C MET B 67 9.19 -14.04 -46.81
N MET B 68 8.69 -13.10 -47.60
CA MET B 68 8.04 -13.42 -48.86
C MET B 68 9.07 -13.77 -49.93
N LEU B 69 10.21 -13.09 -49.91
CA LEU B 69 11.29 -13.32 -50.85
C LEU B 69 11.74 -14.77 -50.80
N ILE B 70 12.04 -15.25 -49.58
CA ILE B 70 12.48 -16.62 -49.41
C ILE B 70 11.35 -17.61 -49.59
N PHE B 71 10.11 -17.11 -49.59
CA PHE B 71 8.98 -17.97 -49.87
C PHE B 71 8.97 -18.34 -51.33
N GLY B 72 9.30 -17.36 -52.19
CA GLY B 72 9.36 -17.59 -53.61
C GLY B 72 10.44 -18.59 -53.96
N ASP B 73 11.65 -18.32 -53.46
CA ASP B 73 12.80 -19.18 -53.70
C ASP B 73 12.53 -20.62 -53.30
N MET B 74 11.60 -20.81 -52.36
CA MET B 74 11.20 -22.13 -51.95
C MET B 74 10.34 -22.81 -53.01
N THR B 75 9.37 -22.07 -53.56
CA THR B 75 8.43 -22.63 -54.52
C THR B 75 9.07 -23.04 -55.84
N ASP B 76 10.06 -22.30 -56.29
CA ASP B 76 10.81 -22.65 -57.49
C ASP B 76 11.50 -24.00 -57.30
N SER B 77 11.87 -24.30 -56.06
CA SER B 77 12.49 -25.58 -55.74
C SER B 77 11.48 -26.72 -55.88
N PHE B 78 10.25 -26.47 -55.45
CA PHE B 78 9.18 -27.45 -55.59
C PHE B 78 8.71 -27.55 -57.03
N ALA B 79 8.82 -26.45 -57.77
CA ALA B 79 8.41 -26.44 -59.17
C ALA B 79 9.40 -27.20 -60.05
N SER B 80 10.68 -26.89 -59.91
CA SER B 80 11.72 -27.52 -60.71
C SER B 80 11.78 -29.03 -60.46
N VAL B 81 11.30 -29.45 -59.29
CA VAL B 81 11.32 -30.85 -58.91
C VAL B 81 10.02 -31.58 -59.31
N GLY B 82 8.90 -30.85 -59.24
CA GLY B 82 7.60 -31.43 -59.56
C GLY B 82 7.44 -31.91 -60.98
N GLN B 83 7.87 -31.10 -61.94
CA GLN B 83 7.71 -31.42 -63.36
C GLN B 83 8.53 -32.62 -63.82
N VAL B 84 9.64 -32.85 -63.12
CA VAL B 84 10.52 -33.98 -63.41
C VAL B 84 9.80 -35.30 -63.18
N SER B 85 9.33 -35.48 -61.95
CA SER B 85 8.76 -36.73 -61.50
C SER B 85 7.51 -37.17 -62.27
N LYS B 86 6.87 -36.24 -62.95
CA LYS B 86 5.65 -36.55 -63.67
C LYS B 86 5.91 -36.93 -65.13
N GLN B 87 6.55 -36.03 -65.87
CA GLN B 87 6.77 -36.26 -67.30
C GLN B 87 7.72 -37.43 -67.56
N SER B 88 7.21 -38.44 -68.25
CA SER B 88 7.99 -39.62 -68.65
C SER B 88 8.63 -40.34 -67.47
N THR B 89 9.71 -41.05 -67.75
CA THR B 89 10.43 -41.81 -66.73
C THR B 89 11.93 -41.70 -66.96
N GLN B 90 12.66 -41.38 -65.90
CA GLN B 90 14.11 -41.22 -65.99
C GLN B 90 14.84 -42.32 -65.23
N MET B 91 14.77 -42.28 -63.91
CA MET B 91 15.34 -43.32 -63.06
C MET B 91 14.44 -43.54 -61.85
N SER B 92 13.88 -44.74 -61.72
CA SER B 92 13.00 -45.04 -60.60
C SER B 92 13.80 -45.24 -59.31
N GLU B 93 14.91 -45.96 -59.43
CA GLU B 93 15.75 -46.25 -58.27
C GLU B 93 16.51 -45.01 -57.80
N ALA B 94 16.67 -44.05 -58.70
CA ALA B 94 17.42 -42.84 -58.39
C ALA B 94 16.49 -41.67 -58.06
N ASP B 95 15.38 -41.97 -57.41
CA ASP B 95 14.48 -40.93 -56.91
C ASP B 95 15.06 -40.31 -55.66
N LYS B 96 15.72 -41.16 -54.87
CA LYS B 96 16.28 -40.78 -53.57
C LYS B 96 17.35 -39.69 -53.66
N ARG B 97 17.80 -39.38 -54.88
CA ARG B 97 18.85 -38.41 -55.08
C ARG B 97 18.38 -37.09 -55.68
N ALA B 98 17.28 -37.13 -56.43
CA ALA B 98 16.75 -35.93 -57.06
C ALA B 98 15.68 -35.26 -56.20
N MET B 99 15.19 -35.98 -55.19
CA MET B 99 14.16 -35.46 -54.31
C MET B 99 14.70 -35.32 -52.89
N PHE B 100 14.80 -36.44 -52.20
CA PHE B 100 15.28 -36.51 -50.81
C PHE B 100 16.55 -35.67 -50.58
N ALA B 101 17.63 -36.06 -51.24
CA ALA B 101 18.92 -35.39 -51.09
C ALA B 101 18.88 -33.95 -51.63
N LYS B 102 17.90 -33.65 -52.48
CA LYS B 102 17.79 -32.33 -53.07
C LYS B 102 17.06 -31.34 -52.16
N LEU B 103 15.88 -31.72 -51.71
CA LEU B 103 15.07 -30.85 -50.86
C LEU B 103 15.55 -30.85 -49.41
N GLU B 104 16.32 -31.86 -49.00
CA GLU B 104 16.98 -31.78 -47.71
C GLU B 104 18.01 -30.68 -47.81
N GLU B 105 18.73 -30.70 -48.93
CA GLU B 105 19.75 -29.70 -49.23
C GLU B 105 19.13 -28.31 -49.32
N GLU B 106 17.88 -28.22 -49.73
CA GLU B 106 17.23 -26.93 -49.85
C GLU B 106 16.57 -26.44 -48.56
N MET B 107 16.08 -27.36 -47.74
CA MET B 107 15.42 -26.99 -46.50
C MET B 107 16.42 -26.75 -45.38
N THR B 108 17.60 -27.34 -45.50
CA THR B 108 18.66 -27.08 -44.54
C THR B 108 19.10 -25.61 -44.66
N THR B 109 18.67 -24.96 -45.74
CA THR B 109 18.93 -23.55 -45.94
C THR B 109 17.66 -22.73 -45.68
N TYR B 110 16.55 -23.13 -46.28
CA TYR B 110 15.30 -22.39 -46.14
C TYR B 110 14.79 -22.33 -44.72
N ALA B 111 14.81 -23.45 -44.02
CA ALA B 111 14.34 -23.49 -42.64
C ALA B 111 15.17 -22.55 -41.76
N TYR B 112 16.48 -22.54 -41.96
CA TYR B 112 17.35 -21.66 -41.21
C TYR B 112 17.14 -20.20 -41.60
N TYR B 113 16.68 -19.97 -42.83
CA TYR B 113 16.36 -18.62 -43.25
C TYR B 113 15.09 -18.12 -42.56
N TYR B 114 14.03 -18.91 -42.62
CA TYR B 114 12.77 -18.59 -41.95
C TYR B 114 13.00 -18.37 -40.46
N THR B 115 13.45 -19.42 -39.79
CA THR B 115 13.72 -19.41 -38.36
C THR B 115 14.68 -18.28 -38.00
N GLY B 116 15.68 -18.05 -38.85
CA GLY B 116 16.62 -16.97 -38.62
C GLY B 116 15.95 -15.62 -38.59
N ILE B 117 15.15 -15.36 -39.62
CA ILE B 117 14.42 -14.10 -39.72
C ILE B 117 13.52 -13.91 -38.51
N GLY B 118 12.77 -14.95 -38.12
CA GLY B 118 11.89 -14.84 -36.97
C GLY B 118 12.61 -14.58 -35.66
N ALA B 119 13.71 -15.29 -35.46
CA ALA B 119 14.55 -15.10 -34.30
C ALA B 119 15.08 -13.67 -34.27
N GLY B 120 15.25 -13.07 -35.44
CA GLY B 120 15.59 -11.66 -35.50
C GLY B 120 14.41 -10.77 -35.14
N VAL B 121 13.23 -11.20 -35.57
CA VAL B 121 11.99 -10.47 -35.37
C VAL B 121 11.70 -10.26 -33.90
N LEU B 122 11.84 -11.31 -33.09
CA LEU B 122 11.62 -11.14 -31.65
C LEU B 122 12.49 -10.04 -31.05
N ILE B 123 13.78 -10.06 -31.38
CA ILE B 123 14.71 -9.06 -30.88
C ILE B 123 14.33 -7.65 -31.32
N VAL B 124 14.20 -7.45 -32.63
CA VAL B 124 13.92 -6.11 -33.15
C VAL B 124 12.58 -5.54 -32.65
N ALA B 125 11.56 -6.39 -32.58
CA ALA B 125 10.26 -6.00 -32.06
C ALA B 125 10.38 -5.58 -30.60
N TYR B 126 11.12 -6.38 -29.82
CA TYR B 126 11.36 -6.05 -28.43
C TYR B 126 11.95 -4.67 -28.31
N ILE B 127 13.06 -4.43 -29.01
CA ILE B 127 13.71 -3.12 -28.99
C ILE B 127 12.69 -2.02 -29.32
N GLN B 128 11.95 -2.23 -30.41
CA GLN B 128 10.90 -1.31 -30.85
C GLN B 128 9.95 -0.91 -29.72
N VAL B 129 9.03 -1.81 -29.37
CA VAL B 129 7.98 -1.47 -28.41
C VAL B 129 8.54 -1.11 -27.03
N SER B 130 9.58 -1.81 -26.60
CA SER B 130 10.19 -1.51 -25.31
C SER B 130 10.72 -0.08 -25.24
N PHE B 131 11.67 0.24 -26.10
CA PHE B 131 12.28 1.57 -26.09
C PHE B 131 11.25 2.67 -26.31
N TRP B 132 10.28 2.42 -27.20
CA TRP B 132 9.26 3.43 -27.44
C TRP B 132 8.35 3.69 -26.24
N CYS B 133 7.76 2.64 -25.67
CA CYS B 133 6.88 2.79 -24.53
C CYS B 133 7.63 3.36 -23.34
N LEU B 134 8.88 2.96 -23.18
CA LEU B 134 9.72 3.48 -22.10
C LEU B 134 9.96 4.97 -22.25
N ALA B 135 10.42 5.40 -23.43
CA ALA B 135 10.73 6.80 -23.65
C ALA B 135 9.48 7.67 -23.55
N ALA B 136 8.41 7.19 -24.15
CA ALA B 136 7.12 7.87 -24.10
C ALA B 136 6.70 8.07 -22.65
N GLY B 137 6.80 7.00 -21.87
CA GLY B 137 6.49 7.07 -20.46
C GLY B 137 7.34 8.11 -19.75
N ARG B 138 8.65 8.07 -20.02
CA ARG B 138 9.57 9.01 -19.39
C ARG B 138 9.31 10.45 -19.79
N GLN B 139 8.59 10.65 -20.90
CA GLN B 139 8.17 11.99 -21.29
C GLN B 139 6.88 12.39 -20.58
N ILE B 140 5.92 11.47 -20.57
CA ILE B 140 4.64 11.71 -19.93
C ILE B 140 4.82 12.02 -18.45
N HIS B 141 5.79 11.35 -17.83
CA HIS B 141 6.06 11.53 -16.41
C HIS B 141 6.40 12.98 -16.09
N LYS B 142 7.18 13.62 -16.95
CA LYS B 142 7.49 15.05 -16.80
C LYS B 142 6.26 15.87 -17.16
N ILE B 143 5.57 15.44 -18.21
CA ILE B 143 4.39 16.17 -18.71
C ILE B 143 3.31 16.36 -17.64
N ARG B 144 2.95 15.29 -16.94
CA ARG B 144 1.91 15.40 -15.91
C ARG B 144 2.35 16.30 -14.77
N GLN B 145 3.59 16.13 -14.31
CA GLN B 145 4.13 16.97 -13.25
C GLN B 145 4.03 18.45 -13.59
N LYS B 146 4.50 18.81 -14.78
CA LYS B 146 4.44 20.21 -15.20
C LYS B 146 3.01 20.70 -15.45
N PHE B 147 2.14 19.78 -15.89
CA PHE B 147 0.73 20.10 -16.10
C PHE B 147 0.09 20.52 -14.78
N PHE B 148 0.21 19.65 -13.78
CA PHE B 148 -0.30 19.91 -12.43
C PHE B 148 0.28 21.20 -11.86
N HIS B 149 1.61 21.29 -11.84
CA HIS B 149 2.32 22.46 -11.33
C HIS B 149 1.80 23.75 -11.97
N ALA B 150 1.50 23.66 -13.27
CA ALA B 150 0.98 24.82 -13.98
C ALA B 150 -0.46 25.12 -13.60
N ILE B 151 -1.25 24.07 -13.36
CA ILE B 151 -2.63 24.25 -12.94
C ILE B 151 -2.62 25.03 -11.64
N MET B 152 -1.78 24.60 -10.70
CA MET B 152 -1.66 25.30 -9.42
C MET B 152 -1.04 26.68 -9.61
N ASN B 153 -0.32 26.87 -10.72
CA ASN B 153 0.29 28.16 -11.03
C ASN B 153 -0.77 29.22 -11.40
N GLN B 154 -1.85 28.77 -12.03
CA GLN B 154 -2.91 29.67 -12.51
C GLN B 154 -3.62 30.43 -11.39
N GLU B 155 -3.88 31.71 -11.62
CA GLU B 155 -4.63 32.52 -10.67
C GLU B 155 -6.10 32.11 -10.73
N ILE B 156 -6.83 32.42 -9.68
CA ILE B 156 -8.23 31.98 -9.56
C ILE B 156 -9.15 32.49 -10.66
N GLY B 157 -8.76 33.60 -11.28
CA GLY B 157 -9.54 34.16 -12.37
C GLY B 157 -9.61 33.17 -13.52
N TRP B 158 -8.54 32.39 -13.67
CA TRP B 158 -8.47 31.35 -14.67
C TRP B 158 -9.48 30.26 -14.33
N PHE B 159 -9.55 29.95 -13.04
CA PHE B 159 -10.50 28.96 -12.52
C PHE B 159 -11.94 29.41 -12.68
N ASP B 160 -12.14 30.73 -12.74
CA ASP B 160 -13.47 31.29 -12.92
C ASP B 160 -14.03 30.88 -14.27
N VAL B 161 -13.26 31.18 -15.32
CA VAL B 161 -13.70 30.93 -16.68
C VAL B 161 -13.58 29.47 -17.07
N HIS B 162 -12.88 28.68 -16.25
CA HIS B 162 -12.66 27.27 -16.55
C HIS B 162 -13.34 26.31 -15.58
N ASP B 163 -14.12 25.39 -16.12
CA ASP B 163 -14.76 24.35 -15.33
C ASP B 163 -13.69 23.41 -14.79
N VAL B 164 -13.70 23.17 -13.48
CA VAL B 164 -12.74 22.26 -12.87
C VAL B 164 -13.04 20.81 -13.22
N GLY B 165 -14.34 20.51 -13.35
CA GLY B 165 -14.82 19.17 -13.61
C GLY B 165 -14.32 18.59 -14.94
N GLU B 166 -13.94 19.48 -15.85
CA GLU B 166 -13.34 19.06 -17.11
C GLU B 166 -11.83 19.14 -17.01
N LEU B 167 -11.36 19.96 -16.07
CA LEU B 167 -9.92 20.17 -15.91
C LEU B 167 -9.22 18.97 -15.30
N ASN B 168 -9.77 18.41 -14.22
CA ASN B 168 -9.14 17.22 -13.64
C ASN B 168 -9.25 16.00 -14.56
N THR B 169 -10.41 15.86 -15.21
CA THR B 169 -10.63 14.82 -16.20
C THR B 169 -9.69 15.00 -17.39
N ARG B 170 -9.23 16.24 -17.58
CA ARG B 170 -8.16 16.47 -18.56
C ARG B 170 -6.84 15.95 -18.00
N LEU B 171 -6.54 16.30 -16.75
CA LEU B 171 -5.28 15.88 -16.10
C LEU B 171 -5.09 14.37 -16.11
N THR B 172 -6.19 13.63 -16.15
CA THR B 172 -6.07 12.18 -16.32
C THR B 172 -6.20 11.75 -17.78
N ASP B 173 -7.34 12.05 -18.38
CA ASP B 173 -7.65 11.55 -19.72
C ASP B 173 -6.79 12.10 -20.86
N ASP B 174 -6.66 13.43 -20.95
CA ASP B 174 -5.85 14.01 -22.03
C ASP B 174 -4.37 13.63 -21.97
N VAL B 175 -3.84 13.51 -20.76
CA VAL B 175 -2.46 13.08 -20.59
C VAL B 175 -2.32 11.63 -21.00
N SER B 176 -3.22 10.79 -20.49
CA SER B 176 -3.25 9.38 -20.88
C SER B 176 -3.44 9.24 -22.39
N LYS B 177 -3.94 10.30 -23.00
CA LYS B 177 -4.19 10.36 -24.44
C LYS B 177 -2.95 10.83 -25.18
N ILE B 178 -2.09 11.56 -24.49
CA ILE B 178 -0.81 11.97 -25.07
C ILE B 178 0.11 10.77 -25.07
N ASN B 179 0.09 10.03 -23.96
CA ASN B 179 0.92 8.84 -23.81
C ASN B 179 0.76 7.89 -25.00
N GLU B 180 -0.46 7.41 -25.22
CA GLU B 180 -0.77 6.72 -26.46
C GLU B 180 -0.58 7.71 -27.59
N GLY B 181 0.22 7.35 -28.59
CA GLY B 181 0.46 8.26 -29.70
C GLY B 181 1.90 8.72 -29.74
N ILE B 182 2.59 8.64 -28.60
CA ILE B 182 4.01 8.90 -28.57
C ILE B 182 4.72 7.66 -28.05
N GLY B 183 3.94 6.59 -27.87
CA GLY B 183 4.45 5.31 -27.38
C GLY B 183 4.74 4.31 -28.49
N ASP B 184 4.30 3.07 -28.28
CA ASP B 184 4.59 1.98 -29.22
C ASP B 184 3.87 2.14 -30.55
N LYS B 185 2.81 2.94 -30.56
CA LYS B 185 1.99 3.15 -31.75
C LYS B 185 2.82 3.61 -32.95
N ILE B 186 3.60 4.67 -32.78
CA ILE B 186 4.44 5.16 -33.88
C ILE B 186 5.56 4.17 -34.22
N GLY B 187 5.95 3.35 -33.25
CA GLY B 187 6.91 2.30 -33.52
C GLY B 187 6.31 1.37 -34.57
N MET B 188 5.06 1.00 -34.35
CA MET B 188 4.32 0.17 -35.29
C MET B 188 4.02 0.90 -36.60
N PHE B 189 3.93 2.23 -36.55
CA PHE B 189 3.72 3.05 -37.74
C PHE B 189 4.92 2.97 -38.67
N PHE B 190 6.11 3.23 -38.11
CA PHE B 190 7.34 3.08 -38.86
C PHE B 190 7.53 1.66 -39.35
N GLN B 191 7.12 0.70 -38.52
CA GLN B 191 7.15 -0.69 -38.93
C GLN B 191 6.34 -0.85 -40.21
N ALA B 192 5.13 -0.31 -40.23
CA ALA B 192 4.26 -0.37 -41.41
C ALA B 192 4.89 0.33 -42.61
N MET B 193 5.67 1.38 -42.34
CA MET B 193 6.32 2.09 -43.44
C MET B 193 7.46 1.28 -44.05
N ALA B 194 8.21 0.59 -43.20
CA ALA B 194 9.28 -0.29 -43.68
C ALA B 194 8.70 -1.55 -44.33
N THR B 195 7.46 -1.88 -44.00
CA THR B 195 6.77 -3.00 -44.64
C THR B 195 6.27 -2.60 -46.04
N PHE B 196 5.74 -1.38 -46.16
CA PHE B 196 5.33 -0.86 -47.46
C PHE B 196 6.55 -0.73 -48.37
N PHE B 197 7.46 0.14 -47.97
CA PHE B 197 8.68 0.38 -48.74
C PHE B 197 9.49 -0.90 -48.97
N GLY B 198 9.56 -1.77 -47.96
CA GLY B 198 10.26 -3.03 -48.12
C GLY B 198 9.61 -3.96 -49.13
N GLY B 199 8.28 -4.02 -49.08
CA GLY B 199 7.53 -4.88 -49.96
C GLY B 199 7.64 -4.44 -51.41
N PHE B 200 7.58 -3.13 -51.63
CA PHE B 200 7.70 -2.62 -52.99
C PHE B 200 9.14 -2.56 -53.49
N ILE B 201 10.09 -2.46 -52.58
CA ILE B 201 11.50 -2.57 -52.95
C ILE B 201 11.75 -3.99 -53.45
N ILE B 202 11.44 -4.96 -52.61
CA ILE B 202 11.58 -6.37 -52.97
C ILE B 202 10.84 -6.71 -54.24
N GLY B 203 9.63 -6.18 -54.38
CA GLY B 203 8.84 -6.39 -55.58
C GLY B 203 9.53 -5.84 -56.81
N PHE B 204 9.97 -4.59 -56.71
CA PHE B 204 10.59 -3.91 -57.85
C PHE B 204 12.00 -4.40 -58.16
N THR B 205 12.57 -5.21 -57.27
CA THR B 205 13.92 -5.73 -57.50
C THR B 205 13.90 -7.21 -57.88
N ARG B 206 12.79 -7.89 -57.62
CA ARG B 206 12.65 -9.27 -58.04
C ARG B 206 11.83 -9.37 -59.33
N GLY B 207 10.72 -8.63 -59.38
CA GLY B 207 9.85 -8.64 -60.54
C GLY B 207 9.53 -7.24 -61.05
N TRP B 208 10.19 -6.87 -62.13
CA TRP B 208 10.04 -5.56 -62.72
C TRP B 208 8.59 -5.19 -63.04
N LYS B 209 7.98 -5.95 -63.93
CA LYS B 209 6.66 -5.63 -64.46
C LYS B 209 5.55 -5.78 -63.42
N LEU B 210 5.58 -6.90 -62.70
CA LEU B 210 4.50 -7.30 -61.81
C LEU B 210 4.20 -6.28 -60.73
N THR B 211 5.23 -5.62 -60.22
CA THR B 211 5.07 -4.58 -59.21
C THR B 211 4.16 -3.47 -59.72
N LEU B 212 4.39 -3.06 -60.96
CA LEU B 212 3.61 -2.01 -61.59
C LEU B 212 2.21 -2.54 -61.89
N VAL B 213 2.15 -3.79 -62.33
CA VAL B 213 0.89 -4.47 -62.62
C VAL B 213 -0.07 -4.42 -61.44
N ILE B 214 0.44 -4.69 -60.25
CA ILE B 214 -0.41 -4.74 -59.06
C ILE B 214 -0.58 -3.38 -58.40
N LEU B 215 0.46 -2.55 -58.44
CA LEU B 215 0.37 -1.18 -57.94
C LEU B 215 -0.68 -0.42 -58.75
N ALA B 216 -0.89 -0.85 -59.99
CA ALA B 216 -1.87 -0.25 -60.87
C ALA B 216 -3.31 -0.42 -60.39
N ILE B 217 -3.56 -1.50 -59.65
CA ILE B 217 -4.92 -1.80 -59.19
C ILE B 217 -5.27 -1.03 -57.93
N SER B 218 -4.27 -0.72 -57.11
CA SER B 218 -4.49 0.01 -55.86
C SER B 218 -5.31 1.31 -55.96
N PRO B 219 -5.15 2.08 -57.05
CA PRO B 219 -6.03 3.26 -57.18
C PRO B 219 -7.50 2.93 -57.50
N VAL B 220 -7.80 1.68 -57.80
CA VAL B 220 -9.17 1.30 -58.15
C VAL B 220 -9.95 0.71 -56.97
N LEU B 221 -9.24 0.26 -55.94
CA LEU B 221 -9.89 -0.22 -54.73
C LEU B 221 -10.00 0.91 -53.69
N GLY B 222 -9.16 1.92 -53.84
CA GLY B 222 -9.19 3.09 -52.98
C GLY B 222 -10.13 4.13 -53.55
N LEU B 223 -10.52 3.94 -54.81
CA LEU B 223 -11.51 4.80 -55.46
C LEU B 223 -12.91 4.26 -55.18
N SER B 224 -12.97 2.96 -54.88
CA SER B 224 -14.23 2.34 -54.48
C SER B 224 -14.48 2.56 -52.99
N ALA B 225 -13.41 2.54 -52.21
CA ALA B 225 -13.51 2.76 -50.77
C ALA B 225 -13.70 4.24 -50.45
N GLY B 226 -13.52 5.08 -51.46
CA GLY B 226 -13.61 6.52 -51.30
C GLY B 226 -14.94 7.13 -51.73
N ILE B 227 -15.58 6.51 -52.71
CA ILE B 227 -16.90 6.96 -53.15
C ILE B 227 -17.98 6.37 -52.24
N TRP B 228 -17.76 5.14 -51.79
CA TRP B 228 -18.71 4.45 -50.93
C TRP B 228 -18.69 4.92 -49.46
N ALA B 229 -17.60 5.54 -49.04
CA ALA B 229 -17.52 6.07 -47.67
C ALA B 229 -18.23 7.42 -47.56
N LYS B 230 -18.56 7.99 -48.72
CA LYS B 230 -19.37 9.21 -48.78
C LYS B 230 -20.84 8.84 -48.86
N ILE B 231 -21.12 7.68 -49.45
CA ILE B 231 -22.48 7.18 -49.58
C ILE B 231 -23.03 6.72 -48.24
N LEU B 232 -22.19 6.05 -47.45
CA LEU B 232 -22.61 5.61 -46.12
C LEU B 232 -22.70 6.78 -45.15
N SER B 233 -21.80 7.74 -45.34
CA SER B 233 -21.79 8.95 -44.52
C SER B 233 -22.92 9.90 -44.88
N SER B 234 -23.56 9.65 -46.02
CA SER B 234 -24.68 10.48 -46.46
C SER B 234 -25.97 10.10 -45.74
N PHE B 235 -26.12 8.81 -45.42
CA PHE B 235 -27.32 8.34 -44.75
C PHE B 235 -27.16 8.28 -43.23
N THR B 236 -25.94 8.48 -42.76
CA THR B 236 -25.67 8.53 -41.33
C THR B 236 -25.86 9.95 -40.81
N ASP B 237 -25.37 10.92 -41.56
CA ASP B 237 -25.60 12.33 -41.25
C ASP B 237 -27.06 12.69 -41.48
N LYS B 238 -27.74 11.88 -42.29
CA LYS B 238 -29.17 12.04 -42.54
C LYS B 238 -29.95 11.36 -41.43
N GLU B 239 -29.37 10.29 -40.90
CA GLU B 239 -29.97 9.56 -39.79
C GLU B 239 -30.16 10.43 -38.56
N LEU B 240 -29.14 11.25 -38.28
CA LEU B 240 -29.14 12.06 -37.07
C LEU B 240 -30.01 13.31 -37.17
N HIS B 241 -30.44 13.64 -38.38
CA HIS B 241 -31.40 14.72 -38.58
C HIS B 241 -32.72 14.14 -39.06
N ALA B 242 -32.93 12.87 -38.73
CA ALA B 242 -34.21 12.21 -38.97
C ALA B 242 -34.72 11.66 -37.65
N TYR B 243 -33.80 11.39 -36.73
CA TYR B 243 -34.17 10.95 -35.39
C TYR B 243 -34.30 12.12 -34.41
N ALA B 244 -33.59 13.21 -34.69
CA ALA B 244 -33.68 14.41 -33.85
C ALA B 244 -35.10 14.98 -33.79
N LYS B 245 -35.96 14.51 -34.70
CA LYS B 245 -37.38 14.84 -34.69
C LYS B 245 -38.14 13.89 -33.75
N ALA B 246 -37.59 12.68 -33.60
CA ALA B 246 -38.12 11.72 -32.66
C ALA B 246 -37.53 11.96 -31.27
N GLY B 247 -36.26 12.34 -31.23
CA GLY B 247 -35.60 12.66 -29.98
C GLY B 247 -36.12 13.95 -29.40
N ALA B 248 -36.74 14.77 -30.24
CA ALA B 248 -37.28 16.06 -29.80
C ALA B 248 -38.42 15.87 -28.80
N VAL B 249 -39.41 15.08 -29.20
CA VAL B 249 -40.55 14.80 -28.35
C VAL B 249 -40.17 13.77 -27.28
N ALA B 250 -38.92 13.34 -27.29
CA ALA B 250 -38.40 12.48 -26.23
C ALA B 250 -38.06 13.32 -25.01
N GLU B 251 -37.19 14.32 -25.18
CA GLU B 251 -36.80 15.20 -24.08
C GLU B 251 -37.92 16.17 -23.73
N GLU B 252 -38.74 16.52 -24.71
CA GLU B 252 -39.90 17.39 -24.50
C GLU B 252 -40.82 16.79 -23.44
N VAL B 253 -40.87 15.46 -23.42
CA VAL B 253 -41.65 14.73 -22.42
C VAL B 253 -40.88 14.59 -21.11
N LEU B 254 -39.66 14.06 -21.19
CA LEU B 254 -38.88 13.74 -20.00
C LEU B 254 -38.59 14.94 -19.11
N ALA B 255 -38.67 16.14 -19.67
CA ALA B 255 -38.52 17.36 -18.89
C ALA B 255 -39.84 17.69 -18.20
N ALA B 256 -40.91 17.69 -18.98
CA ALA B 256 -42.22 18.11 -18.50
C ALA B 256 -43.02 16.95 -17.93
N ILE B 257 -42.34 15.85 -17.62
CA ILE B 257 -43.00 14.63 -17.18
C ILE B 257 -43.86 14.85 -15.93
N ARG B 258 -43.49 15.84 -15.13
CA ARG B 258 -44.23 16.15 -13.93
C ARG B 258 -45.68 16.44 -14.28
N THR B 259 -45.87 17.35 -15.22
CA THR B 259 -47.22 17.70 -15.66
C THR B 259 -47.78 16.67 -16.63
N VAL B 260 -46.93 15.76 -17.11
CA VAL B 260 -47.40 14.69 -18.00
C VAL B 260 -48.14 13.61 -17.23
N ILE B 261 -47.47 13.00 -16.25
CA ILE B 261 -48.11 12.02 -15.39
C ILE B 261 -49.32 12.65 -14.74
N ALA B 262 -49.16 13.91 -14.35
CA ALA B 262 -50.23 14.71 -13.76
C ALA B 262 -51.50 14.67 -14.61
N PHE B 263 -51.33 14.72 -15.92
CA PHE B 263 -52.48 14.72 -16.82
C PHE B 263 -52.63 13.41 -17.56
N GLY B 264 -51.75 12.45 -17.25
CA GLY B 264 -51.82 11.12 -17.81
C GLY B 264 -51.71 11.11 -19.33
N GLY B 265 -51.11 12.15 -19.89
CA GLY B 265 -50.97 12.27 -21.33
C GLY B 265 -49.89 11.37 -21.88
N GLN B 266 -49.73 10.20 -21.25
CA GLN B 266 -48.64 9.29 -21.57
C GLN B 266 -48.92 8.53 -22.86
N LYS B 267 -50.20 8.25 -23.11
CA LYS B 267 -50.63 7.62 -24.35
C LYS B 267 -50.27 8.52 -25.52
N LYS B 268 -50.70 9.77 -25.43
CA LYS B 268 -50.48 10.75 -26.49
C LYS B 268 -49.00 11.10 -26.67
N GLU B 269 -48.23 11.06 -25.59
CA GLU B 269 -46.81 11.36 -25.66
C GLU B 269 -46.04 10.21 -26.30
N LEU B 270 -46.44 8.98 -25.96
CA LEU B 270 -45.82 7.80 -26.56
C LEU B 270 -46.16 7.70 -28.04
N GLU B 271 -47.38 8.11 -28.40
CA GLU B 271 -47.81 8.08 -29.78
C GLU B 271 -47.14 9.17 -30.62
N ARG B 272 -46.99 10.35 -30.02
CA ARG B 272 -46.23 11.42 -30.67
C ARG B 272 -44.79 10.98 -30.83
N TYR B 273 -44.33 10.13 -29.91
CA TYR B 273 -42.98 9.59 -30.03
C TYR B 273 -42.90 8.53 -31.13
N ASN B 274 -44.00 7.83 -31.38
CA ASN B 274 -44.01 6.77 -32.37
C ASN B 274 -44.23 7.25 -33.79
N ASN B 275 -44.95 8.36 -33.93
CA ASN B 275 -45.19 8.92 -35.26
C ASN B 275 -43.93 9.51 -35.85
N ASN B 276 -42.97 9.84 -34.98
CA ASN B 276 -41.67 10.33 -35.40
C ASN B 276 -40.63 9.22 -35.34
N LEU B 277 -41.07 8.03 -34.95
CA LEU B 277 -40.18 6.88 -34.78
C LEU B 277 -40.01 6.08 -36.06
N GLU B 278 -41.09 5.98 -36.84
CA GLU B 278 -41.06 5.24 -38.10
C GLU B 278 -40.73 6.18 -39.25
N GLU B 279 -39.99 7.24 -38.94
CA GLU B 279 -39.58 8.21 -39.94
C GLU B 279 -38.07 8.15 -40.11
N ALA B 280 -37.39 7.85 -39.00
CA ALA B 280 -35.94 7.85 -38.97
C ALA B 280 -35.37 6.48 -39.24
N LYS B 281 -35.84 5.48 -38.50
CA LYS B 281 -35.36 4.11 -38.64
C LYS B 281 -35.54 3.58 -40.05
N ARG B 282 -36.66 3.94 -40.66
CA ARG B 282 -36.95 3.50 -42.01
C ARG B 282 -36.00 4.13 -43.01
N LEU B 283 -35.66 5.40 -42.78
CA LEU B 283 -34.69 6.11 -43.62
C LEU B 283 -33.26 5.82 -43.18
N GLY B 284 -33.12 4.94 -42.20
CA GLY B 284 -31.83 4.50 -41.73
C GLY B 284 -31.59 3.09 -42.22
N ILE B 285 -32.68 2.45 -42.64
CA ILE B 285 -32.59 1.18 -43.35
C ILE B 285 -31.70 1.36 -44.58
N LYS B 286 -31.89 2.49 -45.26
CA LYS B 286 -31.06 2.86 -46.41
C LYS B 286 -29.59 2.82 -46.06
N LYS B 287 -29.23 3.49 -44.96
CA LYS B 287 -27.87 3.47 -44.44
C LYS B 287 -27.41 2.03 -44.24
N ALA B 288 -28.19 1.28 -43.46
CA ALA B 288 -27.86 -0.09 -43.12
C ALA B 288 -27.60 -0.97 -44.34
N ILE B 289 -28.25 -0.65 -45.46
CA ILE B 289 -28.09 -1.42 -46.70
C ILE B 289 -26.89 -0.95 -47.53
N THR B 290 -26.96 0.28 -48.00
CA THR B 290 -25.93 0.81 -48.90
C THR B 290 -24.54 0.73 -48.25
N ALA B 291 -24.48 0.91 -46.93
CA ALA B 291 -23.20 0.84 -46.23
C ALA B 291 -22.52 -0.52 -46.35
N ASN B 292 -23.32 -1.59 -46.46
CA ASN B 292 -22.72 -2.91 -46.68
C ASN B 292 -22.61 -3.28 -48.16
N ILE B 293 -23.40 -2.61 -49.01
CA ILE B 293 -23.22 -2.76 -50.44
C ILE B 293 -21.86 -2.15 -50.80
N SER B 294 -21.41 -1.21 -49.97
CA SER B 294 -20.06 -0.70 -50.07
C SER B 294 -19.06 -1.83 -49.88
N MET B 295 -19.23 -2.58 -48.80
CA MET B 295 -18.34 -3.67 -48.47
C MET B 295 -18.35 -4.72 -49.58
N GLY B 296 -19.54 -4.94 -50.15
CA GLY B 296 -19.69 -5.84 -51.27
C GLY B 296 -18.91 -5.36 -52.49
N ALA B 297 -18.93 -4.05 -52.71
CA ALA B 297 -18.17 -3.45 -53.80
C ALA B 297 -16.67 -3.61 -53.56
N ALA B 298 -16.27 -3.46 -52.31
CA ALA B 298 -14.86 -3.59 -51.94
C ALA B 298 -14.37 -5.01 -52.21
N PHE B 299 -15.05 -6.00 -51.65
CA PHE B 299 -14.65 -7.39 -51.84
C PHE B 299 -14.70 -7.80 -53.31
N LEU B 300 -15.74 -7.33 -54.00
CA LEU B 300 -15.84 -7.56 -55.42
C LEU B 300 -14.58 -7.07 -56.10
N LEU B 301 -14.25 -5.80 -55.89
CA LEU B 301 -13.12 -5.19 -56.58
C LEU B 301 -11.76 -5.78 -56.22
N ILE B 302 -11.59 -6.22 -54.97
CA ILE B 302 -10.31 -6.84 -54.61
C ILE B 302 -10.19 -8.27 -55.15
N TYR B 303 -11.28 -9.03 -55.11
CA TYR B 303 -11.27 -10.36 -55.71
C TYR B 303 -11.00 -10.25 -57.21
N ALA B 304 -11.51 -9.16 -57.79
CA ALA B 304 -11.22 -8.85 -59.18
C ALA B 304 -9.73 -8.57 -59.34
N SER B 305 -9.17 -7.81 -58.40
CA SER B 305 -7.75 -7.49 -58.45
C SER B 305 -6.91 -8.76 -58.41
N TYR B 306 -7.38 -9.75 -57.64
CA TYR B 306 -6.74 -11.05 -57.56
C TYR B 306 -6.80 -11.75 -58.90
N ALA B 307 -8.00 -11.77 -59.48
CA ALA B 307 -8.21 -12.42 -60.77
C ALA B 307 -7.29 -11.84 -61.83
N LEU B 308 -7.20 -10.52 -61.89
CA LEU B 308 -6.38 -9.84 -62.87
C LEU B 308 -4.90 -10.11 -62.61
N ALA B 309 -4.46 -9.87 -61.38
CA ALA B 309 -3.05 -10.05 -61.03
C ALA B 309 -2.57 -11.47 -61.28
N PHE B 310 -3.47 -12.43 -61.13
CA PHE B 310 -3.15 -13.84 -61.33
C PHE B 310 -3.21 -14.23 -62.80
N TRP B 311 -4.18 -13.68 -63.52
CA TRP B 311 -4.31 -13.90 -64.95
C TRP B 311 -3.05 -13.38 -65.65
N TYR B 312 -2.48 -12.31 -65.09
CA TYR B 312 -1.27 -11.71 -65.62
C TYR B 312 -0.04 -12.51 -65.20
N GLY B 313 0.07 -12.75 -63.91
CA GLY B 313 1.20 -13.48 -63.36
C GLY B 313 1.37 -14.85 -63.99
N THR B 314 0.27 -15.57 -64.14
CA THR B 314 0.32 -16.90 -64.73
C THR B 314 0.66 -16.84 -66.21
N SER B 315 0.44 -15.69 -66.84
CA SER B 315 0.87 -15.49 -68.21
C SER B 315 2.38 -15.28 -68.20
N LEU B 316 2.89 -14.72 -67.11
CA LEU B 316 4.33 -14.51 -66.99
C LEU B 316 5.10 -15.78 -66.65
N VAL B 317 4.44 -16.80 -66.12
CA VAL B 317 5.11 -18.08 -65.87
C VAL B 317 5.07 -19.00 -67.10
N ILE B 318 4.04 -18.87 -67.93
CA ILE B 318 3.93 -19.69 -69.14
C ILE B 318 4.88 -19.23 -70.24
N SER B 319 5.35 -17.99 -70.16
CA SER B 319 6.38 -17.52 -71.08
C SER B 319 7.74 -17.71 -70.44
N LYS B 320 7.75 -18.45 -69.34
CA LYS B 320 8.97 -18.77 -68.58
C LYS B 320 9.86 -17.56 -68.24
N GLU B 321 9.23 -16.42 -67.95
CA GLU B 321 9.94 -15.23 -67.50
C GLU B 321 10.09 -15.24 -65.98
N TYR B 322 8.97 -15.05 -65.30
CA TYR B 322 8.94 -14.91 -63.84
C TYR B 322 8.80 -16.25 -63.10
N SER B 323 8.47 -17.31 -63.84
CA SER B 323 8.18 -18.61 -63.24
C SER B 323 7.09 -18.52 -62.19
N ILE B 324 7.11 -19.45 -61.24
CA ILE B 324 6.09 -19.51 -60.21
C ILE B 324 6.53 -18.79 -58.94
N GLY B 325 7.83 -18.81 -58.65
CA GLY B 325 8.32 -18.25 -57.41
C GLY B 325 8.35 -16.74 -57.40
N GLN B 326 9.01 -16.17 -58.40
CA GLN B 326 9.13 -14.72 -58.54
C GLN B 326 7.77 -14.04 -58.54
N VAL B 327 6.82 -14.60 -59.30
CA VAL B 327 5.47 -14.01 -59.36
C VAL B 327 4.82 -13.94 -57.98
N LEU B 328 4.91 -15.02 -57.21
CA LEU B 328 4.40 -15.01 -55.85
C LEU B 328 5.10 -13.94 -55.03
N THR B 329 6.42 -14.02 -54.96
CA THR B 329 7.22 -13.06 -54.19
C THR B 329 6.79 -11.62 -54.44
N VAL B 330 6.67 -11.24 -55.71
CA VAL B 330 6.21 -9.90 -56.03
C VAL B 330 4.77 -9.63 -55.60
N PHE B 331 3.87 -10.55 -55.94
CA PHE B 331 2.45 -10.40 -55.62
C PHE B 331 2.19 -10.15 -54.14
N PHE B 332 2.85 -10.92 -53.29
CA PHE B 332 2.61 -10.84 -51.86
C PHE B 332 3.45 -9.77 -51.18
N SER B 333 4.63 -9.46 -51.70
CA SER B 333 5.37 -8.34 -51.15
C SER B 333 4.60 -7.05 -51.43
N VAL B 334 3.95 -6.99 -52.59
CA VAL B 334 3.14 -5.83 -52.94
C VAL B 334 1.82 -5.78 -52.16
N LEU B 335 1.14 -6.92 -52.02
CA LEU B 335 -0.11 -6.95 -51.26
C LEU B 335 0.11 -6.66 -49.78
N ILE B 336 1.21 -7.17 -49.24
CA ILE B 336 1.58 -6.90 -47.85
C ILE B 336 1.98 -5.45 -47.69
N GLY B 337 2.76 -4.95 -48.64
CA GLY B 337 3.16 -3.56 -48.65
C GLY B 337 1.95 -2.64 -48.72
N ALA B 338 0.88 -3.13 -49.34
CA ALA B 338 -0.35 -2.36 -49.46
C ALA B 338 -1.17 -2.41 -48.16
N PHE B 339 -1.37 -3.61 -47.62
CA PHE B 339 -2.09 -3.79 -46.37
C PHE B 339 -1.36 -3.16 -45.20
N SER B 340 -0.11 -2.78 -45.43
CA SER B 340 0.71 -2.16 -44.39
C SER B 340 0.28 -0.73 -44.12
N VAL B 341 -0.27 -0.07 -45.12
CA VAL B 341 -0.70 1.31 -44.95
C VAL B 341 -1.97 1.37 -44.09
N GLY B 342 -2.93 0.50 -44.41
CA GLY B 342 -4.17 0.43 -43.66
C GLY B 342 -3.99 0.10 -42.20
N GLN B 343 -2.85 -0.48 -41.84
CA GLN B 343 -2.56 -0.82 -40.45
C GLN B 343 -1.69 0.27 -39.83
N ALA B 344 -1.44 1.32 -40.60
CA ALA B 344 -0.70 2.45 -40.10
C ALA B 344 -1.65 3.62 -39.82
N SER B 345 -2.91 3.47 -40.21
CA SER B 345 -3.90 4.53 -40.06
C SER B 345 -4.30 4.84 -38.60
N PRO B 346 -4.58 3.82 -37.78
CA PRO B 346 -4.85 4.18 -36.39
C PRO B 346 -3.57 4.61 -35.68
N ASN B 347 -2.44 4.07 -36.13
CA ASN B 347 -1.15 4.41 -35.52
C ASN B 347 -0.76 5.85 -35.81
N ILE B 348 -1.27 6.41 -36.90
CA ILE B 348 -1.05 7.81 -37.19
C ILE B 348 -2.16 8.64 -36.56
N GLU B 349 -3.34 8.05 -36.42
CA GLU B 349 -4.48 8.71 -35.78
C GLU B 349 -4.13 9.07 -34.35
N ALA B 350 -3.56 8.10 -33.62
CA ALA B 350 -3.15 8.33 -32.24
C ALA B 350 -2.14 9.45 -32.15
N PHE B 351 -1.28 9.53 -33.17
CA PHE B 351 -0.30 10.60 -33.24
C PHE B 351 -0.99 11.94 -33.37
N ALA B 352 -1.98 12.01 -34.26
CA ALA B 352 -2.75 13.23 -34.47
C ALA B 352 -3.43 13.68 -33.18
N ASN B 353 -4.18 12.76 -32.57
CA ASN B 353 -4.86 13.01 -31.31
C ASN B 353 -3.89 13.48 -30.23
N ALA B 354 -2.69 12.93 -30.26
CA ALA B 354 -1.68 13.23 -29.25
C ALA B 354 -1.44 14.73 -29.16
N ARG B 355 -1.21 15.35 -30.31
CA ARG B 355 -1.07 16.79 -30.34
C ARG B 355 -2.38 17.44 -29.92
N GLY B 356 -3.50 16.91 -30.42
CA GLY B 356 -4.82 17.44 -30.13
C GLY B 356 -5.10 17.63 -28.65
N ALA B 357 -4.62 16.71 -27.83
CA ALA B 357 -4.79 16.82 -26.38
C ALA B 357 -3.63 17.57 -25.76
N ALA B 358 -2.46 17.50 -26.40
CA ALA B 358 -1.29 18.21 -25.89
C ALA B 358 -1.43 19.72 -26.07
N TYR B 359 -2.43 20.14 -26.84
CA TYR B 359 -2.64 21.55 -27.11
C TYR B 359 -3.03 22.28 -25.83
N GLU B 360 -4.20 21.96 -25.31
CA GLU B 360 -4.67 22.52 -24.05
C GLU B 360 -3.59 22.41 -22.99
N VAL B 361 -3.01 21.21 -22.89
CA VAL B 361 -1.98 20.92 -21.90
C VAL B 361 -0.84 21.92 -21.94
N PHE B 362 -0.25 22.12 -23.12
CA PHE B 362 0.88 23.02 -23.26
C PHE B 362 0.49 24.48 -23.10
N LYS B 363 -0.72 24.84 -23.57
CA LYS B 363 -1.23 26.20 -23.38
C LYS B 363 -1.27 26.52 -21.90
N ILE B 364 -1.65 25.53 -21.10
CA ILE B 364 -1.75 25.70 -19.66
C ILE B 364 -0.38 25.66 -18.98
N ILE B 365 0.51 24.80 -19.45
CA ILE B 365 1.85 24.70 -18.86
C ILE B 365 2.65 25.97 -19.08
N ASP B 366 2.34 26.66 -20.18
CA ASP B 366 3.14 27.82 -20.57
C ASP B 366 2.58 29.15 -20.08
N ASN B 367 1.28 29.17 -19.78
CA ASN B 367 0.59 30.40 -19.40
C ASN B 367 1.07 30.98 -18.06
N LYS B 368 1.83 32.07 -18.14
CA LYS B 368 2.28 32.77 -16.94
C LYS B 368 1.28 33.85 -16.56
N PRO B 369 0.59 33.65 -15.43
CA PRO B 369 -0.49 34.54 -14.97
C PRO B 369 0.03 35.86 -14.41
N SER B 370 -0.87 36.82 -14.23
CA SER B 370 -0.51 38.12 -13.67
C SER B 370 0.05 37.96 -12.28
N ILE B 371 -0.66 37.19 -11.45
CA ILE B 371 -0.29 37.00 -10.06
C ILE B 371 0.30 35.60 -9.84
N ASP B 372 1.63 35.51 -9.85
CA ASP B 372 2.32 34.22 -9.83
C ASP B 372 2.46 33.67 -8.42
N SER B 373 1.60 32.71 -8.08
CA SER B 373 1.51 32.18 -6.71
C SER B 373 2.74 31.37 -6.27
N PHE B 374 3.64 31.07 -7.19
CA PHE B 374 4.82 30.27 -6.89
C PHE B 374 6.08 31.12 -6.86
N SER B 375 6.01 32.28 -7.49
CA SER B 375 7.18 33.10 -7.75
C SER B 375 7.89 33.54 -6.48
N LYS B 376 8.99 34.24 -6.68
CA LYS B 376 9.74 34.87 -5.61
C LYS B 376 10.77 35.81 -6.23
N SER B 377 10.86 37.02 -5.69
CA SER B 377 10.03 37.42 -4.56
C SER B 377 9.62 38.88 -4.68
N GLY B 378 8.81 39.30 -3.71
CA GLY B 378 8.54 40.70 -3.50
C GLY B 378 9.01 41.05 -2.10
N HIS B 379 8.60 42.21 -1.60
CA HIS B 379 8.94 42.60 -0.25
C HIS B 379 8.36 41.59 0.74
N LYS B 380 9.13 41.27 1.78
CA LYS B 380 8.68 40.37 2.83
C LYS B 380 8.90 40.99 4.19
N PRO B 381 8.16 42.07 4.51
CA PRO B 381 8.44 42.90 5.69
C PRO B 381 8.32 42.13 7.00
N ASP B 382 9.27 42.37 7.90
CA ASP B 382 9.24 41.78 9.22
C ASP B 382 8.44 42.69 10.16
N ASN B 383 7.53 42.10 10.93
CA ASN B 383 6.62 42.84 11.80
C ASN B 383 5.71 43.78 11.03
N ILE B 384 4.44 43.41 10.94
CA ILE B 384 3.49 44.14 10.11
C ILE B 384 2.59 45.08 10.92
N GLN B 385 2.43 46.31 10.44
CA GLN B 385 1.47 47.24 11.04
C GLN B 385 0.08 46.65 10.90
N GLY B 386 -0.25 46.25 9.69
CA GLY B 386 -1.56 45.70 9.40
C GLY B 386 -2.54 46.74 8.89
N ASN B 387 -2.00 47.89 8.49
CA ASN B 387 -2.82 48.95 7.94
C ASN B 387 -3.29 48.59 6.55
N LEU B 388 -4.59 48.74 6.29
CA LEU B 388 -5.15 48.44 4.98
C LEU B 388 -5.65 49.71 4.30
N GLU B 389 -5.22 49.92 3.06
CA GLU B 389 -5.73 51.04 2.29
C GLU B 389 -6.35 50.59 0.96
N PHE B 390 -7.52 51.15 0.67
CA PHE B 390 -8.21 50.94 -0.59
C PHE B 390 -8.46 52.31 -1.20
N LYS B 391 -7.55 52.73 -2.08
CA LYS B 391 -7.63 54.04 -2.67
C LYS B 391 -8.78 54.13 -3.67
N ASN B 392 -8.53 53.71 -4.90
CA ASN B 392 -9.56 53.81 -5.94
C ASN B 392 -10.31 52.50 -6.08
N ILE B 393 -9.58 51.48 -6.52
CA ILE B 393 -10.14 50.14 -6.68
C ILE B 393 -11.39 50.08 -7.56
N HIS B 394 -11.18 50.08 -8.87
CA HIS B 394 -12.22 49.79 -9.84
C HIS B 394 -11.99 48.38 -10.38
N PHE B 395 -12.95 47.50 -10.11
CA PHE B 395 -12.81 46.11 -10.51
C PHE B 395 -14.09 45.51 -11.06
N SER B 396 -13.93 44.58 -11.99
CA SER B 396 -15.02 43.77 -12.49
C SER B 396 -14.46 42.38 -12.77
N TYR B 397 -15.26 41.34 -12.56
CA TYR B 397 -14.80 39.97 -12.78
C TYR B 397 -14.39 39.72 -14.23
N PRO B 398 -13.32 38.92 -14.42
CA PRO B 398 -12.90 38.57 -15.79
C PRO B 398 -13.89 37.62 -16.44
N SER B 399 -14.75 36.99 -15.64
CA SER B 399 -15.78 36.11 -16.16
C SER B 399 -16.85 36.91 -16.89
N ARG B 400 -17.47 37.85 -16.18
CA ARG B 400 -18.44 38.77 -16.77
C ARG B 400 -17.93 40.20 -16.71
N LYS B 401 -17.01 40.53 -17.61
CA LYS B 401 -16.44 41.88 -17.67
C LYS B 401 -17.49 42.91 -18.09
N GLU B 402 -18.60 42.43 -18.62
CA GLU B 402 -19.71 43.30 -19.01
C GLU B 402 -20.28 44.02 -17.79
N VAL B 403 -20.31 43.34 -16.66
CA VAL B 403 -20.83 43.92 -15.42
C VAL B 403 -19.71 44.35 -14.47
N GLN B 404 -19.66 45.65 -14.19
CA GLN B 404 -18.67 46.20 -13.27
C GLN B 404 -19.19 46.10 -11.84
N ILE B 405 -18.31 45.74 -10.91
CA ILE B 405 -18.73 45.49 -9.53
C ILE B 405 -18.29 46.57 -8.55
N LEU B 406 -17.00 46.91 -8.56
CA LEU B 406 -16.48 47.94 -7.66
C LEU B 406 -16.27 49.28 -8.36
N LYS B 407 -17.16 50.23 -8.09
CA LYS B 407 -17.05 51.56 -8.65
C LYS B 407 -16.44 52.53 -7.64
N GLY B 408 -15.13 52.75 -7.75
CA GLY B 408 -14.43 53.68 -6.87
C GLY B 408 -14.60 53.41 -5.39
N LEU B 409 -14.01 52.32 -4.92
CA LEU B 409 -14.12 51.94 -3.51
C LEU B 409 -13.01 52.55 -2.67
N ASN B 410 -13.40 53.33 -1.67
CA ASN B 410 -12.44 53.90 -0.74
C ASN B 410 -12.59 53.29 0.65
N LEU B 411 -11.49 52.82 1.22
CA LEU B 411 -11.58 52.18 2.53
C LEU B 411 -10.25 52.04 3.27
N LYS B 412 -10.12 52.78 4.38
CA LYS B 412 -8.95 52.69 5.24
C LYS B 412 -9.22 51.88 6.51
N VAL B 413 -8.41 50.86 6.76
CA VAL B 413 -8.57 50.03 7.96
C VAL B 413 -7.32 50.11 8.84
N LYS B 414 -7.50 50.63 10.05
CA LYS B 414 -6.39 50.90 10.96
C LYS B 414 -5.84 49.63 11.64
N SER B 415 -4.70 49.78 12.29
CA SER B 415 -4.01 48.67 12.93
C SER B 415 -4.82 48.02 14.05
N GLY B 416 -4.96 46.70 13.99
CA GLY B 416 -5.63 45.95 15.04
C GLY B 416 -7.12 46.19 15.11
N GLN B 417 -7.64 47.00 14.20
CA GLN B 417 -9.05 47.35 14.17
C GLN B 417 -9.84 46.22 13.50
N THR B 418 -11.14 46.18 13.74
CA THR B 418 -12.01 45.21 13.09
C THR B 418 -13.17 45.88 12.37
N VAL B 419 -13.17 45.74 11.05
CA VAL B 419 -14.17 46.38 10.20
C VAL B 419 -15.19 45.38 9.67
N ALA B 420 -16.47 45.71 9.83
CA ALA B 420 -17.55 44.86 9.34
C ALA B 420 -18.12 45.38 8.02
N LEU B 421 -18.31 44.47 7.08
CA LEU B 421 -18.90 44.81 5.79
C LEU B 421 -20.38 44.44 5.78
N VAL B 422 -21.19 45.28 5.14
CA VAL B 422 -22.63 45.10 5.13
C VAL B 422 -23.25 45.97 4.04
N GLY B 423 -24.55 45.82 3.83
CA GLY B 423 -25.26 46.64 2.87
C GLY B 423 -26.12 45.80 1.94
N ASN B 424 -25.70 44.56 1.76
CA ASN B 424 -26.43 43.62 0.90
C ASN B 424 -26.57 44.14 -0.53
N SER B 425 -25.48 44.70 -1.07
CA SER B 425 -25.50 45.26 -2.42
C SER B 425 -25.39 44.15 -3.47
N GLY B 426 -24.20 43.59 -3.59
CA GLY B 426 -23.96 42.50 -4.52
C GLY B 426 -22.77 41.68 -4.08
N CYS B 427 -21.91 41.34 -5.03
CA CYS B 427 -20.71 40.56 -4.75
C CYS B 427 -19.57 41.43 -4.23
N GLY B 428 -19.84 42.73 -4.11
CA GLY B 428 -18.83 43.70 -3.72
C GLY B 428 -18.14 43.42 -2.40
N LYS B 429 -18.95 43.16 -1.37
CA LYS B 429 -18.44 42.89 -0.02
C LYS B 429 -17.38 41.80 -0.04
N SER B 430 -17.72 40.69 -0.70
CA SER B 430 -16.82 39.55 -0.77
C SER B 430 -15.71 39.77 -1.79
N THR B 431 -16.00 40.57 -2.81
CA THR B 431 -15.00 40.89 -3.82
C THR B 431 -13.85 41.65 -3.17
N THR B 432 -14.15 42.44 -2.16
CA THR B 432 -13.10 43.15 -1.43
C THR B 432 -12.20 42.16 -0.69
N VAL B 433 -12.83 41.24 0.03
CA VAL B 433 -12.13 40.15 0.73
C VAL B 433 -11.20 39.38 -0.21
N GLN B 434 -11.72 39.04 -1.38
CA GLN B 434 -10.93 38.36 -2.39
C GLN B 434 -9.76 39.25 -2.82
N LEU B 435 -10.06 40.51 -3.09
CA LEU B 435 -9.05 41.46 -3.53
C LEU B 435 -7.98 41.69 -2.47
N MET B 436 -8.26 41.29 -1.23
CA MET B 436 -7.31 41.48 -0.15
C MET B 436 -6.15 40.49 -0.21
N GLN B 437 -6.46 39.21 -0.45
CA GLN B 437 -5.42 38.20 -0.58
C GLN B 437 -4.91 38.10 -2.02
N ARG B 438 -5.02 39.20 -2.74
CA ARG B 438 -4.58 39.31 -4.14
C ARG B 438 -4.97 38.10 -4.98
N LEU B 439 -6.25 37.78 -4.97
CA LEU B 439 -6.79 36.77 -5.87
C LEU B 439 -6.91 37.38 -7.25
N TYR B 440 -7.60 38.50 -7.34
CA TYR B 440 -7.61 39.29 -8.55
C TYR B 440 -6.80 40.56 -8.32
N ASP B 441 -6.53 41.29 -9.39
CA ASP B 441 -5.98 42.64 -9.28
C ASP B 441 -6.97 43.60 -9.90
N PRO B 442 -7.04 44.83 -9.37
CA PRO B 442 -8.00 45.82 -9.88
C PRO B 442 -7.53 46.43 -11.20
N LEU B 443 -8.48 46.72 -12.09
CA LEU B 443 -8.15 47.34 -13.37
C LEU B 443 -7.63 48.75 -13.15
N ASP B 444 -8.17 49.41 -12.13
CA ASP B 444 -7.72 50.74 -11.75
C ASP B 444 -7.76 50.84 -10.22
N GLY B 445 -6.75 51.49 -9.64
CA GLY B 445 -6.65 51.62 -8.20
C GLY B 445 -5.59 50.71 -7.60
N MET B 446 -5.33 50.87 -6.31
CA MET B 446 -4.30 50.08 -5.63
C MET B 446 -4.68 49.75 -4.20
N VAL B 447 -4.32 48.56 -3.75
CA VAL B 447 -4.48 48.17 -2.35
C VAL B 447 -3.15 48.28 -1.64
N SER B 448 -3.09 49.08 -0.58
CA SER B 448 -1.82 49.35 0.09
C SER B 448 -1.78 48.88 1.54
N ILE B 449 -1.02 47.82 1.79
CA ILE B 449 -0.66 47.44 3.15
C ILE B 449 0.53 48.31 3.55
N ASP B 450 0.32 49.19 4.52
CA ASP B 450 1.32 50.17 4.93
C ASP B 450 1.74 51.07 3.77
N GLY B 451 3.05 51.29 3.62
CA GLY B 451 3.56 52.14 2.57
C GLY B 451 3.83 51.39 1.28
N GLN B 452 3.82 50.07 1.36
CA GLN B 452 4.09 49.22 0.21
C GLN B 452 2.79 48.70 -0.41
N ASP B 453 2.67 48.82 -1.73
CA ASP B 453 1.50 48.33 -2.46
C ASP B 453 1.38 46.83 -2.28
N ILE B 454 0.16 46.31 -2.39
CA ILE B 454 -0.09 44.87 -2.24
C ILE B 454 0.64 44.05 -3.30
N ARG B 455 0.96 44.69 -4.41
CA ARG B 455 1.59 43.98 -5.51
C ARG B 455 3.11 43.96 -5.37
N THR B 456 3.66 44.92 -4.62
CA THR B 456 5.10 45.02 -4.42
C THR B 456 5.64 44.01 -3.41
N ILE B 457 4.80 43.06 -2.99
CA ILE B 457 5.22 42.06 -2.02
C ILE B 457 5.05 40.65 -2.57
N ASN B 458 5.83 39.72 -2.01
CA ASN B 458 5.73 38.31 -2.36
C ASN B 458 4.32 37.79 -2.09
N VAL B 459 3.76 37.08 -3.06
CA VAL B 459 2.39 36.60 -2.93
C VAL B 459 2.27 35.45 -1.94
N ARG B 460 3.25 34.56 -1.93
CA ARG B 460 3.29 33.50 -0.93
C ARG B 460 3.31 34.12 0.47
N TYR B 461 4.26 35.05 0.66
CA TYR B 461 4.42 35.74 1.93
C TYR B 461 3.18 36.58 2.26
N LEU B 462 2.48 37.03 1.23
CA LEU B 462 1.24 37.78 1.43
C LEU B 462 0.16 36.87 2.00
N ARG B 463 0.05 35.68 1.43
CA ARG B 463 -0.96 34.72 1.88
C ARG B 463 -0.51 33.94 3.11
N GLU B 464 0.72 34.21 3.56
CA GLU B 464 1.23 33.63 4.81
C GLU B 464 0.97 34.61 5.96
N ILE B 465 0.85 35.88 5.61
CA ILE B 465 0.55 36.91 6.60
C ILE B 465 -0.92 37.29 6.53
N ILE B 466 -1.66 36.54 5.71
CA ILE B 466 -3.11 36.69 5.66
C ILE B 466 -3.79 35.33 5.75
N GLY B 467 -4.25 34.98 6.94
CA GLY B 467 -5.08 33.80 7.12
C GLY B 467 -6.49 34.17 6.70
N VAL B 468 -7.33 33.18 6.48
CA VAL B 468 -8.67 33.45 5.96
C VAL B 468 -9.64 32.30 6.22
N VAL B 469 -10.88 32.64 6.59
CA VAL B 469 -11.95 31.68 6.75
C VAL B 469 -13.07 31.98 5.77
N SER B 470 -13.26 31.12 4.78
CA SER B 470 -14.31 31.32 3.79
C SER B 470 -15.68 30.93 4.35
N GLN B 471 -16.69 30.98 3.49
CA GLN B 471 -18.05 30.65 3.90
C GLN B 471 -18.18 29.21 4.38
N GLU B 472 -18.13 28.27 3.45
CA GLU B 472 -18.19 26.86 3.81
C GLU B 472 -16.81 26.29 4.09
N PRO B 473 -16.58 25.85 5.34
CA PRO B 473 -15.31 25.29 5.77
C PRO B 473 -15.00 24.03 4.98
N VAL B 474 -13.72 23.68 4.89
CA VAL B 474 -13.35 22.49 4.13
C VAL B 474 -12.05 21.87 4.64
N LEU B 475 -12.09 20.55 4.81
CA LEU B 475 -10.93 19.80 5.29
C LEU B 475 -10.59 18.73 4.28
N PHE B 476 -9.36 18.21 4.35
CA PHE B 476 -8.91 17.20 3.41
C PHE B 476 -9.01 15.82 4.02
N ALA B 477 -9.10 14.80 3.15
CA ALA B 477 -9.20 13.43 3.61
C ALA B 477 -7.90 12.98 4.28
N THR B 478 -7.66 13.50 5.48
CA THR B 478 -6.50 13.12 6.28
C THR B 478 -6.80 13.29 7.76
N THR B 479 -5.77 13.31 8.60
CA THR B 479 -5.97 13.49 10.03
C THR B 479 -6.18 14.96 10.37
N ILE B 480 -6.64 15.22 11.58
CA ILE B 480 -6.76 16.58 12.06
C ILE B 480 -5.36 17.18 12.15
N ALA B 481 -4.42 16.37 12.64
CA ALA B 481 -3.03 16.80 12.75
C ALA B 481 -2.45 17.21 11.41
N GLU B 482 -2.90 16.57 10.34
CA GLU B 482 -2.46 16.92 9.00
C GLU B 482 -3.18 18.15 8.47
N ASN B 483 -4.45 18.32 8.85
CA ASN B 483 -5.20 19.50 8.43
C ASN B 483 -4.56 20.73 9.06
N ILE B 484 -4.20 20.62 10.34
CA ILE B 484 -3.51 21.69 11.04
C ILE B 484 -2.11 21.85 10.45
N ARG B 485 -1.51 20.73 10.06
CA ARG B 485 -0.20 20.77 9.40
C ARG B 485 -0.26 21.60 8.13
N TYR B 486 -1.43 21.61 7.49
CA TYR B 486 -1.62 22.38 6.27
C TYR B 486 -1.68 23.87 6.56
N GLY B 487 -1.52 24.24 7.82
CA GLY B 487 -1.36 25.64 8.17
C GLY B 487 0.10 26.00 8.04
N ARG B 488 0.95 25.10 8.53
CA ARG B 488 2.40 25.28 8.49
C ARG B 488 3.07 23.93 8.74
N GLU B 489 4.13 23.64 8.00
CA GLU B 489 4.73 22.32 8.01
C GLU B 489 5.54 22.00 9.26
N ASP B 490 6.34 22.97 9.71
CA ASP B 490 7.26 22.74 10.82
C ASP B 490 6.66 23.01 12.20
N VAL B 491 5.34 22.90 12.30
CA VAL B 491 4.68 23.06 13.59
C VAL B 491 4.95 21.86 14.48
N THR B 492 5.14 22.11 15.77
CA THR B 492 5.27 21.03 16.73
C THR B 492 3.89 20.68 17.25
N MET B 493 3.75 19.48 17.82
CA MET B 493 2.46 19.02 18.29
C MET B 493 1.90 19.92 19.39
N ASP B 494 2.80 20.45 20.21
CA ASP B 494 2.42 21.37 21.28
C ASP B 494 1.79 22.63 20.72
N GLU B 495 2.39 23.16 19.65
CA GLU B 495 1.86 24.34 18.99
C GLU B 495 0.49 24.06 18.38
N ILE B 496 0.35 22.87 17.81
CA ILE B 496 -0.94 22.41 17.29
C ILE B 496 -1.97 22.42 18.40
N GLU B 497 -1.57 21.95 19.58
CA GLU B 497 -2.44 21.97 20.75
C GLU B 497 -2.87 23.39 21.06
N LYS B 498 -1.90 24.27 21.29
CA LYS B 498 -2.17 25.67 21.60
C LYS B 498 -3.15 26.30 20.60
N ALA B 499 -2.94 25.98 19.33
CA ALA B 499 -3.78 26.50 18.26
C ALA B 499 -5.21 25.98 18.37
N VAL B 500 -5.36 24.66 18.51
CA VAL B 500 -6.67 24.05 18.61
C VAL B 500 -7.44 24.56 19.82
N LYS B 501 -6.72 24.74 20.93
CA LYS B 501 -7.31 25.27 22.15
C LYS B 501 -7.77 26.70 21.93
N GLU B 502 -6.94 27.48 21.25
CA GLU B 502 -7.28 28.87 20.96
C GLU B 502 -8.51 28.95 20.05
N ALA B 503 -8.80 27.86 19.34
CA ALA B 503 -9.93 27.84 18.41
C ALA B 503 -11.19 27.25 19.05
N ASN B 504 -11.11 27.01 20.35
CA ASN B 504 -12.15 26.28 21.06
C ASN B 504 -12.56 25.01 20.32
N ALA B 505 -11.58 24.16 20.04
CA ALA B 505 -11.82 22.94 19.30
C ALA B 505 -11.22 21.74 20.03
N TYR B 506 -10.47 22.02 21.08
CA TYR B 506 -9.76 21.00 21.84
C TYR B 506 -10.71 20.00 22.50
N ASP B 507 -11.81 20.52 23.03
CA ASP B 507 -12.78 19.71 23.77
C ASP B 507 -13.34 18.55 22.95
N PHE B 508 -13.96 18.85 21.81
CA PHE B 508 -14.61 17.82 21.01
C PHE B 508 -13.60 16.91 20.31
N ILE B 509 -12.42 17.46 19.99
CA ILE B 509 -11.37 16.67 19.38
C ILE B 509 -10.87 15.62 20.35
N MET B 510 -10.65 16.02 21.61
CA MET B 510 -10.25 15.08 22.63
C MET B 510 -11.31 14.03 22.90
N LYS B 511 -12.56 14.35 22.54
CA LYS B 511 -13.66 13.42 22.70
C LYS B 511 -13.82 12.51 21.47
N LEU B 512 -12.93 12.69 20.49
CA LEU B 512 -12.93 11.85 19.30
C LEU B 512 -12.16 10.56 19.58
N PRO B 513 -12.56 9.44 18.94
CA PRO B 513 -12.05 8.11 19.27
C PRO B 513 -10.53 8.02 19.27
N HIS B 514 -9.91 8.55 18.23
CA HIS B 514 -8.47 8.43 18.07
C HIS B 514 -7.79 9.78 18.31
N GLN B 515 -8.41 10.64 19.10
CA GLN B 515 -7.87 11.94 19.42
C GLN B 515 -7.54 12.78 18.18
N PHE B 516 -6.29 13.20 18.04
CA PHE B 516 -5.88 14.08 16.95
C PHE B 516 -5.69 13.33 15.64
N ASP B 517 -5.10 12.14 15.76
CA ASP B 517 -4.80 11.29 14.61
C ASP B 517 -6.08 10.69 14.00
N THR B 518 -7.23 11.17 14.45
CA THR B 518 -8.51 10.74 13.90
C THR B 518 -8.64 11.15 12.44
N LEU B 519 -9.14 10.24 11.62
CA LEU B 519 -9.40 10.53 10.22
C LEU B 519 -10.51 11.57 10.11
N VAL B 520 -10.55 12.27 8.97
CA VAL B 520 -11.55 13.30 8.72
C VAL B 520 -11.56 13.61 7.22
N GLY B 521 -12.56 14.37 6.78
CA GLY B 521 -12.61 14.80 5.39
C GLY B 521 -13.77 14.17 4.64
N GLU B 522 -13.49 13.70 3.43
CA GLU B 522 -14.51 13.09 2.59
C GLU B 522 -15.05 11.81 3.22
N ARG B 523 -14.28 10.74 3.16
CA ARG B 523 -14.70 9.45 3.73
C ARG B 523 -14.28 9.31 5.18
N GLY B 524 -15.19 8.80 6.00
CA GLY B 524 -14.90 8.55 7.40
C GLY B 524 -15.01 9.79 8.26
N ALA B 525 -15.59 9.63 9.44
CA ALA B 525 -15.73 10.71 10.42
C ALA B 525 -16.38 11.97 9.85
N GLN B 526 -17.70 11.97 9.80
CA GLN B 526 -18.44 13.14 9.33
C GLN B 526 -18.60 14.16 10.47
N LEU B 527 -18.08 15.36 10.25
CA LEU B 527 -18.14 16.40 11.28
C LEU B 527 -19.22 17.44 10.97
N SER B 528 -19.75 18.05 12.02
CA SER B 528 -20.74 19.12 11.84
C SER B 528 -20.04 20.37 11.34
N GLY B 529 -20.78 21.20 10.59
CA GLY B 529 -20.24 22.40 9.98
C GLY B 529 -19.56 23.34 10.95
N GLY B 530 -20.13 23.46 12.15
CA GLY B 530 -19.54 24.28 13.19
C GLY B 530 -18.18 23.77 13.59
N GLN B 531 -18.09 22.45 13.78
CA GLN B 531 -16.84 21.82 14.19
C GLN B 531 -15.76 21.94 13.11
N LYS B 532 -16.15 21.63 11.87
CA LYS B 532 -15.25 21.78 10.74
C LYS B 532 -14.73 23.20 10.68
N GLN B 533 -15.66 24.16 10.73
CA GLN B 533 -15.31 25.56 10.70
C GLN B 533 -14.29 25.90 11.77
N ARG B 534 -14.57 25.50 13.00
CA ARG B 534 -13.65 25.73 14.10
C ARG B 534 -12.26 25.18 13.80
N ILE B 535 -12.21 23.95 13.32
CA ILE B 535 -10.95 23.33 12.94
C ILE B 535 -10.22 24.21 11.93
N ALA B 536 -10.95 24.73 10.96
CA ALA B 536 -10.37 25.59 9.94
C ALA B 536 -9.79 26.84 10.58
N ILE B 537 -10.55 27.42 11.51
CA ILE B 537 -10.10 28.58 12.26
C ILE B 537 -8.75 28.25 12.88
N ALA B 538 -8.65 27.06 13.48
CA ALA B 538 -7.40 26.64 14.10
C ALA B 538 -6.31 26.62 13.04
N ARG B 539 -6.62 26.03 11.89
CA ARG B 539 -5.69 25.94 10.77
C ARG B 539 -5.09 27.30 10.43
N ALA B 540 -5.94 28.24 10.04
CA ALA B 540 -5.47 29.58 9.74
C ALA B 540 -4.72 30.18 10.92
N LEU B 541 -5.17 29.88 12.13
CA LEU B 541 -4.57 30.43 13.35
C LEU B 541 -3.14 29.93 13.61
N VAL B 542 -2.79 28.77 13.04
CA VAL B 542 -1.44 28.26 13.19
C VAL B 542 -0.45 29.12 12.40
N ARG B 543 -0.98 29.83 11.41
CA ARG B 543 -0.17 30.69 10.54
C ARG B 543 0.23 31.99 11.23
N ASN B 544 -0.44 32.30 12.34
CA ASN B 544 -0.27 33.56 13.04
C ASN B 544 -0.33 34.76 12.09
N PRO B 545 -1.51 34.99 11.51
CA PRO B 545 -1.64 36.08 10.53
C PRO B 545 -1.66 37.42 11.24
N LYS B 546 -1.18 38.46 10.59
CA LYS B 546 -1.32 39.79 11.13
C LYS B 546 -2.56 40.42 10.54
N ILE B 547 -3.12 39.77 9.53
CA ILE B 547 -4.36 40.22 8.90
C ILE B 547 -5.33 39.06 8.79
N LEU B 548 -6.57 39.30 9.19
CA LEU B 548 -7.58 38.25 9.21
C LEU B 548 -8.79 38.63 8.37
N LEU B 549 -9.37 37.64 7.69
CA LEU B 549 -10.55 37.87 6.87
C LEU B 549 -11.60 36.81 7.18
N LEU B 550 -12.83 37.25 7.42
CA LEU B 550 -13.92 36.34 7.73
C LEU B 550 -15.05 36.55 6.73
N ASP B 551 -15.18 35.66 5.77
CA ASP B 551 -16.22 35.78 4.75
C ASP B 551 -17.39 34.86 5.07
N GLU B 552 -18.43 35.42 5.69
CA GLU B 552 -19.63 34.66 6.06
C GLU B 552 -19.29 33.43 6.89
N ALA B 553 -18.41 33.61 7.87
CA ALA B 553 -17.92 32.51 8.69
C ALA B 553 -19.02 31.77 9.44
N THR B 554 -19.91 32.54 10.07
CA THR B 554 -20.96 31.98 10.89
C THR B 554 -22.18 31.61 10.06
N SER B 555 -22.15 31.95 8.78
CA SER B 555 -23.28 31.70 7.89
C SER B 555 -23.50 30.22 7.66
N ALA B 556 -24.75 29.85 7.36
CA ALA B 556 -25.14 28.46 7.14
C ALA B 556 -24.85 27.58 8.35
N LEU B 557 -24.91 28.16 9.54
CA LEU B 557 -24.71 27.42 10.77
C LEU B 557 -25.88 27.67 11.72
N ASP B 558 -26.26 26.65 12.48
CA ASP B 558 -27.34 26.78 13.45
C ASP B 558 -26.91 27.76 14.54
N THR B 559 -27.88 28.39 15.18
CA THR B 559 -27.61 29.47 16.13
C THR B 559 -26.93 29.00 17.42
N GLU B 560 -27.06 27.72 17.74
CA GLU B 560 -26.51 27.17 18.99
C GLU B 560 -25.00 26.92 18.89
N SER B 561 -24.51 26.65 17.69
CA SER B 561 -23.08 26.47 17.46
C SER B 561 -22.43 27.77 16.99
N GLU B 562 -23.26 28.61 16.38
CA GLU B 562 -22.87 29.95 15.97
C GLU B 562 -22.24 30.69 17.14
N ALA B 563 -22.73 30.39 18.34
CA ALA B 563 -22.22 30.97 19.58
C ALA B 563 -20.76 30.62 19.84
N VAL B 564 -20.46 29.34 19.96
CA VAL B 564 -19.09 28.90 20.25
C VAL B 564 -18.13 29.26 19.12
N VAL B 565 -18.60 29.13 17.88
CA VAL B 565 -17.79 29.50 16.73
C VAL B 565 -17.42 30.98 16.74
N GLN B 566 -18.42 31.84 16.89
CA GLN B 566 -18.19 33.28 16.99
C GLN B 566 -17.30 33.61 18.18
N ALA B 567 -17.41 32.80 19.24
CA ALA B 567 -16.62 33.00 20.43
C ALA B 567 -15.14 32.77 20.14
N ALA B 568 -14.86 31.72 19.36
CA ALA B 568 -13.50 31.44 18.94
C ALA B 568 -13.00 32.55 18.02
N LEU B 569 -13.86 32.98 17.10
CA LEU B 569 -13.55 34.05 16.15
C LEU B 569 -13.13 35.33 16.87
N ASP B 570 -13.90 35.72 17.88
CA ASP B 570 -13.63 36.94 18.64
C ASP B 570 -12.26 36.89 19.33
N LYS B 571 -11.82 35.70 19.71
CA LYS B 571 -10.50 35.52 20.30
C LYS B 571 -9.42 35.51 19.21
N ALA B 572 -9.80 35.13 18.00
CA ALA B 572 -8.88 35.18 16.88
C ALA B 572 -8.62 36.63 16.49
N ARG B 573 -9.64 37.48 16.63
CA ARG B 573 -9.58 38.87 16.18
C ARG B 573 -8.65 39.76 17.00
N GLU B 574 -7.99 39.19 17.99
CA GLU B 574 -7.13 39.98 18.87
C GLU B 574 -5.71 40.12 18.32
N GLY B 575 -5.28 41.36 18.13
CA GLY B 575 -3.96 41.65 17.60
C GLY B 575 -3.90 41.48 16.09
N ARG B 576 -5.07 41.37 15.47
CA ARG B 576 -5.14 41.15 14.03
C ARG B 576 -6.14 42.09 13.36
N THR B 577 -5.75 42.63 12.22
CA THR B 577 -6.66 43.44 11.41
C THR B 577 -7.68 42.54 10.75
N THR B 578 -8.96 42.74 11.07
CA THR B 578 -10.00 41.82 10.65
C THR B 578 -11.07 42.47 9.78
N ILE B 579 -11.22 42.00 8.56
CA ILE B 579 -12.34 42.38 7.71
C ILE B 579 -13.39 41.27 7.77
N VAL B 580 -14.56 41.56 8.33
CA VAL B 580 -15.56 40.52 8.54
C VAL B 580 -16.93 40.82 7.90
N ILE B 581 -17.42 39.87 7.11
CA ILE B 581 -18.75 39.95 6.53
C ILE B 581 -19.67 38.94 7.22
N ALA B 582 -20.87 39.37 7.56
CA ALA B 582 -21.85 38.47 8.18
C ALA B 582 -23.26 38.76 7.66
N HIS B 583 -24.09 37.73 7.60
CA HIS B 583 -25.48 37.89 7.21
C HIS B 583 -26.30 38.37 8.41
N ARG B 584 -26.04 37.77 9.56
CA ARG B 584 -26.73 38.17 10.78
C ARG B 584 -26.04 39.36 11.44
N LEU B 585 -26.80 40.43 11.65
CA LEU B 585 -26.24 41.68 12.13
C LEU B 585 -25.93 41.69 13.62
N SER B 586 -26.15 40.56 14.28
CA SER B 586 -25.92 40.48 15.73
C SER B 586 -24.43 40.49 16.05
N THR B 587 -23.62 39.93 15.15
CA THR B 587 -22.18 39.87 15.34
C THR B 587 -21.47 41.04 14.65
N VAL B 588 -22.27 41.91 14.04
CA VAL B 588 -21.74 43.09 13.35
C VAL B 588 -21.54 44.26 14.31
N ARG B 589 -22.52 44.48 15.18
CA ARG B 589 -22.52 45.66 16.07
C ARG B 589 -21.26 45.86 16.91
N ASN B 590 -20.73 44.78 17.46
CA ASN B 590 -19.56 44.87 18.33
C ASN B 590 -18.25 45.13 17.59
N ALA B 591 -18.29 45.11 16.27
CA ALA B 591 -17.11 45.42 15.46
C ALA B 591 -16.71 46.87 15.64
N ASP B 592 -15.50 47.23 15.20
CA ASP B 592 -14.98 48.57 15.43
C ASP B 592 -15.51 49.61 14.43
N VAL B 593 -15.62 49.22 13.16
CA VAL B 593 -16.16 50.11 12.16
C VAL B 593 -17.09 49.38 11.18
N ILE B 594 -18.25 49.97 10.95
CA ILE B 594 -19.23 49.40 10.03
C ILE B 594 -19.22 50.17 8.72
N ALA B 595 -18.83 49.50 7.65
CA ALA B 595 -18.81 50.11 6.33
C ALA B 595 -19.92 49.53 5.47
N GLY B 596 -20.64 50.39 4.77
CA GLY B 596 -21.77 49.98 3.97
C GLY B 596 -21.44 49.86 2.48
N PHE B 597 -22.29 49.15 1.75
CA PHE B 597 -22.10 48.99 0.32
C PHE B 597 -23.40 49.27 -0.42
N ASP B 598 -23.48 50.43 -1.06
CA ASP B 598 -24.60 50.72 -1.96
C ASP B 598 -24.07 50.79 -3.38
N GLY B 599 -24.24 49.71 -4.13
CA GLY B 599 -23.68 49.62 -5.46
C GLY B 599 -22.22 49.25 -5.38
N GLY B 600 -21.38 50.02 -6.07
CA GLY B 600 -19.94 49.74 -6.11
C GLY B 600 -19.12 50.60 -5.16
N VAL B 601 -19.76 51.57 -4.52
CA VAL B 601 -19.06 52.47 -3.63
C VAL B 601 -19.39 52.19 -2.16
N ILE B 602 -18.64 52.82 -1.27
CA ILE B 602 -18.96 52.76 0.16
C ILE B 602 -19.53 54.08 0.61
N VAL B 603 -20.80 54.07 0.99
CA VAL B 603 -21.49 55.30 1.37
C VAL B 603 -21.34 55.62 2.86
N GLU B 604 -21.90 54.78 3.72
CA GLU B 604 -21.88 55.02 5.16
C GLU B 604 -20.75 54.25 5.83
N GLN B 605 -19.91 54.97 6.57
CA GLN B 605 -18.79 54.36 7.30
C GLN B 605 -18.58 55.03 8.63
N GLY B 606 -18.43 54.22 9.67
CA GLY B 606 -18.20 54.74 11.01
C GLY B 606 -18.67 53.73 12.04
N ASN B 607 -18.94 54.22 13.24
CA ASN B 607 -19.39 53.35 14.32
C ASN B 607 -20.90 53.11 14.27
N HIS B 608 -21.32 51.96 14.79
CA HIS B 608 -22.71 51.54 14.88
C HIS B 608 -23.70 52.68 15.18
N ASP B 609 -23.39 53.44 16.23
CA ASP B 609 -24.28 54.53 16.65
C ASP B 609 -24.44 55.60 15.57
N GLU B 610 -23.37 55.90 14.85
CA GLU B 610 -23.42 56.90 13.78
C GLU B 610 -24.42 56.49 12.70
N LEU B 611 -24.25 55.28 12.18
CA LEU B 611 -25.12 54.76 11.13
C LEU B 611 -26.56 54.61 11.63
N MET B 612 -26.72 54.32 12.91
CA MET B 612 -28.04 54.19 13.50
C MET B 612 -28.77 55.54 13.54
N ARG B 613 -28.11 56.55 14.10
CA ARG B 613 -28.69 57.89 14.14
C ARG B 613 -28.83 58.44 12.71
N GLU B 614 -28.01 57.93 11.80
CA GLU B 614 -28.03 58.34 10.40
C GLU B 614 -29.18 57.67 9.65
N LYS B 615 -29.68 56.56 10.20
CA LYS B 615 -30.78 55.80 9.60
C LYS B 615 -30.53 55.46 8.13
N GLY B 616 -29.30 55.09 7.82
CA GLY B 616 -28.94 54.76 6.45
C GLY B 616 -29.38 53.38 6.00
N ILE B 617 -28.51 52.69 5.27
CA ILE B 617 -28.80 51.35 4.78
C ILE B 617 -28.75 50.34 5.93
N TYR B 618 -27.73 50.48 6.78
CA TYR B 618 -27.53 49.62 7.95
C TYR B 618 -28.76 49.57 8.84
N PHE B 619 -29.31 50.75 9.12
CA PHE B 619 -30.51 50.88 9.94
C PHE B 619 -31.70 50.16 9.31
N LYS B 620 -31.82 50.29 7.99
CA LYS B 620 -32.87 49.61 7.26
C LYS B 620 -32.72 48.10 7.38
N LEU B 621 -31.48 47.63 7.33
CA LEU B 621 -31.19 46.21 7.50
C LEU B 621 -31.57 45.72 8.89
N VAL B 622 -31.29 46.53 9.90
CA VAL B 622 -31.65 46.18 11.27
C VAL B 622 -33.17 46.11 11.44
N MET B 623 -33.88 47.08 10.88
CA MET B 623 -35.34 47.13 11.02
C MET B 623 -36.06 46.06 10.19
N THR B 624 -35.43 45.63 9.09
CA THR B 624 -36.04 44.61 8.24
C THR B 624 -35.71 43.20 8.73
N GLN B 625 -34.52 43.03 9.29
CA GLN B 625 -34.12 41.72 9.81
C GLN B 625 -34.50 41.58 11.28
N THR B 626 -35.28 42.53 11.77
CA THR B 626 -35.83 42.52 13.13
C THR B 626 -34.79 42.42 14.23
N VAL B 688 -23.16 -0.80 -12.16
CA VAL B 688 -22.91 -1.87 -13.13
C VAL B 688 -24.03 -2.90 -13.10
N PRO B 689 -24.67 -3.13 -14.25
CA PRO B 689 -25.75 -4.12 -14.36
C PRO B 689 -25.24 -5.55 -14.50
N PRO B 690 -25.77 -6.47 -13.67
CA PRO B 690 -25.53 -7.90 -13.89
C PRO B 690 -26.34 -8.33 -15.12
N ALA B 691 -26.07 -9.52 -15.66
CA ALA B 691 -26.83 -10.05 -16.78
C ALA B 691 -26.54 -9.25 -18.08
N SER B 692 -26.83 -9.79 -19.26
CA SER B 692 -27.52 -11.07 -19.44
C SER B 692 -26.94 -11.93 -20.55
N PHE B 693 -27.19 -13.24 -20.46
CA PHE B 693 -26.71 -14.21 -21.45
C PHE B 693 -27.76 -14.49 -22.53
N TRP B 694 -27.58 -13.87 -23.69
CA TRP B 694 -28.43 -14.12 -24.86
C TRP B 694 -29.91 -13.80 -24.67
N ARG B 695 -30.21 -12.92 -23.70
CA ARG B 695 -31.54 -12.38 -23.54
C ARG B 695 -31.75 -11.34 -24.62
N ILE B 696 -30.69 -10.60 -24.91
CA ILE B 696 -30.69 -9.54 -25.93
C ILE B 696 -31.13 -10.10 -27.28
N LEU B 697 -30.79 -11.35 -27.52
CA LEU B 697 -31.11 -12.00 -28.79
C LEU B 697 -32.60 -12.25 -28.90
N LYS B 698 -33.25 -12.54 -27.77
CA LYS B 698 -34.69 -12.78 -27.75
C LYS B 698 -35.51 -11.51 -28.00
N LEU B 699 -34.85 -10.37 -27.97
CA LEU B 699 -35.53 -9.11 -28.28
C LEU B 699 -35.82 -9.05 -29.77
N ASN B 700 -34.85 -9.49 -30.57
CA ASN B 700 -34.97 -9.46 -32.03
C ASN B 700 -35.71 -10.69 -32.56
N SER B 701 -36.19 -11.52 -31.64
CA SER B 701 -36.85 -12.77 -31.99
C SER B 701 -38.21 -12.59 -32.67
N THR B 702 -38.61 -11.33 -32.87
CA THR B 702 -39.89 -11.03 -33.50
C THR B 702 -39.82 -11.30 -35.01
N GLU B 703 -38.59 -11.42 -35.53
CA GLU B 703 -38.37 -11.58 -36.96
C GLU B 703 -37.59 -12.84 -37.32
N TRP B 704 -38.31 -13.94 -37.51
CA TRP B 704 -37.69 -15.19 -37.97
C TRP B 704 -37.01 -15.09 -39.36
N PRO B 705 -37.77 -14.70 -40.41
CA PRO B 705 -37.24 -14.80 -41.78
C PRO B 705 -35.92 -14.08 -41.99
N TYR B 706 -35.83 -12.85 -41.50
CA TYR B 706 -34.61 -12.07 -41.59
C TYR B 706 -33.44 -12.86 -41.03
N PHE B 707 -33.67 -13.49 -39.88
CA PHE B 707 -32.61 -14.27 -39.24
C PHE B 707 -32.31 -15.60 -39.92
N VAL B 708 -33.30 -16.23 -40.53
CA VAL B 708 -33.07 -17.49 -41.24
C VAL B 708 -32.24 -17.24 -42.49
N VAL B 709 -32.74 -16.36 -43.36
CA VAL B 709 -32.03 -16.01 -44.59
C VAL B 709 -30.67 -15.41 -44.25
N GLY B 710 -30.62 -14.70 -43.12
CA GLY B 710 -29.38 -14.14 -42.63
C GLY B 710 -28.36 -15.21 -42.25
N ILE B 711 -28.83 -16.25 -41.58
CA ILE B 711 -27.98 -17.37 -41.23
C ILE B 711 -27.47 -18.07 -42.47
N PHE B 712 -28.39 -18.44 -43.36
CA PHE B 712 -28.04 -19.12 -44.61
C PHE B 712 -27.02 -18.32 -45.39
N CYS B 713 -27.18 -17.00 -45.38
CA CYS B 713 -26.27 -16.10 -46.08
C CYS B 713 -24.90 -16.06 -45.43
N ALA B 714 -24.87 -15.92 -44.10
CA ALA B 714 -23.63 -15.87 -43.35
C ALA B 714 -22.85 -17.17 -43.53
N ILE B 715 -23.59 -18.26 -43.71
CA ILE B 715 -22.96 -19.56 -43.91
C ILE B 715 -22.18 -19.62 -45.21
N ILE B 716 -22.85 -19.38 -46.34
CA ILE B 716 -22.17 -19.40 -47.63
C ILE B 716 -21.07 -18.35 -47.69
N ASN B 717 -21.35 -17.18 -47.13
CA ASN B 717 -20.39 -16.09 -47.07
C ASN B 717 -19.18 -16.52 -46.26
N GLY B 718 -19.40 -17.44 -45.33
CA GLY B 718 -18.30 -18.02 -44.58
C GLY B 718 -17.59 -19.10 -45.36
N GLY B 719 -18.32 -19.77 -46.23
CA GLY B 719 -17.77 -20.86 -47.02
C GLY B 719 -16.95 -20.34 -48.17
N LEU B 720 -17.09 -19.04 -48.41
CA LEU B 720 -16.34 -18.36 -49.45
C LEU B 720 -14.84 -18.44 -49.18
N GLN B 721 -14.46 -18.03 -47.97
CA GLN B 721 -13.05 -17.92 -47.57
C GLN B 721 -12.20 -19.19 -47.72
N PRO B 722 -12.70 -20.34 -47.24
CA PRO B 722 -11.84 -21.53 -47.44
C PRO B 722 -11.81 -21.92 -48.90
N ALA B 723 -12.93 -21.75 -49.58
CA ALA B 723 -13.02 -22.03 -51.01
C ALA B 723 -11.99 -21.21 -51.78
N PHE B 724 -11.87 -19.94 -51.41
CA PHE B 724 -10.91 -19.04 -52.02
C PHE B 724 -9.49 -19.52 -51.75
N SER B 725 -9.29 -20.18 -50.62
CA SER B 725 -7.99 -20.72 -50.28
C SER B 725 -7.70 -21.91 -51.19
N VAL B 726 -8.75 -22.66 -51.51
CA VAL B 726 -8.61 -23.80 -52.41
C VAL B 726 -8.20 -23.34 -53.81
N ILE B 727 -8.83 -22.28 -54.29
CA ILE B 727 -8.57 -21.77 -55.63
C ILE B 727 -7.12 -21.30 -55.80
N PHE B 728 -6.58 -20.62 -54.80
CA PHE B 728 -5.19 -20.18 -54.87
C PHE B 728 -4.26 -21.37 -55.03
N SER B 729 -4.41 -22.35 -54.15
CA SER B 729 -3.57 -23.54 -54.16
C SER B 729 -3.55 -24.21 -55.53
N LYS B 730 -4.68 -24.18 -56.22
CA LYS B 730 -4.76 -24.76 -57.55
C LYS B 730 -3.99 -23.93 -58.58
N VAL B 731 -4.12 -22.61 -58.51
CA VAL B 731 -3.43 -21.72 -59.42
C VAL B 731 -1.92 -21.95 -59.38
N VAL B 732 -1.34 -21.83 -58.21
CA VAL B 732 0.10 -22.01 -58.07
C VAL B 732 0.48 -23.47 -58.11
N GLY B 733 -0.51 -24.34 -57.91
CA GLY B 733 -0.27 -25.77 -57.87
C GLY B 733 0.09 -26.35 -59.23
N VAL B 734 -0.55 -25.83 -60.28
CA VAL B 734 -0.36 -26.38 -61.62
C VAL B 734 1.01 -26.03 -62.18
N PHE B 735 1.66 -25.03 -61.61
CA PHE B 735 2.98 -24.63 -62.06
C PHE B 735 4.07 -25.18 -61.15
N THR B 736 3.68 -26.09 -60.25
CA THR B 736 4.62 -26.70 -59.32
C THR B 736 4.77 -28.19 -59.54
N ASN B 737 3.64 -28.87 -59.78
CA ASN B 737 3.69 -30.30 -60.08
C ASN B 737 4.08 -30.56 -61.54
N GLY B 738 4.12 -29.50 -62.33
CA GLY B 738 4.54 -29.58 -63.72
C GLY B 738 3.43 -29.93 -64.67
N GLY B 739 3.78 -30.62 -65.76
CA GLY B 739 2.81 -30.99 -66.76
C GLY B 739 2.99 -30.21 -68.05
N PRO B 740 2.15 -30.52 -69.05
CA PRO B 740 2.21 -29.88 -70.37
C PRO B 740 1.93 -28.38 -70.31
N PRO B 741 2.80 -27.57 -70.95
CA PRO B 741 2.65 -26.11 -71.03
C PRO B 741 1.43 -25.70 -71.84
N GLU B 742 1.05 -26.52 -72.81
CA GLU B 742 -0.14 -26.25 -73.61
C GLU B 742 -1.37 -26.28 -72.73
N THR B 743 -1.28 -26.99 -71.61
CA THR B 743 -2.38 -27.08 -70.67
C THR B 743 -2.16 -26.13 -69.48
N GLN B 744 -1.05 -25.41 -69.48
CA GLN B 744 -0.76 -24.48 -68.39
C GLN B 744 -1.74 -23.30 -68.40
N ARG B 745 -1.69 -22.52 -69.48
CA ARG B 745 -2.58 -21.38 -69.64
C ARG B 745 -4.03 -21.82 -69.48
N GLN B 746 -4.37 -22.94 -70.12
CA GLN B 746 -5.70 -23.51 -70.08
C GLN B 746 -6.21 -23.67 -68.65
N ASN B 747 -5.30 -24.03 -67.74
CA ASN B 747 -5.66 -24.11 -66.34
C ASN B 747 -5.70 -22.73 -65.71
N SER B 748 -4.65 -21.94 -65.97
CA SER B 748 -4.52 -20.59 -65.44
C SER B 748 -5.79 -19.79 -65.65
N ASN B 749 -6.08 -19.49 -66.91
CA ASN B 749 -7.25 -18.71 -67.28
C ASN B 749 -8.57 -19.29 -66.76
N LEU B 750 -8.56 -20.57 -66.39
CA LEU B 750 -9.72 -21.16 -65.74
C LEU B 750 -9.81 -20.67 -64.30
N PHE B 751 -8.76 -20.91 -63.53
CA PHE B 751 -8.80 -20.57 -62.10
C PHE B 751 -8.86 -19.06 -61.89
N SER B 752 -8.16 -18.31 -62.74
CA SER B 752 -8.20 -16.86 -62.70
C SER B 752 -9.61 -16.37 -62.99
N LEU B 753 -10.37 -17.18 -63.71
CA LEU B 753 -11.78 -16.91 -63.91
C LEU B 753 -12.54 -17.42 -62.70
N LEU B 754 -12.16 -18.62 -62.26
CA LEU B 754 -12.90 -19.34 -61.21
C LEU B 754 -13.19 -18.50 -59.98
N PHE B 755 -12.15 -18.07 -59.28
CA PHE B 755 -12.39 -17.30 -58.07
C PHE B 755 -12.96 -15.91 -58.32
N LEU B 756 -12.86 -15.42 -59.57
CA LEU B 756 -13.51 -14.17 -59.91
C LEU B 756 -15.00 -14.39 -59.72
N ILE B 757 -15.48 -15.56 -60.15
CA ILE B 757 -16.87 -15.91 -59.94
C ILE B 757 -17.16 -15.93 -58.46
N LEU B 758 -16.22 -16.48 -57.68
CA LEU B 758 -16.38 -16.52 -56.23
C LEU B 758 -16.49 -15.09 -55.70
N GLY B 759 -15.75 -14.17 -56.31
CA GLY B 759 -15.82 -12.77 -55.97
C GLY B 759 -17.25 -12.26 -56.12
N ILE B 760 -17.88 -12.62 -57.24
CA ILE B 760 -19.27 -12.25 -57.47
C ILE B 760 -20.15 -12.82 -56.37
N ILE B 761 -19.86 -14.05 -55.95
CA ILE B 761 -20.60 -14.67 -54.86
C ILE B 761 -20.49 -13.81 -53.60
N SER B 762 -19.30 -13.26 -53.37
CA SER B 762 -19.07 -12.42 -52.21
C SER B 762 -19.97 -11.18 -52.27
N PHE B 763 -20.25 -10.69 -53.47
CA PHE B 763 -21.09 -9.51 -53.61
C PHE B 763 -22.56 -9.87 -53.46
N ILE B 764 -22.90 -11.14 -53.63
CA ILE B 764 -24.29 -11.53 -53.45
C ILE B 764 -24.62 -11.57 -51.96
N THR B 765 -23.79 -12.28 -51.22
CA THR B 765 -23.94 -12.40 -49.76
C THR B 765 -24.19 -11.05 -49.06
N PHE B 766 -23.27 -10.09 -49.21
CA PHE B 766 -23.43 -8.78 -48.57
C PHE B 766 -24.64 -7.98 -49.06
N PHE B 767 -25.18 -8.32 -50.23
CA PHE B 767 -26.37 -7.63 -50.71
C PHE B 767 -27.60 -8.29 -50.11
N LEU B 768 -27.44 -9.56 -49.74
CA LEU B 768 -28.50 -10.32 -49.11
C LEU B 768 -28.45 -10.10 -47.61
N GLN B 769 -27.24 -10.17 -47.06
CA GLN B 769 -27.01 -10.00 -45.62
C GLN B 769 -27.57 -8.68 -45.11
N GLY B 770 -27.38 -7.61 -45.90
CA GLY B 770 -27.88 -6.29 -45.54
C GLY B 770 -29.40 -6.19 -45.57
N PHE B 771 -30.03 -7.10 -46.30
CA PHE B 771 -31.49 -7.16 -46.32
C PHE B 771 -31.98 -8.07 -45.21
N THR B 772 -31.05 -8.79 -44.58
CA THR B 772 -31.42 -9.71 -43.50
C THR B 772 -31.10 -9.14 -42.12
N PHE B 773 -29.82 -9.16 -41.76
CA PHE B 773 -29.39 -8.67 -40.46
C PHE B 773 -29.39 -7.13 -40.41
N GLY B 774 -29.32 -6.50 -41.58
CA GLY B 774 -29.34 -5.05 -41.68
C GLY B 774 -30.65 -4.46 -41.24
N LYS B 775 -31.75 -4.94 -41.83
CA LYS B 775 -33.09 -4.46 -41.47
C LYS B 775 -33.48 -4.92 -40.07
N ALA B 776 -33.09 -6.14 -39.73
CA ALA B 776 -33.44 -6.76 -38.45
C ALA B 776 -33.22 -5.80 -37.29
N GLY B 777 -31.96 -5.54 -37.00
CA GLY B 777 -31.57 -4.67 -35.91
C GLY B 777 -32.14 -3.27 -36.01
N GLU B 778 -32.58 -2.88 -37.20
CA GLU B 778 -33.23 -1.58 -37.37
C GLU B 778 -34.65 -1.66 -36.84
N ILE B 779 -35.41 -2.65 -37.31
CA ILE B 779 -36.76 -2.86 -36.79
C ILE B 779 -36.65 -2.99 -35.29
N LEU B 780 -35.81 -3.94 -34.85
CA LEU B 780 -35.51 -4.16 -33.45
C LEU B 780 -35.26 -2.85 -32.72
N THR B 781 -34.51 -1.94 -33.33
CA THR B 781 -34.21 -0.67 -32.70
C THR B 781 -35.49 0.12 -32.47
N LYS B 782 -36.24 0.37 -33.54
CA LYS B 782 -37.45 1.19 -33.47
C LYS B 782 -38.34 0.61 -32.40
N ARG B 783 -38.77 -0.63 -32.63
CA ARG B 783 -39.59 -1.37 -31.67
C ARG B 783 -39.00 -1.27 -30.26
N LEU B 784 -37.69 -1.49 -30.12
CA LEU B 784 -37.07 -1.44 -28.80
C LEU B 784 -37.32 -0.08 -28.18
N ARG B 785 -36.96 0.96 -28.92
CA ARG B 785 -37.13 2.34 -28.46
C ARG B 785 -38.52 2.51 -27.90
N TYR B 786 -39.50 2.00 -28.64
CA TYR B 786 -40.89 2.15 -28.28
C TYR B 786 -41.07 1.66 -26.85
N MET B 787 -40.81 0.38 -26.62
CA MET B 787 -41.07 -0.18 -25.31
C MET B 787 -40.21 0.54 -24.28
N VAL B 788 -38.99 0.90 -24.66
CA VAL B 788 -38.10 1.61 -23.76
C VAL B 788 -38.83 2.84 -23.27
N PHE B 789 -39.28 3.64 -24.21
CA PHE B 789 -39.93 4.89 -23.88
C PHE B 789 -41.16 4.60 -23.03
N LYS B 790 -41.91 3.56 -23.41
CA LYS B 790 -43.14 3.23 -22.70
C LYS B 790 -42.80 2.92 -21.26
N SER B 791 -41.70 2.18 -21.07
CA SER B 791 -41.25 1.80 -19.75
C SER B 791 -40.93 3.06 -18.96
N MET B 792 -40.26 4.00 -19.63
CA MET B 792 -39.91 5.26 -19.00
C MET B 792 -41.17 5.98 -18.54
N LEU B 793 -42.25 5.85 -19.31
CA LEU B 793 -43.49 6.52 -18.96
C LEU B 793 -44.21 5.72 -17.88
N ARG B 794 -43.95 4.43 -17.84
CA ARG B 794 -44.60 3.58 -16.86
C ARG B 794 -44.04 3.88 -15.47
N GLN B 795 -42.76 4.22 -15.42
CA GLN B 795 -42.06 4.48 -14.17
C GLN B 795 -42.74 5.50 -13.26
N ASP B 796 -42.43 5.43 -11.97
CA ASP B 796 -42.97 6.36 -10.99
C ASP B 796 -42.17 7.64 -10.96
N VAL B 797 -42.54 8.54 -10.07
CA VAL B 797 -41.90 9.85 -10.00
C VAL B 797 -40.64 9.79 -9.14
N SER B 798 -40.57 8.81 -8.26
CA SER B 798 -39.39 8.64 -7.42
C SER B 798 -38.19 8.29 -8.28
N TRP B 799 -38.45 7.61 -9.39
CA TRP B 799 -37.40 7.21 -10.32
C TRP B 799 -36.80 8.42 -11.03
N PHE B 800 -37.64 9.40 -11.35
CA PHE B 800 -37.20 10.62 -12.02
C PHE B 800 -36.53 11.57 -11.05
N ASP B 801 -36.74 11.34 -9.76
CA ASP B 801 -36.10 12.14 -8.73
C ASP B 801 -34.71 11.61 -8.41
N ASP B 802 -34.39 10.42 -8.93
CA ASP B 802 -33.06 9.85 -8.77
C ASP B 802 -32.04 10.66 -9.55
N PRO B 803 -30.96 11.09 -8.87
CA PRO B 803 -29.94 11.96 -9.47
C PRO B 803 -29.24 11.37 -10.69
N LYS B 804 -29.43 10.08 -10.94
CA LYS B 804 -28.74 9.43 -12.06
C LYS B 804 -29.48 9.62 -13.38
N ASN B 805 -30.81 9.69 -13.31
CA ASN B 805 -31.62 9.85 -14.50
C ASN B 805 -31.87 11.32 -14.80
N THR B 806 -31.18 11.86 -15.80
CA THR B 806 -31.45 13.24 -16.22
C THR B 806 -32.18 13.24 -17.56
N THR B 807 -32.92 14.30 -17.83
CA THR B 807 -33.69 14.44 -19.07
C THR B 807 -32.79 14.31 -20.29
N GLY B 808 -31.49 14.54 -20.10
CA GLY B 808 -30.51 14.37 -21.15
C GLY B 808 -29.94 12.96 -21.20
N ALA B 809 -29.66 12.39 -20.03
CA ALA B 809 -29.08 11.04 -19.98
C ALA B 809 -30.09 10.02 -20.46
N LEU B 810 -31.35 10.27 -20.12
CA LEU B 810 -32.43 9.39 -20.54
C LEU B 810 -32.63 9.43 -22.04
N THR B 811 -32.69 10.63 -22.62
CA THR B 811 -32.89 10.76 -24.05
C THR B 811 -31.65 10.32 -24.81
N THR B 812 -30.53 10.25 -24.09
CA THR B 812 -29.28 9.70 -24.62
C THR B 812 -29.39 8.17 -24.66
N ARG B 813 -29.98 7.59 -23.62
CA ARG B 813 -30.20 6.15 -23.58
C ARG B 813 -31.21 5.76 -24.63
N LEU B 814 -32.11 6.69 -24.96
CA LEU B 814 -33.14 6.47 -25.95
C LEU B 814 -32.58 6.66 -27.35
N ALA B 815 -31.58 7.52 -27.48
CA ALA B 815 -30.96 7.81 -28.77
C ALA B 815 -29.94 6.74 -29.19
N ASN B 816 -28.83 6.67 -28.47
CA ASN B 816 -27.69 5.84 -28.87
C ASN B 816 -27.85 4.36 -28.53
N ASP B 817 -27.92 4.07 -27.23
CA ASP B 817 -27.90 2.69 -26.74
C ASP B 817 -29.01 1.83 -27.33
N ALA B 818 -30.09 2.47 -27.75
CA ALA B 818 -31.23 1.77 -28.31
C ALA B 818 -30.95 1.32 -29.74
N ALA B 819 -30.02 1.97 -30.41
CA ALA B 819 -29.63 1.58 -31.75
C ALA B 819 -28.47 0.59 -31.70
N GLN B 820 -27.69 0.65 -30.62
CA GLN B 820 -26.51 -0.20 -30.49
C GLN B 820 -26.87 -1.64 -30.15
N VAL B 821 -28.12 -1.87 -29.78
CA VAL B 821 -28.59 -3.20 -29.42
C VAL B 821 -28.38 -4.17 -30.58
N LYS B 822 -28.46 -3.65 -31.81
CA LYS B 822 -28.32 -4.48 -32.99
C LYS B 822 -26.93 -5.07 -33.08
N GLY B 823 -25.99 -4.44 -32.39
CA GLY B 823 -24.62 -4.93 -32.35
C GLY B 823 -24.52 -6.30 -31.70
N ALA B 824 -25.57 -6.71 -30.98
CA ALA B 824 -25.53 -7.98 -30.28
C ALA B 824 -26.37 -9.06 -30.95
N THR B 825 -27.36 -8.66 -31.72
CA THR B 825 -28.29 -9.62 -32.33
C THR B 825 -27.77 -10.20 -33.65
N GLY B 826 -28.07 -9.51 -34.75
CA GLY B 826 -27.72 -9.97 -36.07
C GLY B 826 -26.23 -10.10 -36.31
N SER B 827 -25.48 -9.03 -36.08
CA SER B 827 -24.05 -8.98 -36.39
C SER B 827 -23.24 -10.07 -35.71
N ARG B 828 -23.53 -10.33 -34.43
CA ARG B 828 -22.79 -11.33 -33.68
C ARG B 828 -23.03 -12.72 -34.26
N LEU B 829 -24.27 -12.99 -34.65
CA LEU B 829 -24.64 -14.24 -35.30
C LEU B 829 -23.93 -14.38 -36.65
N ALA B 830 -23.88 -13.28 -37.38
CA ALA B 830 -23.26 -13.26 -38.69
C ALA B 830 -21.78 -13.57 -38.59
N VAL B 831 -21.08 -12.85 -37.72
CA VAL B 831 -19.65 -13.06 -37.56
C VAL B 831 -19.31 -14.43 -36.99
N ILE B 832 -20.14 -14.91 -36.06
CA ILE B 832 -19.89 -16.23 -35.47
C ILE B 832 -20.10 -17.34 -36.52
N PHE B 833 -21.12 -17.19 -37.37
CA PHE B 833 -21.40 -18.18 -38.40
C PHE B 833 -20.36 -18.16 -39.51
N GLN B 834 -19.94 -16.96 -39.90
CA GLN B 834 -18.89 -16.83 -40.89
C GLN B 834 -17.60 -17.44 -40.36
N ASN B 835 -17.33 -17.24 -39.07
CA ASN B 835 -16.12 -17.78 -38.48
C ASN B 835 -16.11 -19.31 -38.33
N ILE B 836 -17.23 -19.87 -37.88
CA ILE B 836 -17.30 -21.32 -37.72
C ILE B 836 -17.40 -22.05 -39.07
N ALA B 837 -18.02 -21.39 -40.05
CA ALA B 837 -18.09 -21.96 -41.39
C ALA B 837 -16.72 -21.92 -42.04
N ASN B 838 -16.03 -20.78 -41.90
CA ASN B 838 -14.68 -20.63 -42.43
C ASN B 838 -13.72 -21.63 -41.82
N LEU B 839 -13.60 -21.60 -40.50
CA LEU B 839 -12.68 -22.48 -39.80
C LEU B 839 -13.05 -23.95 -40.01
N GLY B 840 -14.34 -24.22 -40.10
CA GLY B 840 -14.83 -25.58 -40.30
C GLY B 840 -14.47 -26.13 -41.67
N THR B 841 -14.95 -25.47 -42.72
CA THR B 841 -14.67 -25.88 -44.09
C THR B 841 -13.16 -25.96 -44.31
N GLY B 842 -12.44 -24.96 -43.80
CA GLY B 842 -10.99 -24.96 -43.88
C GLY B 842 -10.36 -26.17 -43.22
N ILE B 843 -10.83 -26.51 -42.02
CA ILE B 843 -10.23 -27.61 -41.26
C ILE B 843 -10.56 -28.98 -41.88
N ILE B 844 -11.77 -29.14 -42.42
CA ILE B 844 -12.13 -30.41 -43.06
C ILE B 844 -11.43 -30.58 -44.41
N ILE B 845 -11.36 -29.51 -45.19
CA ILE B 845 -10.66 -29.57 -46.47
C ILE B 845 -9.17 -29.83 -46.26
N SER B 846 -8.57 -29.12 -45.30
CA SER B 846 -7.16 -29.33 -44.98
C SER B 846 -6.93 -30.73 -44.39
N LEU B 847 -7.93 -31.26 -43.70
CA LEU B 847 -7.87 -32.64 -43.18
C LEU B 847 -7.96 -33.65 -44.32
N ILE B 848 -8.65 -33.28 -45.39
CA ILE B 848 -8.79 -34.16 -46.55
C ILE B 848 -7.54 -34.12 -47.43
N TYR B 849 -6.89 -32.96 -47.51
CA TYR B 849 -5.67 -32.83 -48.31
C TYR B 849 -4.39 -33.00 -47.49
N GLY B 850 -4.56 -33.34 -46.22
CA GLY B 850 -3.41 -33.54 -45.35
C GLY B 850 -3.78 -34.27 -44.08
N TRP B 851 -3.05 -35.33 -43.76
CA TRP B 851 -3.32 -36.08 -42.54
C TRP B 851 -2.35 -35.70 -41.44
N GLN B 852 -1.09 -36.03 -41.66
CA GLN B 852 -0.07 -35.75 -40.66
C GLN B 852 0.26 -34.26 -40.59
N LEU B 853 -0.16 -33.52 -41.62
CA LEU B 853 0.12 -32.09 -41.63
C LEU B 853 -1.00 -31.30 -40.95
N THR B 854 -2.24 -31.69 -41.22
CA THR B 854 -3.39 -31.00 -40.66
C THR B 854 -3.44 -31.18 -39.16
N LEU B 855 -2.98 -32.34 -38.69
CA LEU B 855 -2.93 -32.62 -37.26
C LEU B 855 -1.80 -31.85 -36.59
N LEU B 856 -0.89 -31.32 -37.39
CA LEU B 856 0.17 -30.45 -36.87
C LEU B 856 -0.30 -29.00 -36.86
N LEU B 857 -1.07 -28.61 -37.87
CA LEU B 857 -1.54 -27.24 -37.96
C LEU B 857 -2.70 -26.93 -37.00
N LEU B 858 -3.58 -27.92 -36.79
CA LEU B 858 -4.66 -27.75 -35.80
C LEU B 858 -4.10 -27.88 -34.38
N ALA B 859 -2.77 -28.01 -34.29
CA ALA B 859 -2.07 -27.97 -33.02
C ALA B 859 -1.34 -26.64 -32.88
N ILE B 860 -0.49 -26.33 -33.86
CA ILE B 860 0.30 -25.09 -33.86
C ILE B 860 -0.59 -23.85 -33.86
N VAL B 861 -1.49 -23.76 -34.83
CA VAL B 861 -2.31 -22.57 -35.05
C VAL B 861 -3.25 -22.17 -33.89
N PRO B 862 -3.97 -23.14 -33.29
CA PRO B 862 -4.79 -22.76 -32.14
C PRO B 862 -3.93 -22.26 -30.99
N ILE B 863 -2.70 -22.72 -30.93
CA ILE B 863 -1.78 -22.27 -29.89
C ILE B 863 -1.31 -20.84 -30.12
N ILE B 864 -1.11 -20.47 -31.39
CA ILE B 864 -0.82 -19.08 -31.74
C ILE B 864 -2.06 -18.22 -31.50
N ALA B 865 -3.23 -18.83 -31.61
CA ALA B 865 -4.49 -18.14 -31.35
C ALA B 865 -4.70 -17.91 -29.86
N ILE B 866 -4.31 -18.89 -29.05
CA ILE B 866 -4.41 -18.77 -27.60
C ILE B 866 -3.53 -17.63 -27.09
N ALA B 867 -2.30 -17.59 -27.57
CA ALA B 867 -1.38 -16.51 -27.23
C ALA B 867 -1.88 -15.18 -27.79
N GLY B 868 -2.70 -15.24 -28.83
CA GLY B 868 -3.34 -14.05 -29.37
C GLY B 868 -4.41 -13.54 -28.42
N VAL B 869 -4.85 -14.41 -27.52
CA VAL B 869 -5.82 -14.02 -26.49
C VAL B 869 -5.07 -13.54 -25.24
N VAL B 870 -4.00 -14.24 -24.89
CA VAL B 870 -3.16 -13.83 -23.77
C VAL B 870 -2.42 -12.54 -24.11
N GLU B 871 -2.31 -12.25 -25.40
CA GLU B 871 -1.76 -10.97 -25.87
C GLU B 871 -2.56 -9.81 -25.33
N MET B 872 -3.87 -9.82 -25.62
CA MET B 872 -4.75 -8.73 -25.22
C MET B 872 -5.36 -8.96 -23.85
N LYS B 873 -4.84 -9.94 -23.13
CA LYS B 873 -5.27 -10.21 -21.77
C LYS B 873 -4.31 -9.54 -20.79
N MET B 874 -3.01 -9.68 -21.05
CA MET B 874 -1.99 -9.02 -20.25
C MET B 874 -1.85 -7.57 -20.67
N LEU B 875 -2.32 -7.26 -21.88
CA LEU B 875 -2.29 -5.90 -22.40
C LEU B 875 -3.37 -5.05 -21.75
N SER B 876 -4.52 -5.65 -21.48
CA SER B 876 -5.63 -4.93 -20.87
C SER B 876 -5.69 -5.20 -19.36
N GLY B 877 -4.90 -6.17 -18.91
CA GLY B 877 -4.86 -6.52 -17.51
C GLY B 877 -3.96 -5.59 -16.71
N GLN B 878 -2.80 -5.26 -17.28
CA GLN B 878 -1.84 -4.39 -16.61
C GLN B 878 -2.12 -2.92 -16.88
N ALA B 879 -2.63 -2.62 -18.07
CA ALA B 879 -2.94 -1.25 -18.45
C ALA B 879 -4.02 -0.67 -17.55
N LEU B 880 -5.05 -1.47 -17.29
CA LEU B 880 -6.10 -1.08 -16.36
C LEU B 880 -5.57 -1.11 -14.93
N LYS B 881 -4.62 -2.01 -14.68
CA LYS B 881 -3.95 -2.10 -13.39
C LYS B 881 -3.09 -0.86 -13.16
N ASP B 882 -2.56 -0.32 -14.25
CA ASP B 882 -1.70 0.85 -14.19
C ASP B 882 -2.52 2.10 -13.86
N LYS B 883 -3.72 2.20 -14.43
CA LYS B 883 -4.59 3.34 -14.20
C LYS B 883 -5.14 3.31 -12.78
N LYS B 884 -5.41 2.12 -12.28
CA LYS B 884 -6.00 1.97 -10.96
C LYS B 884 -4.96 2.05 -9.86
N GLU B 885 -3.69 1.86 -10.22
CA GLU B 885 -2.60 2.05 -9.26
C GLU B 885 -2.11 3.48 -9.34
N LEU B 886 -2.71 4.24 -10.25
CA LEU B 886 -2.42 5.66 -10.40
C LEU B 886 -3.47 6.50 -9.70
N GLU B 887 -4.55 5.86 -9.25
CA GLU B 887 -5.64 6.56 -8.58
C GLU B 887 -5.17 7.16 -7.27
N GLY B 888 -4.08 6.63 -6.75
CA GLY B 888 -3.45 7.17 -5.57
C GLY B 888 -2.97 8.60 -5.81
N SER B 889 -2.71 8.92 -7.08
CA SER B 889 -2.33 10.26 -7.48
C SER B 889 -3.57 11.06 -7.90
N GLY B 890 -4.55 10.36 -8.46
CA GLY B 890 -5.77 10.98 -8.93
C GLY B 890 -6.59 11.58 -7.80
N LYS B 891 -6.66 10.88 -6.68
CA LYS B 891 -7.34 11.39 -5.50
C LYS B 891 -6.74 12.71 -5.03
N ILE B 892 -5.42 12.69 -4.84
CA ILE B 892 -4.68 13.87 -4.42
C ILE B 892 -4.95 15.04 -5.36
N ALA B 893 -4.77 14.77 -6.65
CA ALA B 893 -4.93 15.81 -7.67
C ALA B 893 -6.33 16.42 -7.67
N THR B 894 -7.35 15.57 -7.74
CA THR B 894 -8.73 16.04 -7.78
C THR B 894 -9.09 16.80 -6.50
N GLU B 895 -8.56 16.33 -5.37
CA GLU B 895 -8.81 16.98 -4.08
C GLU B 895 -8.21 18.38 -4.04
N ALA B 896 -6.99 18.49 -4.55
CA ALA B 896 -6.29 19.78 -4.58
C ALA B 896 -6.91 20.73 -5.58
N ILE B 897 -7.45 20.20 -6.66
CA ILE B 897 -8.08 21.00 -7.70
C ILE B 897 -9.45 21.53 -7.29
N GLU B 898 -10.35 20.63 -6.88
CA GLU B 898 -11.72 21.02 -6.54
C GLU B 898 -11.79 21.92 -5.32
N ASN B 899 -10.72 21.92 -4.53
CA ASN B 899 -10.66 22.76 -3.34
C ASN B 899 -9.58 23.85 -3.46
N PHE B 900 -9.18 24.13 -4.70
CA PHE B 900 -8.11 25.07 -4.99
C PHE B 900 -8.33 26.39 -4.26
N ARG B 901 -9.57 26.88 -4.29
CA ARG B 901 -9.93 28.15 -3.67
C ARG B 901 -9.64 28.18 -2.17
N THR B 902 -9.51 26.99 -1.59
CA THR B 902 -9.11 26.87 -0.19
C THR B 902 -7.62 26.65 -0.10
N VAL B 903 -7.10 25.84 -1.02
CA VAL B 903 -5.67 25.56 -1.09
C VAL B 903 -4.89 26.87 -1.27
N VAL B 904 -5.33 27.66 -2.24
CA VAL B 904 -4.69 28.93 -2.55
C VAL B 904 -4.96 29.97 -1.47
N SER B 905 -5.99 29.74 -0.66
CA SER B 905 -6.26 30.60 0.49
C SER B 905 -5.09 30.52 1.47
N LEU B 906 -4.60 29.31 1.70
CA LEU B 906 -3.32 29.13 2.37
C LEU B 906 -2.25 29.07 1.32
N THR B 907 -1.02 28.83 1.73
CA THR B 907 0.00 28.49 0.75
C THR B 907 0.20 27.00 0.89
N ARG B 908 -0.56 26.24 0.12
CA ARG B 908 -0.43 24.80 0.12
C ARG B 908 -0.48 24.25 -1.29
N GLU B 909 -0.13 25.09 -2.26
CA GLU B 909 0.01 24.68 -3.64
C GLU B 909 1.25 23.81 -3.75
N GLN B 910 2.35 24.32 -3.19
CA GLN B 910 3.64 23.64 -3.22
C GLN B 910 3.57 22.26 -2.54
N LYS B 911 2.95 22.21 -1.36
CA LYS B 911 2.84 20.96 -0.61
C LYS B 911 2.01 19.94 -1.39
N PHE B 912 1.02 20.43 -2.15
CA PHE B 912 0.20 19.55 -2.96
C PHE B 912 0.95 19.03 -4.19
N GLU B 913 1.80 19.88 -4.77
CA GLU B 913 2.62 19.45 -5.90
C GLU B 913 3.58 18.38 -5.42
N THR B 914 4.11 18.60 -4.22
CA THR B 914 5.04 17.66 -3.60
C THR B 914 4.36 16.33 -3.32
N MET B 915 3.17 16.35 -2.74
CA MET B 915 2.45 15.12 -2.45
C MET B 915 2.07 14.40 -3.75
N TYR B 916 1.80 15.16 -4.80
CA TYR B 916 1.49 14.60 -6.11
C TYR B 916 2.71 13.88 -6.68
N ALA B 917 3.86 14.55 -6.62
CA ALA B 917 5.10 13.97 -7.13
C ALA B 917 5.44 12.70 -6.36
N GLN B 918 5.28 12.75 -5.04
CA GLN B 918 5.54 11.58 -4.19
C GLN B 918 4.59 10.44 -4.48
N SER B 919 3.36 10.79 -4.87
CA SER B 919 2.39 9.77 -5.27
C SER B 919 2.80 9.14 -6.60
N LEU B 920 3.44 9.96 -7.44
CA LEU B 920 3.83 9.53 -8.78
C LEU B 920 5.10 8.68 -8.84
N GLN B 921 5.82 8.61 -7.73
CA GLN B 921 7.06 7.84 -7.68
C GLN B 921 6.82 6.37 -7.97
N ILE B 922 5.65 5.89 -7.58
CA ILE B 922 5.33 4.47 -7.70
C ILE B 922 5.02 4.02 -9.13
N PRO B 923 4.06 4.67 -9.83
CA PRO B 923 3.73 4.14 -11.17
C PRO B 923 4.78 4.46 -12.24
N TYR B 924 5.88 5.09 -11.86
CA TYR B 924 6.94 5.41 -12.80
C TYR B 924 8.17 4.54 -12.56
N ARG B 925 8.33 4.10 -11.31
CA ARG B 925 9.43 3.21 -10.95
C ARG B 925 9.22 1.84 -11.59
N ASN B 926 7.96 1.45 -11.73
CA ASN B 926 7.65 0.16 -12.33
C ASN B 926 7.43 0.28 -13.84
N ALA B 927 7.42 1.50 -14.35
CA ALA B 927 7.23 1.77 -15.77
C ALA B 927 8.33 1.15 -16.62
N MET B 928 9.51 0.98 -16.03
CA MET B 928 10.59 0.26 -16.68
C MET B 928 10.17 -1.19 -16.90
N LYS B 929 9.70 -1.82 -15.83
CA LYS B 929 9.20 -3.20 -15.87
C LYS B 929 7.99 -3.31 -16.81
N LYS B 930 7.17 -2.26 -16.81
CA LYS B 930 6.02 -2.17 -17.71
C LYS B 930 6.46 -2.24 -19.18
N ALA B 931 7.34 -1.31 -19.57
CA ALA B 931 7.88 -1.27 -20.92
C ALA B 931 8.47 -2.61 -21.30
N HIS B 932 9.32 -3.15 -20.42
CA HIS B 932 9.93 -4.45 -20.66
C HIS B 932 8.88 -5.52 -20.94
N VAL B 933 7.83 -5.52 -20.13
CA VAL B 933 6.73 -6.47 -20.32
C VAL B 933 6.10 -6.33 -21.71
N PHE B 934 5.76 -5.11 -22.09
CA PHE B 934 5.22 -4.85 -23.43
C PHE B 934 6.16 -5.38 -24.50
N GLY B 935 7.45 -5.16 -24.30
CA GLY B 935 8.48 -5.63 -25.21
C GLY B 935 8.43 -7.13 -25.40
N ILE B 936 8.64 -7.88 -24.32
CA ILE B 936 8.67 -9.33 -24.41
C ILE B 936 7.36 -9.94 -24.91
N THR B 937 6.24 -9.32 -24.57
CA THR B 937 4.96 -9.86 -25.03
C THR B 937 4.77 -9.64 -26.54
N PHE B 938 5.10 -8.44 -27.02
CA PHE B 938 4.98 -8.17 -28.44
C PHE B 938 5.93 -9.07 -29.24
N SER B 939 7.14 -9.25 -28.71
CA SER B 939 8.14 -10.11 -29.32
C SER B 939 7.68 -11.56 -29.41
N PHE B 940 7.29 -12.13 -28.27
CA PHE B 940 6.81 -13.51 -28.27
C PHE B 940 5.63 -13.66 -29.22
N THR B 941 4.79 -12.63 -29.30
CA THR B 941 3.68 -12.65 -30.21
C THR B 941 4.12 -12.79 -31.66
N GLN B 942 4.95 -11.86 -32.13
CA GLN B 942 5.35 -11.84 -33.55
C GLN B 942 6.25 -13.03 -33.95
N ALA B 943 7.34 -13.21 -33.19
CA ALA B 943 8.32 -14.23 -33.51
C ALA B 943 7.70 -15.63 -33.65
N MET B 944 6.64 -15.89 -32.88
CA MET B 944 5.99 -17.18 -32.90
C MET B 944 5.25 -17.40 -34.22
N MET B 945 4.62 -16.33 -34.70
CA MET B 945 4.01 -16.31 -36.02
C MET B 945 5.07 -16.61 -37.08
N TYR B 946 6.24 -16.00 -36.91
CA TYR B 946 7.33 -16.22 -37.87
C TYR B 946 7.87 -17.64 -37.82
N PHE B 947 7.75 -18.28 -36.65
CA PHE B 947 8.20 -19.66 -36.49
C PHE B 947 7.20 -20.64 -37.09
N SER B 948 5.93 -20.26 -37.10
CA SER B 948 4.89 -21.11 -37.71
C SER B 948 5.27 -21.53 -39.12
N TYR B 949 5.70 -20.56 -39.93
CA TYR B 949 6.13 -20.82 -41.31
C TYR B 949 7.27 -21.83 -41.35
N ALA B 950 8.28 -21.61 -40.51
CA ALA B 950 9.45 -22.47 -40.45
C ALA B 950 9.10 -23.91 -40.12
N ALA B 951 8.29 -24.10 -39.08
CA ALA B 951 7.90 -25.45 -38.67
C ALA B 951 7.05 -26.11 -39.75
N CYS B 952 6.01 -25.41 -40.17
CA CYS B 952 5.06 -25.94 -41.14
C CYS B 952 5.73 -26.33 -42.46
N PHE B 953 6.44 -25.40 -43.09
CA PHE B 953 7.02 -25.67 -44.40
C PHE B 953 8.13 -26.72 -44.39
N ARG B 954 8.91 -26.76 -43.31
CA ARG B 954 9.94 -27.79 -43.20
C ARG B 954 9.25 -29.14 -43.03
N PHE B 955 8.12 -29.13 -42.33
CA PHE B 955 7.36 -30.37 -42.13
C PHE B 955 6.73 -30.89 -43.41
N GLY B 956 6.04 -29.99 -44.12
CA GLY B 956 5.39 -30.32 -45.37
C GLY B 956 6.40 -30.77 -46.39
N ALA B 957 7.52 -30.06 -46.44
CA ALA B 957 8.63 -30.44 -47.30
C ALA B 957 9.05 -31.86 -46.94
N TYR B 958 9.36 -32.08 -45.65
CA TYR B 958 9.74 -33.39 -45.14
C TYR B 958 8.79 -34.50 -45.62
N LEU B 959 7.50 -34.17 -45.70
CA LEU B 959 6.52 -35.10 -46.25
C LEU B 959 6.78 -35.34 -47.73
N VAL B 960 6.63 -34.28 -48.53
CA VAL B 960 6.68 -34.38 -49.99
C VAL B 960 7.99 -34.98 -50.53
N THR B 961 9.10 -34.73 -49.84
CA THR B 961 10.38 -35.28 -50.25
C THR B 961 10.33 -36.78 -50.21
N GLN B 962 10.00 -37.30 -49.04
CA GLN B 962 9.97 -38.72 -48.83
C GLN B 962 8.82 -39.37 -49.58
N GLN B 963 7.63 -39.39 -48.99
CA GLN B 963 6.47 -40.02 -49.61
C GLN B 963 5.24 -39.12 -49.50
N LEU B 964 4.06 -39.73 -49.49
CA LEU B 964 2.80 -39.01 -49.34
C LEU B 964 2.56 -37.87 -50.36
N MET B 965 2.16 -36.71 -49.85
CA MET B 965 1.68 -35.61 -50.68
C MET B 965 2.15 -34.26 -50.09
N THR B 966 2.26 -33.20 -50.90
CA THR B 966 1.90 -33.19 -52.34
C THR B 966 2.94 -32.63 -53.34
N PHE B 967 3.41 -31.37 -53.22
CA PHE B 967 3.25 -30.45 -52.10
C PHE B 967 2.08 -29.47 -52.25
N GLU B 968 1.50 -29.40 -53.43
CA GLU B 968 0.39 -28.49 -53.74
C GLU B 968 -0.61 -28.44 -52.60
N ASN B 969 -1.12 -29.61 -52.23
CA ASN B 969 -2.16 -29.69 -51.22
C ASN B 969 -1.67 -29.39 -49.80
N VAL B 970 -0.36 -29.49 -49.59
CA VAL B 970 0.23 -29.06 -48.32
C VAL B 970 0.08 -27.54 -48.19
N LEU B 971 0.38 -26.83 -49.26
CA LEU B 971 0.14 -25.40 -49.30
C LEU B 971 -1.35 -25.10 -49.20
N LEU B 972 -2.17 -25.98 -49.76
CA LEU B 972 -3.62 -25.87 -49.58
C LEU B 972 -4.00 -25.90 -48.10
N VAL B 973 -3.41 -26.85 -47.37
CA VAL B 973 -3.69 -26.99 -45.94
C VAL B 973 -3.28 -25.75 -45.18
N PHE B 974 -2.02 -25.35 -45.38
CA PHE B 974 -1.48 -24.16 -44.73
C PHE B 974 -2.38 -22.96 -44.95
N SER B 975 -2.69 -22.72 -46.22
CA SER B 975 -3.53 -21.58 -46.59
C SER B 975 -4.93 -21.68 -45.98
N ALA B 976 -5.44 -22.91 -45.89
CA ALA B 976 -6.77 -23.15 -45.35
C ALA B 976 -6.86 -22.83 -43.87
N ILE B 977 -5.93 -23.36 -43.08
CA ILE B 977 -5.98 -23.17 -41.63
C ILE B 977 -5.48 -21.80 -41.18
N VAL B 978 -4.30 -21.40 -41.66
CA VAL B 978 -3.72 -20.12 -41.27
C VAL B 978 -4.66 -18.97 -41.59
N PHE B 979 -5.14 -18.92 -42.82
CA PHE B 979 -6.02 -17.83 -43.21
C PHE B 979 -7.46 -18.11 -42.80
N GLY B 980 -7.75 -19.35 -42.45
CA GLY B 980 -9.01 -19.68 -41.82
C GLY B 980 -9.07 -19.02 -40.44
N ALA B 981 -7.89 -18.86 -39.85
CA ALA B 981 -7.75 -18.19 -38.56
C ALA B 981 -7.63 -16.67 -38.71
N MET B 982 -6.94 -16.23 -39.75
CA MET B 982 -6.76 -14.80 -39.99
C MET B 982 -8.05 -14.12 -40.41
N ALA B 983 -8.84 -14.81 -41.23
CA ALA B 983 -10.12 -14.27 -41.68
C ALA B 983 -11.09 -14.16 -40.51
N VAL B 984 -10.86 -14.96 -39.47
CA VAL B 984 -11.65 -14.85 -38.24
C VAL B 984 -11.39 -13.50 -37.55
N GLY B 985 -10.13 -13.10 -37.49
CA GLY B 985 -9.76 -11.82 -36.94
C GLY B 985 -10.20 -10.66 -37.82
N GLN B 986 -10.22 -10.89 -39.12
CA GLN B 986 -10.70 -9.88 -40.07
C GLN B 986 -12.20 -9.67 -39.96
N VAL B 987 -12.92 -10.75 -39.67
CA VAL B 987 -14.38 -10.66 -39.52
C VAL B 987 -14.72 -10.12 -38.13
N SER B 988 -13.80 -10.33 -37.19
CA SER B 988 -13.95 -9.79 -35.85
C SER B 988 -14.05 -8.27 -35.84
N SER B 989 -13.46 -7.63 -36.86
CA SER B 989 -13.44 -6.16 -36.93
C SER B 989 -14.57 -5.60 -37.80
N PHE B 990 -15.52 -6.44 -38.17
CA PHE B 990 -16.67 -6.00 -38.94
C PHE B 990 -17.81 -5.57 -38.02
N ALA B 991 -18.23 -6.49 -37.16
CA ALA B 991 -19.28 -6.21 -36.18
C ALA B 991 -18.78 -5.27 -35.10
N PRO B 992 -19.65 -4.36 -34.63
CA PRO B 992 -19.31 -3.39 -33.58
C PRO B 992 -18.88 -4.07 -32.30
N ASP B 993 -18.43 -3.29 -31.32
CA ASP B 993 -17.95 -3.84 -30.05
C ASP B 993 -19.07 -4.53 -29.28
N TYR B 994 -18.91 -5.84 -29.08
CA TYR B 994 -19.93 -6.66 -28.42
C TYR B 994 -20.06 -6.30 -26.93
N ALA B 995 -18.98 -5.78 -26.35
CA ALA B 995 -19.00 -5.37 -24.95
C ALA B 995 -19.85 -4.12 -24.76
N LYS B 996 -19.54 -3.09 -25.55
CA LYS B 996 -20.27 -1.83 -25.54
C LYS B 996 -21.75 -2.07 -25.81
N ALA B 997 -22.02 -2.93 -26.78
CA ALA B 997 -23.38 -3.28 -27.18
C ALA B 997 -24.10 -4.06 -26.10
N THR B 998 -23.40 -4.97 -25.42
CA THR B 998 -23.99 -5.78 -24.36
C THR B 998 -24.36 -4.93 -23.16
N VAL B 999 -23.51 -3.97 -22.82
CA VAL B 999 -23.80 -3.07 -21.70
C VAL B 999 -24.98 -2.17 -22.06
N SER B 1000 -24.87 -1.53 -23.22
CA SER B 1000 -25.93 -0.66 -23.74
C SER B 1000 -27.23 -1.42 -23.92
N ALA B 1001 -27.15 -2.75 -23.95
CA ALA B 1001 -28.33 -3.59 -24.06
C ALA B 1001 -28.90 -3.95 -22.69
N SER B 1002 -28.02 -4.33 -21.76
CA SER B 1002 -28.46 -4.69 -20.41
C SER B 1002 -29.19 -3.52 -19.77
N HIS B 1003 -28.68 -2.31 -20.00
CA HIS B 1003 -29.38 -1.11 -19.55
C HIS B 1003 -30.83 -1.11 -20.02
N ILE B 1004 -31.00 -1.36 -21.32
CA ILE B 1004 -32.31 -1.40 -21.94
C ILE B 1004 -33.20 -2.48 -21.33
N ILE B 1005 -32.71 -3.72 -21.34
CA ILE B 1005 -33.44 -4.86 -20.82
C ILE B 1005 -33.94 -4.60 -19.40
N ARG B 1006 -33.07 -4.03 -18.57
CA ARG B 1006 -33.44 -3.70 -17.21
C ARG B 1006 -34.47 -2.58 -17.14
N ILE B 1007 -34.31 -1.56 -17.99
CA ILE B 1007 -35.25 -0.43 -17.95
C ILE B 1007 -36.67 -0.87 -18.35
N ILE B 1008 -36.77 -1.72 -19.38
CA ILE B 1008 -38.08 -2.17 -19.86
C ILE B 1008 -38.84 -3.00 -18.82
N GLU B 1009 -38.15 -3.94 -18.19
CA GLU B 1009 -38.78 -4.85 -17.25
C GLU B 1009 -38.95 -4.22 -15.87
N LYS B 1010 -38.56 -2.94 -15.76
CA LYS B 1010 -38.65 -2.23 -14.48
C LYS B 1010 -40.11 -1.99 -14.10
N THR B 1011 -40.52 -2.61 -12.99
CA THR B 1011 -41.88 -2.44 -12.49
C THR B 1011 -41.89 -1.52 -11.27
N PRO B 1012 -42.60 -0.40 -11.36
CA PRO B 1012 -42.54 0.68 -10.39
C PRO B 1012 -43.48 0.47 -9.21
N GLU B 1013 -43.40 1.34 -8.22
CA GLU B 1013 -44.32 1.32 -7.11
C GLU B 1013 -45.71 1.57 -7.66
N ILE B 1014 -45.95 2.81 -8.08
CA ILE B 1014 -47.20 3.18 -8.71
C ILE B 1014 -47.16 2.91 -10.21
N ASP B 1015 -48.15 2.18 -10.70
CA ASP B 1015 -48.24 1.87 -12.11
C ASP B 1015 -49.44 2.58 -12.70
N SER B 1016 -49.20 3.53 -13.59
CA SER B 1016 -50.28 4.34 -14.15
C SER B 1016 -51.05 3.62 -15.25
N TYR B 1017 -50.84 2.32 -15.37
CA TYR B 1017 -51.52 1.52 -16.38
C TYR B 1017 -52.49 0.53 -15.75
N SER B 1018 -52.26 0.19 -14.49
CA SER B 1018 -53.05 -0.85 -13.81
C SER B 1018 -54.52 -0.47 -13.67
N THR B 1019 -55.39 -1.33 -14.18
CA THR B 1019 -56.84 -1.14 -14.10
C THR B 1019 -57.58 -2.48 -14.13
N GLN B 1020 -58.29 -2.86 -13.05
CA GLN B 1020 -58.48 -2.13 -11.78
C GLN B 1020 -59.27 -0.81 -11.85
N GLY B 1021 -59.57 -0.26 -10.67
CA GLY B 1021 -60.47 0.86 -10.54
C GLY B 1021 -61.43 0.59 -9.40
N LEU B 1022 -62.35 1.53 -9.14
CA LEU B 1022 -63.29 1.35 -8.04
C LEU B 1022 -64.59 2.15 -8.14
N LYS B 1023 -64.55 3.44 -7.81
CA LYS B 1023 -65.78 4.23 -7.71
C LYS B 1023 -66.31 4.76 -9.05
N PRO B 1024 -67.56 4.39 -9.38
CA PRO B 1024 -68.25 4.82 -10.60
C PRO B 1024 -69.31 5.89 -10.35
N ASN B 1025 -69.65 6.17 -9.10
CA ASN B 1025 -70.74 7.10 -8.80
C ASN B 1025 -70.30 8.37 -8.08
N MET B 1026 -69.71 8.21 -6.90
CA MET B 1026 -69.42 9.33 -6.01
C MET B 1026 -68.43 10.33 -6.59
N LEU B 1027 -68.92 11.53 -6.89
CA LEU B 1027 -68.09 12.60 -7.44
C LEU B 1027 -67.79 13.62 -6.34
N GLU B 1028 -67.90 13.20 -5.09
CA GLU B 1028 -67.78 14.11 -3.95
C GLU B 1028 -66.43 14.82 -3.89
N GLY B 1029 -65.40 14.11 -3.46
CA GLY B 1029 -64.06 14.66 -3.42
C GLY B 1029 -63.73 15.32 -2.09
N ASN B 1030 -63.38 14.50 -1.10
CA ASN B 1030 -62.88 15.01 0.16
C ASN B 1030 -61.47 14.50 0.42
N VAL B 1031 -60.52 15.43 0.46
CA VAL B 1031 -59.13 15.07 0.69
C VAL B 1031 -58.85 15.03 2.19
N GLN B 1032 -58.29 13.91 2.66
CA GLN B 1032 -57.94 13.77 4.07
C GLN B 1032 -56.59 13.09 4.22
N PHE B 1033 -55.65 13.80 4.83
CA PHE B 1033 -54.36 13.22 5.20
C PHE B 1033 -54.34 12.93 6.70
N SER B 1034 -54.17 11.66 7.05
CA SER B 1034 -54.18 11.22 8.44
C SER B 1034 -52.89 10.47 8.81
N GLY B 1035 -52.07 11.12 9.63
CA GLY B 1035 -50.83 10.54 10.12
C GLY B 1035 -49.88 10.15 9.02
N VAL B 1036 -49.85 10.93 7.95
CA VAL B 1036 -49.05 10.61 6.78
C VAL B 1036 -47.58 11.00 6.92
N VAL B 1037 -46.74 10.00 7.18
CA VAL B 1037 -45.30 10.22 7.23
C VAL B 1037 -44.67 9.83 5.91
N PHE B 1038 -43.87 10.74 5.35
CA PHE B 1038 -43.19 10.47 4.09
C PHE B 1038 -41.74 10.91 4.09
N ASN B 1039 -40.91 10.18 3.37
CA ASN B 1039 -39.52 10.55 3.17
C ASN B 1039 -39.12 10.29 1.72
N TYR B 1040 -38.30 11.17 1.16
CA TYR B 1040 -37.91 11.06 -0.24
C TYR B 1040 -36.92 9.92 -0.50
N PRO B 1041 -37.27 9.01 -1.42
CA PRO B 1041 -36.49 7.80 -1.74
C PRO B 1041 -35.04 8.11 -2.11
N THR B 1042 -34.78 9.35 -2.50
CA THR B 1042 -33.43 9.78 -2.79
C THR B 1042 -32.76 10.30 -1.52
N ARG B 1043 -31.80 9.53 -1.03
CA ARG B 1043 -31.08 9.84 0.21
C ARG B 1043 -32.04 10.03 1.39
N PRO B 1044 -32.40 8.91 2.06
CA PRO B 1044 -33.34 8.96 3.17
C PRO B 1044 -32.72 9.55 4.43
N SER B 1045 -32.24 10.79 4.34
CA SER B 1045 -31.63 11.47 5.47
C SER B 1045 -32.70 12.13 6.32
N ILE B 1046 -33.17 13.29 5.87
CA ILE B 1046 -34.17 14.06 6.61
C ILE B 1046 -35.56 13.99 5.94
N PRO B 1047 -36.49 13.29 6.60
CA PRO B 1047 -37.89 13.23 6.13
C PRO B 1047 -38.59 14.58 6.26
N VAL B 1048 -39.40 14.92 5.27
CA VAL B 1048 -40.10 16.20 5.27
C VAL B 1048 -41.37 16.14 6.10
N LEU B 1049 -42.15 15.07 5.91
CA LEU B 1049 -43.39 14.89 6.65
C LEU B 1049 -43.17 13.94 7.82
N GLN B 1050 -43.46 14.39 9.03
CA GLN B 1050 -43.27 13.58 10.22
C GLN B 1050 -44.59 13.02 10.75
N GLY B 1051 -45.51 12.72 9.83
CA GLY B 1051 -46.81 12.19 10.20
C GLY B 1051 -47.83 13.28 10.48
N LEU B 1052 -47.59 14.45 9.91
CA LEU B 1052 -48.54 15.56 10.06
C LEU B 1052 -49.85 15.19 9.39
N SER B 1053 -50.89 15.95 9.68
CA SER B 1053 -52.21 15.63 9.16
C SER B 1053 -53.10 16.84 8.99
N LEU B 1054 -54.08 16.70 8.11
CA LEU B 1054 -55.01 17.78 7.79
C LEU B 1054 -56.08 17.21 6.89
N GLU B 1055 -57.03 18.04 6.47
CA GLU B 1055 -58.10 17.58 5.59
C GLU B 1055 -58.84 18.76 4.99
N VAL B 1056 -59.70 18.47 4.01
CA VAL B 1056 -60.49 19.51 3.37
C VAL B 1056 -61.72 18.91 2.70
N LYS B 1057 -62.87 19.53 2.94
CA LYS B 1057 -64.13 19.04 2.38
C LYS B 1057 -64.45 19.72 1.05
N LYS B 1058 -65.68 19.54 0.58
CA LYS B 1058 -66.08 20.05 -0.72
C LYS B 1058 -66.41 21.54 -0.67
N GLY B 1059 -66.06 22.26 -1.74
CA GLY B 1059 -66.35 23.67 -1.84
C GLY B 1059 -65.32 24.54 -1.14
N GLN B 1060 -64.90 24.14 0.05
CA GLN B 1060 -63.91 24.90 0.79
C GLN B 1060 -62.53 24.77 0.15
N THR B 1061 -61.64 25.71 0.47
CA THR B 1061 -60.30 25.72 -0.11
C THR B 1061 -59.24 25.88 0.97
N LEU B 1062 -58.42 24.85 1.15
CA LEU B 1062 -57.36 24.86 2.14
C LEU B 1062 -56.14 25.64 1.63
N ALA B 1063 -55.37 26.21 2.55
CA ALA B 1063 -54.11 26.87 2.19
C ALA B 1063 -52.98 26.28 3.01
N LEU B 1064 -51.78 26.31 2.46
CA LEU B 1064 -50.61 25.77 3.14
C LEU B 1064 -49.51 26.83 3.34
N VAL B 1065 -48.99 26.91 4.55
CA VAL B 1065 -47.96 27.89 4.88
C VAL B 1065 -46.86 27.32 5.77
N GLY B 1066 -45.62 27.71 5.49
CA GLY B 1066 -44.48 27.21 6.24
C GLY B 1066 -43.18 27.78 5.69
N SER B 1067 -42.09 27.05 5.91
CA SER B 1067 -40.78 27.50 5.43
C SER B 1067 -40.44 26.88 4.07
N SER B 1068 -40.11 27.74 3.11
CA SER B 1068 -39.72 27.32 1.77
C SER B 1068 -40.79 26.46 1.09
N GLY B 1069 -40.38 25.74 0.05
CA GLY B 1069 -41.29 24.85 -0.67
C GLY B 1069 -41.26 23.44 -0.10
N CYS B 1070 -40.95 23.34 1.19
CA CYS B 1070 -40.85 22.05 1.86
C CYS B 1070 -42.12 21.75 2.64
N GLY B 1071 -42.73 20.61 2.35
CA GLY B 1071 -43.97 20.21 3.01
C GLY B 1071 -45.19 20.69 2.27
N LYS B 1072 -45.09 21.87 1.68
CA LYS B 1072 -46.21 22.47 0.95
C LYS B 1072 -46.55 21.66 -0.30
N SER B 1073 -45.55 21.44 -1.15
CA SER B 1073 -45.76 20.76 -2.42
C SER B 1073 -45.87 19.25 -2.25
N THR B 1074 -45.35 18.74 -1.14
CA THR B 1074 -45.37 17.31 -0.88
C THR B 1074 -46.81 16.80 -0.75
N VAL B 1075 -47.68 17.65 -0.22
CA VAL B 1075 -49.10 17.33 -0.10
C VAL B 1075 -49.69 17.07 -1.48
N VAL B 1076 -49.47 18.05 -2.36
CA VAL B 1076 -49.89 17.97 -3.75
C VAL B 1076 -49.37 16.70 -4.38
N GLN B 1077 -48.09 16.41 -4.14
CA GLN B 1077 -47.44 15.22 -4.68
C GLN B 1077 -48.10 13.92 -4.23
N LEU B 1078 -48.49 13.86 -2.96
CA LEU B 1078 -49.12 12.66 -2.42
C LEU B 1078 -50.58 12.54 -2.85
N LEU B 1079 -51.22 13.66 -3.11
CA LEU B 1079 -52.59 13.64 -3.60
C LEU B 1079 -52.59 13.25 -5.07
N GLU B 1080 -51.56 13.69 -5.79
CA GLU B 1080 -51.36 13.30 -7.18
C GLU B 1080 -50.78 11.90 -7.27
N ARG B 1081 -50.50 11.33 -6.10
CA ARG B 1081 -49.88 10.01 -6.00
C ARG B 1081 -48.60 9.98 -6.82
N PHE B 1082 -47.59 10.74 -6.38
CA PHE B 1082 -46.28 10.68 -6.99
C PHE B 1082 -45.40 9.81 -6.12
N TYR B 1083 -45.81 9.65 -4.88
CA TYR B 1083 -45.07 8.80 -3.94
C TYR B 1083 -46.04 8.07 -3.02
N ASP B 1084 -45.55 6.99 -2.41
CA ASP B 1084 -46.27 6.34 -1.34
C ASP B 1084 -45.57 6.68 -0.03
N PRO B 1085 -46.33 7.22 0.93
CA PRO B 1085 -45.78 7.50 2.26
C PRO B 1085 -45.32 6.22 2.94
N MET B 1086 -44.32 6.32 3.81
CA MET B 1086 -43.77 5.15 4.49
C MET B 1086 -44.83 4.49 5.35
N ALA B 1087 -45.50 5.29 6.16
CA ALA B 1087 -46.62 4.82 6.96
C ALA B 1087 -47.72 5.86 6.94
N GLY B 1088 -48.86 5.54 7.54
CA GLY B 1088 -50.00 6.43 7.52
C GLY B 1088 -50.77 6.28 6.23
N SER B 1089 -51.94 6.91 6.17
CA SER B 1089 -52.82 6.75 5.03
C SER B 1089 -53.48 8.07 4.65
N VAL B 1090 -53.90 8.16 3.39
CA VAL B 1090 -54.61 9.33 2.91
C VAL B 1090 -55.95 8.96 2.27
N PHE B 1091 -57.02 9.28 2.97
CA PHE B 1091 -58.36 8.98 2.50
C PHE B 1091 -58.86 10.01 1.51
N LEU B 1092 -59.36 9.53 0.38
CA LEU B 1092 -60.16 10.35 -0.50
C LEU B 1092 -61.57 9.78 -0.50
N ASP B 1093 -62.55 10.61 -0.15
CA ASP B 1093 -63.93 10.17 0.05
C ASP B 1093 -64.00 8.99 1.02
N GLY B 1094 -63.16 9.01 2.05
CA GLY B 1094 -63.15 7.97 3.05
C GLY B 1094 -62.31 6.75 2.68
N LYS B 1095 -62.07 6.56 1.39
CA LYS B 1095 -61.28 5.42 0.93
C LYS B 1095 -59.81 5.77 0.79
N GLU B 1096 -58.94 4.84 1.15
CA GLU B 1096 -57.51 5.05 1.06
C GLU B 1096 -57.09 5.20 -0.39
N ILE B 1097 -56.08 6.03 -0.65
CA ILE B 1097 -55.61 6.27 -2.01
C ILE B 1097 -54.96 5.02 -2.61
N LYS B 1098 -54.29 4.22 -1.78
CA LYS B 1098 -53.64 3.00 -2.26
C LYS B 1098 -54.64 2.03 -2.89
N GLN B 1099 -55.89 2.10 -2.45
CA GLN B 1099 -56.94 1.27 -3.04
C GLN B 1099 -57.47 1.87 -4.34
N LEU B 1100 -57.38 3.19 -4.46
CA LEU B 1100 -57.84 3.87 -5.69
C LEU B 1100 -57.09 3.37 -6.91
N ASN B 1101 -57.69 3.55 -8.08
CA ASN B 1101 -56.96 3.34 -9.32
C ASN B 1101 -56.02 4.50 -9.56
N VAL B 1102 -54.74 4.19 -9.76
CA VAL B 1102 -53.71 5.21 -9.88
C VAL B 1102 -54.01 6.22 -11.00
N GLN B 1103 -54.56 5.72 -12.11
CA GLN B 1103 -54.85 6.58 -13.25
C GLN B 1103 -56.10 7.42 -13.04
N TRP B 1104 -57.09 6.86 -12.34
CA TRP B 1104 -58.38 7.52 -12.13
C TRP B 1104 -58.29 8.69 -11.15
N LEU B 1105 -57.36 8.58 -10.21
CA LEU B 1105 -57.16 9.62 -9.20
C LEU B 1105 -56.65 10.92 -9.83
N ARG B 1106 -55.67 10.79 -10.71
CA ARG B 1106 -55.08 11.94 -11.37
C ARG B 1106 -55.96 12.42 -12.51
N ALA B 1107 -56.88 11.56 -12.94
CA ALA B 1107 -57.78 11.88 -14.05
C ALA B 1107 -58.65 13.10 -13.75
N GLN B 1108 -59.12 13.19 -12.50
CA GLN B 1108 -59.88 14.35 -12.05
C GLN B 1108 -59.08 15.13 -11.02
N LEU B 1109 -57.86 15.49 -11.38
CA LEU B 1109 -57.00 16.21 -10.46
C LEU B 1109 -56.34 17.40 -11.17
N GLY B 1110 -56.94 18.57 -11.06
CA GLY B 1110 -56.38 19.78 -11.61
C GLY B 1110 -55.14 20.20 -10.85
N ILE B 1111 -54.10 20.59 -11.57
CA ILE B 1111 -52.82 20.94 -10.96
C ILE B 1111 -52.19 22.13 -11.68
N VAL B 1112 -51.51 22.98 -10.91
CA VAL B 1112 -50.78 24.12 -11.46
C VAL B 1112 -49.43 24.25 -10.74
N SER B 1113 -48.34 24.34 -11.50
CA SER B 1113 -46.99 24.42 -10.92
C SER B 1113 -46.42 25.84 -10.91
N GLN B 1114 -45.38 26.07 -10.10
CA GLN B 1114 -44.76 27.38 -9.98
C GLN B 1114 -44.18 27.86 -11.30
N GLU B 1115 -43.69 26.92 -12.10
CA GLU B 1115 -43.18 27.22 -13.43
C GLU B 1115 -43.85 26.31 -14.45
N PRO B 1116 -44.97 26.78 -15.01
CA PRO B 1116 -45.77 25.97 -15.95
C PRO B 1116 -44.96 25.69 -17.20
N ILE B 1117 -45.02 24.46 -17.68
CA ILE B 1117 -44.28 24.06 -18.87
C ILE B 1117 -45.23 23.60 -19.97
N LEU B 1118 -44.97 24.04 -21.20
CA LEU B 1118 -45.83 23.71 -22.33
C LEU B 1118 -45.14 22.74 -23.29
N PHE B 1119 -45.90 22.23 -24.25
CA PHE B 1119 -45.35 21.33 -25.24
C PHE B 1119 -45.24 22.04 -26.60
N ASP B 1120 -44.24 21.68 -27.38
CA ASP B 1120 -44.04 22.27 -28.69
C ASP B 1120 -45.18 21.89 -29.64
N CYS B 1121 -46.31 22.56 -29.48
CA CYS B 1121 -47.48 22.31 -30.32
C CYS B 1121 -48.46 23.46 -30.21
N SER B 1122 -49.64 23.27 -30.80
CA SER B 1122 -50.66 24.31 -30.85
C SER B 1122 -51.22 24.62 -29.47
N ILE B 1123 -51.92 25.73 -29.36
CA ILE B 1123 -52.59 26.09 -28.12
C ILE B 1123 -53.74 25.14 -27.84
N ALA B 1124 -54.54 24.86 -28.87
CA ALA B 1124 -55.66 23.93 -28.74
C ALA B 1124 -55.20 22.59 -28.19
N GLU B 1125 -54.05 22.13 -28.67
CA GLU B 1125 -53.49 20.87 -28.20
C GLU B 1125 -53.01 20.97 -26.76
N ASN B 1126 -52.45 22.12 -26.39
CA ASN B 1126 -52.03 22.35 -25.01
C ASN B 1126 -53.21 22.30 -24.05
N ILE B 1127 -54.32 22.88 -24.48
CA ILE B 1127 -55.54 22.96 -23.68
C ILE B 1127 -56.21 21.60 -23.55
N ALA B 1128 -56.44 20.94 -24.69
CA ALA B 1128 -57.11 19.63 -24.68
C ALA B 1128 -56.20 18.51 -24.18
N TYR B 1129 -54.93 18.83 -23.94
CA TYR B 1129 -53.98 17.87 -23.39
C TYR B 1129 -54.33 17.54 -21.94
N GLY B 1130 -55.07 18.46 -21.31
CA GLY B 1130 -55.50 18.28 -19.95
C GLY B 1130 -56.34 17.05 -19.76
N ASP B 1131 -57.38 16.91 -20.59
CA ASP B 1131 -58.23 15.73 -20.57
C ASP B 1131 -57.97 14.83 -21.76
N ASN B 1132 -57.23 13.75 -21.53
CA ASN B 1132 -56.98 12.77 -22.57
C ASN B 1132 -57.97 11.63 -22.48
N SER B 1133 -57.72 10.56 -23.23
CA SER B 1133 -58.64 9.41 -23.29
C SER B 1133 -60.05 9.84 -23.71
N ARG B 1134 -60.13 10.95 -24.43
CA ARG B 1134 -61.40 11.48 -24.91
C ARG B 1134 -61.14 12.45 -26.05
N VAL B 1135 -61.88 12.28 -27.13
CA VAL B 1135 -61.69 13.04 -28.35
C VAL B 1135 -61.92 14.55 -28.17
N VAL B 1136 -62.46 14.92 -27.01
CA VAL B 1136 -62.74 16.31 -26.66
C VAL B 1136 -63.55 17.04 -27.76
N SER B 1137 -63.67 18.35 -27.64
CA SER B 1137 -64.39 19.14 -28.63
C SER B 1137 -63.83 20.55 -28.70
N TYR B 1138 -64.47 21.41 -29.48
CA TYR B 1138 -64.06 22.79 -29.58
C TYR B 1138 -64.85 23.63 -28.59
N GLU B 1139 -66.10 23.25 -28.39
CA GLU B 1139 -66.96 23.90 -27.41
C GLU B 1139 -66.39 23.78 -26.01
N GLU B 1140 -65.76 22.64 -25.74
CA GLU B 1140 -65.15 22.38 -24.44
C GLU B 1140 -63.94 23.27 -24.25
N ILE B 1141 -63.06 23.28 -25.24
CA ILE B 1141 -61.83 24.07 -25.19
C ILE B 1141 -62.11 25.56 -25.10
N VAL B 1142 -63.15 26.02 -25.78
CA VAL B 1142 -63.55 27.42 -25.68
C VAL B 1142 -64.26 27.67 -24.33
N ARG B 1143 -64.93 26.65 -23.79
CA ARG B 1143 -65.58 26.77 -22.48
C ARG B 1143 -64.53 26.98 -21.39
N ALA B 1144 -63.39 26.32 -21.53
CA ALA B 1144 -62.29 26.46 -20.58
C ALA B 1144 -61.48 27.72 -20.85
N ALA B 1145 -61.41 28.12 -22.12
CA ALA B 1145 -60.66 29.30 -22.51
C ALA B 1145 -61.34 30.59 -22.08
N LYS B 1146 -62.67 30.61 -22.10
CA LYS B 1146 -63.41 31.80 -21.70
C LYS B 1146 -63.57 31.90 -20.18
N GLU B 1147 -63.22 30.83 -19.48
CA GLU B 1147 -63.23 30.83 -18.02
C GLU B 1147 -61.83 31.08 -17.49
N ALA B 1148 -60.84 30.91 -18.37
CA ALA B 1148 -59.45 31.22 -18.05
C ALA B 1148 -59.10 32.60 -18.60
N ASN B 1149 -60.11 33.30 -19.10
CA ASN B 1149 -59.97 34.66 -19.63
C ASN B 1149 -58.95 34.79 -20.75
N ILE B 1150 -58.64 33.69 -21.42
CA ILE B 1150 -57.66 33.71 -22.50
C ILE B 1150 -58.34 33.68 -23.86
N HIS B 1151 -59.67 33.87 -23.85
CA HIS B 1151 -60.44 33.86 -25.08
C HIS B 1151 -60.26 35.17 -25.85
N GLN B 1152 -59.88 36.21 -25.12
CA GLN B 1152 -59.59 37.52 -25.72
C GLN B 1152 -58.23 37.54 -26.39
N PHE B 1153 -57.36 36.64 -25.95
CA PHE B 1153 -55.97 36.63 -26.42
C PHE B 1153 -55.76 35.73 -27.63
N ILE B 1154 -56.70 34.82 -27.85
CA ILE B 1154 -56.57 33.86 -28.94
C ILE B 1154 -57.08 34.41 -30.28
N ASP B 1155 -58.20 35.13 -30.25
CA ASP B 1155 -58.78 35.71 -31.46
C ASP B 1155 -57.91 36.85 -31.97
N SER B 1156 -57.39 37.64 -31.04
CA SER B 1156 -56.59 38.80 -31.38
C SER B 1156 -55.21 38.40 -31.86
N LEU B 1157 -54.80 37.18 -31.55
CA LEU B 1157 -53.51 36.67 -31.99
C LEU B 1157 -53.68 36.09 -33.40
N PRO B 1158 -52.64 36.22 -34.25
CA PRO B 1158 -52.61 35.65 -35.60
C PRO B 1158 -53.15 34.24 -35.67
N ASP B 1159 -53.92 33.96 -36.72
CA ASP B 1159 -54.71 32.73 -36.82
C ASP B 1159 -55.68 32.66 -35.64
N LYS B 1160 -55.80 31.47 -35.05
CA LYS B 1160 -56.68 31.29 -33.91
C LYS B 1160 -56.03 30.35 -32.91
N TYR B 1161 -56.23 29.07 -33.11
CA TYR B 1161 -55.60 28.05 -32.28
C TYR B 1161 -54.39 27.48 -33.00
N ASN B 1162 -54.17 27.90 -34.24
CA ASN B 1162 -53.10 27.37 -35.07
C ASN B 1162 -51.70 27.85 -34.67
N THR B 1163 -51.63 28.60 -33.57
CA THR B 1163 -50.38 29.21 -33.15
C THR B 1163 -49.47 28.26 -32.38
N ARG B 1164 -48.18 28.29 -32.72
CA ARG B 1164 -47.20 27.38 -32.15
C ARG B 1164 -46.53 27.95 -30.90
N VAL B 1165 -46.84 27.39 -29.74
CA VAL B 1165 -46.21 27.80 -28.49
C VAL B 1165 -45.62 26.61 -27.76
N GLY B 1166 -44.29 26.60 -27.59
CA GLY B 1166 -43.45 27.68 -28.08
C GLY B 1166 -42.04 27.23 -28.43
N ASP B 1167 -41.38 28.02 -29.27
CA ASP B 1167 -40.02 27.72 -29.72
C ASP B 1167 -38.96 28.43 -28.87
N LYS B 1168 -38.11 27.64 -28.22
CA LYS B 1168 -37.05 28.15 -27.35
C LYS B 1168 -37.53 28.85 -26.09
N GLY B 1169 -38.81 29.19 -26.03
CA GLY B 1169 -39.39 29.84 -24.88
C GLY B 1169 -39.11 31.33 -24.84
N THR B 1170 -39.43 32.02 -25.93
CA THR B 1170 -39.21 33.46 -26.02
C THR B 1170 -40.53 34.20 -26.08
N GLN B 1171 -41.43 33.72 -26.93
CA GLN B 1171 -42.76 34.31 -27.03
C GLN B 1171 -43.66 33.78 -25.90
N LEU B 1172 -44.58 34.63 -25.45
CA LEU B 1172 -45.49 34.32 -24.34
C LEU B 1172 -44.74 34.07 -23.04
N SER B 1173 -44.50 35.14 -22.29
CA SER B 1173 -43.83 35.03 -21.00
C SER B 1173 -44.72 34.33 -19.99
N GLY B 1174 -44.17 34.05 -18.81
CA GLY B 1174 -44.86 33.30 -17.77
C GLY B 1174 -46.20 33.86 -17.36
N GLY B 1175 -46.41 35.15 -17.60
CA GLY B 1175 -47.66 35.81 -17.29
C GLY B 1175 -48.83 35.21 -18.06
N GLN B 1176 -48.74 35.27 -19.38
CA GLN B 1176 -49.75 34.68 -20.24
C GLN B 1176 -49.68 33.16 -20.14
N LYS B 1177 -48.45 32.66 -20.09
CA LYS B 1177 -48.16 31.23 -20.12
C LYS B 1177 -48.82 30.48 -18.98
N GLN B 1178 -48.91 31.11 -17.82
CA GLN B 1178 -49.56 30.51 -16.67
C GLN B 1178 -51.07 30.40 -16.85
N ARG B 1179 -51.67 31.42 -17.47
CA ARG B 1179 -53.11 31.47 -17.68
C ARG B 1179 -53.58 30.35 -18.61
N ILE B 1180 -52.63 29.71 -19.30
CA ILE B 1180 -52.91 28.59 -20.16
C ILE B 1180 -53.08 27.31 -19.34
N ALA B 1181 -52.19 27.12 -18.36
CA ALA B 1181 -52.22 25.92 -17.51
C ALA B 1181 -53.55 25.78 -16.78
N ILE B 1182 -54.18 26.92 -16.53
CA ILE B 1182 -55.51 26.96 -15.91
C ILE B 1182 -56.55 26.36 -16.84
N ALA B 1183 -56.55 26.82 -18.08
CA ALA B 1183 -57.48 26.32 -19.10
C ALA B 1183 -57.24 24.84 -19.34
N ARG B 1184 -55.98 24.44 -19.24
CA ARG B 1184 -55.59 23.03 -19.35
C ARG B 1184 -56.24 22.21 -18.25
N ALA B 1185 -56.06 22.65 -17.00
CA ALA B 1185 -56.56 21.92 -15.85
C ALA B 1185 -58.07 22.05 -15.69
N LEU B 1186 -58.68 22.92 -16.50
CA LEU B 1186 -60.11 23.21 -16.37
C LEU B 1186 -60.98 22.43 -17.36
N VAL B 1187 -60.34 21.84 -18.36
CA VAL B 1187 -61.07 21.07 -19.36
C VAL B 1187 -61.63 19.77 -18.78
N ARG B 1188 -60.84 19.13 -17.91
CA ARG B 1188 -61.27 17.88 -17.27
C ARG B 1188 -62.37 18.13 -16.24
N GLN B 1189 -62.61 19.39 -15.92
CA GLN B 1189 -63.58 19.78 -14.89
C GLN B 1189 -63.34 19.01 -13.59
N PRO B 1190 -62.17 19.22 -12.97
CA PRO B 1190 -61.76 18.42 -11.82
C PRO B 1190 -62.50 18.87 -10.56
N HIS B 1191 -62.75 17.91 -9.67
CA HIS B 1191 -63.39 18.21 -8.40
C HIS B 1191 -62.36 18.63 -7.37
N ILE B 1192 -61.08 18.52 -7.75
CA ILE B 1192 -59.97 18.92 -6.89
C ILE B 1192 -58.90 19.67 -7.66
N LEU B 1193 -58.66 20.92 -7.26
CA LEU B 1193 -57.64 21.77 -7.87
C LEU B 1193 -56.46 21.97 -6.94
N LEU B 1194 -55.26 21.94 -7.49
CA LEU B 1194 -54.06 22.12 -6.67
C LEU B 1194 -53.22 23.28 -7.20
N LEU B 1195 -53.17 24.37 -6.44
CA LEU B 1195 -52.43 25.56 -6.84
C LEU B 1195 -51.12 25.66 -6.06
N ASP B 1196 -50.01 25.67 -6.78
CA ASP B 1196 -48.69 25.72 -6.15
C ASP B 1196 -47.87 26.91 -6.63
N GLU B 1197 -47.98 28.02 -5.91
CA GLU B 1197 -47.16 29.20 -6.16
C GLU B 1197 -47.31 29.75 -7.57
N ALA B 1198 -48.55 29.85 -8.04
CA ALA B 1198 -48.84 30.35 -9.38
C ALA B 1198 -48.45 31.82 -9.53
N THR B 1199 -48.94 32.66 -8.62
CA THR B 1199 -48.62 34.07 -8.65
C THR B 1199 -47.46 34.39 -7.70
N SER B 1200 -46.56 33.42 -7.54
CA SER B 1200 -45.42 33.60 -6.66
C SER B 1200 -44.15 33.90 -7.47
N ALA B 1201 -44.03 33.29 -8.63
CA ALA B 1201 -42.91 33.56 -9.52
C ALA B 1201 -43.30 34.59 -10.57
N LEU B 1202 -44.53 35.08 -10.46
CA LEU B 1202 -45.09 36.02 -11.42
C LEU B 1202 -44.83 37.46 -11.00
N ASP B 1203 -44.80 38.37 -11.98
CA ASP B 1203 -44.53 39.78 -11.70
C ASP B 1203 -45.53 40.70 -12.38
N THR B 1204 -45.13 41.97 -12.57
CA THR B 1204 -45.97 43.04 -13.12
C THR B 1204 -47.44 43.04 -12.64
N GLU B 1205 -48.36 43.41 -13.53
CA GLU B 1205 -49.76 43.49 -13.17
C GLU B 1205 -50.51 42.23 -13.58
N SER B 1206 -49.75 41.21 -13.99
CA SER B 1206 -50.33 39.99 -14.53
C SER B 1206 -51.08 39.16 -13.49
N GLU B 1207 -50.53 39.06 -12.29
CA GLU B 1207 -51.12 38.21 -11.25
C GLU B 1207 -52.56 38.58 -10.91
N LYS B 1208 -52.91 39.85 -11.13
CA LYS B 1208 -54.26 40.32 -10.90
C LYS B 1208 -55.25 39.60 -11.81
N VAL B 1209 -55.10 39.82 -13.12
CA VAL B 1209 -55.96 39.16 -14.11
C VAL B 1209 -55.79 37.64 -14.07
N VAL B 1210 -54.63 37.18 -13.61
CA VAL B 1210 -54.40 35.74 -13.47
C VAL B 1210 -55.30 35.13 -12.40
N GLN B 1211 -55.15 35.59 -11.16
CA GLN B 1211 -55.93 35.02 -10.06
C GLN B 1211 -57.41 35.38 -10.18
N GLU B 1212 -57.70 36.42 -10.97
CA GLU B 1212 -59.07 36.88 -11.17
C GLU B 1212 -59.95 35.83 -11.86
N ALA B 1213 -59.31 34.86 -12.51
CA ALA B 1213 -60.04 33.78 -13.14
C ALA B 1213 -59.93 32.48 -12.36
N LEU B 1214 -59.10 32.48 -11.32
CA LEU B 1214 -58.95 31.31 -10.47
C LEU B 1214 -60.18 31.12 -9.58
N ASP B 1215 -60.66 32.22 -9.00
CA ASP B 1215 -61.77 32.19 -8.04
C ASP B 1215 -63.09 31.69 -8.63
N LYS B 1216 -63.42 32.14 -9.84
CA LYS B 1216 -64.67 31.73 -10.48
C LYS B 1216 -64.63 30.27 -10.89
N ALA B 1217 -63.42 29.74 -11.09
CA ALA B 1217 -63.25 28.33 -11.43
C ALA B 1217 -62.86 27.55 -10.18
N ARG B 1218 -62.94 28.21 -9.03
CA ARG B 1218 -62.67 27.57 -7.74
C ARG B 1218 -63.97 27.24 -7.03
N GLU B 1219 -65.05 27.91 -7.43
CA GLU B 1219 -66.35 27.71 -6.80
C GLU B 1219 -66.88 26.31 -7.03
N GLY B 1220 -67.33 25.67 -5.96
CA GLY B 1220 -67.86 24.32 -6.03
C GLY B 1220 -66.76 23.30 -6.29
N ARG B 1221 -65.52 23.69 -6.04
CA ARG B 1221 -64.37 22.81 -6.22
C ARG B 1221 -63.44 22.84 -5.02
N THR B 1222 -63.08 21.66 -4.53
CA THR B 1222 -62.09 21.53 -3.48
C THR B 1222 -60.75 22.02 -4.01
N CYS B 1223 -60.08 22.88 -3.24
CA CYS B 1223 -58.82 23.45 -3.69
C CYS B 1223 -57.76 23.44 -2.59
N ILE B 1224 -56.50 23.33 -2.97
CA ILE B 1224 -55.39 23.43 -2.02
C ILE B 1224 -54.35 24.40 -2.53
N VAL B 1225 -54.40 25.63 -2.00
CA VAL B 1225 -53.50 26.69 -2.46
C VAL B 1225 -52.23 26.79 -1.64
N ILE B 1226 -51.10 26.92 -2.33
CA ILE B 1226 -49.82 27.19 -1.71
C ILE B 1226 -49.25 28.48 -2.30
N ALA B 1227 -49.20 29.53 -1.48
CA ALA B 1227 -48.66 30.80 -1.95
C ALA B 1227 -47.83 31.46 -0.86
N HIS B 1228 -46.66 31.97 -1.25
CA HIS B 1228 -45.81 32.65 -0.29
C HIS B 1228 -46.15 34.14 -0.25
N ARG B 1229 -47.17 34.54 -1.00
CA ARG B 1229 -47.58 35.94 -1.06
C ARG B 1229 -48.29 36.36 0.22
N LEU B 1230 -48.97 35.39 0.85
CA LEU B 1230 -49.63 35.58 2.14
C LEU B 1230 -50.80 36.57 2.16
N SER B 1231 -50.96 37.34 1.08
CA SER B 1231 -52.00 38.36 1.02
C SER B 1231 -53.36 37.76 0.67
N THR B 1232 -53.37 36.82 -0.26
CA THR B 1232 -54.61 36.21 -0.73
C THR B 1232 -54.99 34.97 0.07
N ILE B 1233 -54.22 34.70 1.12
CA ILE B 1233 -54.47 33.53 1.97
C ILE B 1233 -55.52 33.86 3.02
N GLN B 1234 -55.76 35.15 3.23
CA GLN B 1234 -56.74 35.60 4.22
C GLN B 1234 -58.17 35.37 3.74
N ASN B 1235 -58.30 34.82 2.53
CA ASN B 1235 -59.58 34.51 1.93
C ASN B 1235 -59.86 33.01 2.03
N ALA B 1236 -58.84 32.26 2.41
CA ALA B 1236 -58.93 30.80 2.47
C ALA B 1236 -59.82 30.34 3.62
N ASP B 1237 -60.56 29.27 3.38
CA ASP B 1237 -61.43 28.70 4.40
C ASP B 1237 -60.63 28.13 5.58
N LEU B 1238 -59.66 27.28 5.28
CA LEU B 1238 -58.79 26.74 6.32
C LEU B 1238 -57.34 26.99 5.96
N ILE B 1239 -56.57 27.48 6.91
CA ILE B 1239 -55.14 27.70 6.73
C ILE B 1239 -54.38 26.80 7.68
N VAL B 1240 -53.41 26.07 7.15
CA VAL B 1240 -52.63 25.15 7.97
C VAL B 1240 -51.14 25.50 7.96
N VAL B 1241 -50.62 25.88 9.12
CA VAL B 1241 -49.20 26.15 9.28
C VAL B 1241 -48.45 24.85 9.45
N ILE B 1242 -47.48 24.61 8.57
CA ILE B 1242 -46.69 23.39 8.63
C ILE B 1242 -45.24 23.75 8.92
N GLN B 1243 -44.69 23.14 9.96
CA GLN B 1243 -43.30 23.39 10.35
C GLN B 1243 -42.74 22.21 11.12
N ASN B 1244 -41.44 21.98 10.97
CA ASN B 1244 -40.75 20.86 11.61
C ASN B 1244 -41.39 19.51 11.30
N GLY B 1245 -42.07 19.42 10.15
CA GLY B 1245 -42.70 18.19 9.73
C GLY B 1245 -44.08 17.95 10.29
N LYS B 1246 -44.60 18.91 11.05
CA LYS B 1246 -45.92 18.75 11.63
C LYS B 1246 -46.77 20.01 11.59
N VAL B 1247 -48.04 19.87 11.94
CA VAL B 1247 -48.98 20.98 11.98
C VAL B 1247 -49.14 21.47 13.41
N LYS B 1248 -48.51 22.60 13.74
CA LYS B 1248 -48.59 23.13 15.10
C LYS B 1248 -49.75 24.12 15.25
N GLU B 1249 -50.31 24.54 14.13
CA GLU B 1249 -51.42 25.49 14.16
C GLU B 1249 -52.42 25.23 13.04
N HIS B 1250 -53.71 25.44 13.34
CA HIS B 1250 -54.75 25.22 12.35
C HIS B 1250 -56.02 26.00 12.71
N GLY B 1251 -56.70 26.50 11.68
CA GLY B 1251 -57.93 27.26 11.87
C GLY B 1251 -58.05 28.36 10.84
N THR B 1252 -58.99 29.28 11.06
CA THR B 1252 -59.23 30.36 10.11
C THR B 1252 -58.22 31.49 10.25
N HIS B 1253 -58.41 32.54 9.46
CA HIS B 1253 -57.52 33.68 9.43
C HIS B 1253 -57.53 34.42 10.76
N GLN B 1254 -58.73 34.69 11.27
CA GLN B 1254 -58.89 35.46 12.50
C GLN B 1254 -58.61 34.64 13.76
N GLN B 1255 -58.79 33.33 13.70
CA GLN B 1255 -58.51 32.48 14.84
C GLN B 1255 -57.00 32.42 15.07
N LEU B 1256 -56.27 32.35 13.97
CA LEU B 1256 -54.80 32.35 14.01
C LEU B 1256 -54.26 33.75 14.27
N LEU B 1257 -55.01 34.76 13.85
CA LEU B 1257 -54.61 36.14 14.09
C LEU B 1257 -54.79 36.46 15.57
N ALA B 1258 -55.80 35.86 16.17
CA ALA B 1258 -56.09 36.07 17.59
C ALA B 1258 -55.27 35.14 18.47
N GLN B 1259 -54.79 34.05 17.89
CA GLN B 1259 -54.03 33.05 18.63
C GLN B 1259 -52.61 33.54 18.95
N LYS B 1260 -52.14 34.53 18.18
CA LYS B 1260 -50.84 35.14 18.41
C LYS B 1260 -49.70 34.12 18.41
N GLY B 1261 -49.50 33.46 17.28
CA GLY B 1261 -48.49 32.42 17.18
C GLY B 1261 -47.38 32.69 16.19
N ILE B 1262 -46.97 31.66 15.46
CA ILE B 1262 -45.93 31.78 14.45
C ILE B 1262 -46.51 32.37 13.16
N TYR B 1263 -47.81 32.15 12.96
CA TYR B 1263 -48.53 32.69 11.81
C TYR B 1263 -48.58 34.20 11.91
N PHE B 1264 -48.75 34.70 13.13
CA PHE B 1264 -48.74 36.14 13.37
C PHE B 1264 -47.32 36.69 13.25
N SER B 1265 -46.34 35.82 13.49
CA SER B 1265 -44.93 36.20 13.40
C SER B 1265 -44.46 36.29 11.96
N MET B 1266 -45.12 35.55 11.07
CA MET B 1266 -44.73 35.54 9.66
C MET B 1266 -45.48 36.57 8.81
N VAL B 1267 -46.65 36.98 9.28
CA VAL B 1267 -47.42 37.99 8.56
C VAL B 1267 -47.03 39.40 9.01
N SER B 1268 -46.19 39.48 10.03
CA SER B 1268 -45.77 40.77 10.56
C SER B 1268 -44.49 41.28 9.89
N VAL B 1269 -43.81 40.40 9.15
CA VAL B 1269 -42.55 40.74 8.53
C VAL B 1269 -42.77 41.26 7.10
N GLN B 1270 -44.02 41.54 6.76
CA GLN B 1270 -44.36 42.03 5.43
C GLN B 1270 -43.90 43.47 5.23
N ALA B 1271 -43.74 44.20 6.34
CA ALA B 1271 -43.25 45.58 6.32
C ALA B 1271 -44.18 46.50 5.54
SE1 0JZ C . -3.68 -29.24 40.27
SE2 0JZ C . -9.60 -22.56 40.46
SE3 0JZ C . -11.39 -30.14 44.34
C01 0JZ C . -8.89 -30.02 43.40
C02 0JZ C . -7.51 -30.26 42.81
N03 0JZ C . -6.31 -29.74 43.51
C04 0JZ C . -4.95 -29.90 43.03
C05 0JZ C . -4.74 -28.98 41.84
C07 0JZ C . -4.16 -27.50 39.59
C08 0JZ C . -5.04 -26.94 40.56
C09 0JZ C . -5.63 -25.53 40.39
N10 0JZ C . -6.26 -24.86 41.54
C11 0JZ C . -6.80 -23.50 41.42
C12 0JZ C . -8.30 -23.55 41.48
C14 0JZ C . -11.09 -23.36 41.35
C15 0JZ C . -10.48 -24.27 42.30
C16 0JZ C . -11.25 -25.15 43.26
N17 0JZ C . -10.46 -26.17 43.89
C18 0JZ C . -10.90 -27.15 44.86
C19 0JZ C . -10.46 -28.49 44.36
C21 0JZ C . -9.90 -31.04 43.54
N22 0JZ C . -9.22 -28.74 43.83
N23 0JZ C . -9.07 -24.32 42.34
N24 0JZ C . -5.31 -27.71 41.74
O25 0JZ C . -7.41 -30.87 41.77
O26 0JZ C . -5.59 -24.97 39.30
O27 0JZ C . -12.43 -24.98 43.46
C28 0JZ C . -3.89 -29.71 44.14
C29 0JZ C . -4.02 -30.68 45.33
C30 0JZ C . -3.75 -28.29 44.63
C31 0JZ C . -6.14 -22.63 42.50
C32 0JZ C . -4.64 -22.63 42.30
C33 0JZ C . -6.52 -23.05 43.89
C34 0JZ C . -10.18 -26.83 46.18
C35 0JZ C . -10.21 -25.39 46.65
C36 0JZ C . -10.26 -27.91 47.26
SE1 0JZ D . -6.95 -15.77 -47.79
SE2 0JZ D . 0.13 -11.18 -44.79
SE3 0JZ D . 0.64 -19.64 -48.94
C01 0JZ D . -1.69 -18.40 -49.41
C02 0JZ D . -3.10 -18.01 -49.81
N03 0JZ D . -3.48 -16.61 -49.66
C04 0JZ D . -4.77 -16.03 -50.02
C05 0JZ D . -5.37 -15.39 -48.77
C07 0JZ D . -6.60 -14.35 -46.50
C08 0JZ D . -5.38 -13.77 -46.94
C09 0JZ D . -4.62 -12.59 -46.30
N10 0JZ D . -3.35 -12.20 -46.95
C11 0JZ D . -2.47 -11.11 -46.53
C12 0JZ D . -1.19 -11.78 -46.07
C14 0JZ D . 1.19 -12.76 -45.02
C15 0JZ D . 0.47 -13.57 -46.00
C16 0JZ D . 1.03 -14.93 -46.40
N17 0JZ D . 0.90 -15.55 -47.70
C18 0JZ D . 1.47 -16.88 -47.87
C19 0JZ D . 0.45 -17.80 -48.49
C21 0JZ D . -1.15 -19.71 -49.59
N22 0JZ D . -0.84 -17.46 -48.86
N23 0JZ D . -0.74 -13.03 -46.48
N24 0JZ D . -4.77 -14.32 -48.11
O25 0JZ D . -3.88 -18.84 -50.21
O26 0JZ D . -5.07 -11.99 -45.33
O27 0JZ D . 1.62 -15.56 -45.53
C28 0JZ D . -4.55 -14.97 -51.18
C29 0JZ D . -4.11 -15.60 -52.49
C30 0JZ D . -3.60 -13.85 -50.82
C31 0JZ D . -2.26 -10.11 -47.69
C32 0JZ D . -3.56 -9.80 -48.39
C33 0JZ D . -1.21 -10.54 -48.64
C34 0JZ D . 2.77 -16.80 -48.65
C35 0JZ D . 2.73 -15.69 -49.66
C36 0JZ D . 4.04 -16.78 -47.76
#